data_5U9B
#
_entry.id   5U9B
#
loop_
_entity.id
_entity.type
_entity.pdbx_description
1 polymer 'Muscleblind-like protein 1'
2 polymer "RNA (5'-R(P*GP*UP*CP*UP*CP*GP*CP*UP*UP*UP*UP*CP*CP*CP*C)-3')"
3 non-polymer 'ZINC ION'
#
loop_
_entity_poly.entity_id
_entity_poly.type
_entity_poly.pdbx_seq_one_letter_code
_entity_poly.pdbx_strand_id
1 'polypeptide(L)'
;MAVSVTPIRDTKWLTLEVCREFQRGTCSRPDTECKFAHPSKSCQVENGRVIACFDSLKGRCSRENCKYLHPPPHLKTQLE
INGRNNLIQQKN
;
A
2 'polyribonucleotide' GUCUCGCUUUUCCCC B
#
# COMPACT_ATOMS: atom_id res chain seq x y z
N MET A 1 -21.30 0.81 -23.28
CA MET A 1 -21.35 1.22 -24.69
C MET A 1 -20.49 2.46 -24.98
N ALA A 2 -19.99 3.13 -23.93
CA ALA A 2 -19.17 4.35 -24.00
C ALA A 2 -18.04 4.37 -22.95
N VAL A 3 -17.72 3.22 -22.33
CA VAL A 3 -16.68 3.04 -21.30
C VAL A 3 -15.88 1.75 -21.53
N SER A 4 -14.71 1.64 -20.89
CA SER A 4 -13.82 0.48 -20.96
C SER A 4 -13.05 0.27 -19.65
N VAL A 5 -12.59 -0.96 -19.41
CA VAL A 5 -11.89 -1.38 -18.18
C VAL A 5 -10.72 -2.32 -18.47
N THR A 6 -9.68 -2.24 -17.64
CA THR A 6 -8.45 -3.04 -17.71
C THR A 6 -8.77 -4.55 -17.51
N PRO A 7 -8.20 -5.47 -18.32
CA PRO A 7 -8.43 -6.93 -18.19
C PRO A 7 -8.23 -7.50 -16.78
N ILE A 8 -7.29 -6.92 -16.02
CA ILE A 8 -6.89 -7.29 -14.66
C ILE A 8 -7.10 -6.14 -13.66
N ARG A 9 -7.17 -6.48 -12.36
CA ARG A 9 -7.30 -5.53 -11.24
C ARG A 9 -6.10 -4.59 -11.19
N ASP A 10 -6.34 -3.28 -11.09
CA ASP A 10 -5.29 -2.27 -11.02
C ASP A 10 -4.67 -2.18 -9.61
N THR A 11 -3.50 -2.80 -9.40
CA THR A 11 -2.79 -2.77 -8.11
C THR A 11 -2.19 -1.40 -7.76
N LYS A 12 -2.05 -0.50 -8.76
CA LYS A 12 -1.47 0.85 -8.60
C LYS A 12 -2.19 1.71 -7.54
N TRP A 13 -3.49 1.50 -7.34
CA TRP A 13 -4.26 2.23 -6.32
C TRP A 13 -4.10 1.63 -4.90
N LEU A 14 -3.53 0.42 -4.77
CA LEU A 14 -3.25 -0.27 -3.50
C LEU A 14 -1.76 -0.30 -3.13
N THR A 15 -0.83 -0.02 -4.06
CA THR A 15 0.61 -0.02 -3.77
C THR A 15 1.10 1.26 -3.08
N LEU A 16 2.15 1.12 -2.26
CA LEU A 16 2.89 2.20 -1.59
C LEU A 16 4.39 2.02 -1.82
N GLU A 17 5.11 3.15 -1.89
CA GLU A 17 6.55 3.20 -2.18
C GLU A 17 7.42 2.92 -0.95
N VAL A 18 8.48 2.13 -1.17
CA VAL A 18 9.50 1.77 -0.18
C VAL A 18 10.54 2.90 -0.10
N CYS A 19 10.99 3.23 1.10
CA CYS A 19 11.98 4.30 1.33
C CYS A 19 13.29 4.04 0.54
N ARG A 20 13.78 5.08 -0.15
CA ARG A 20 15.00 5.04 -0.97
C ARG A 20 16.24 4.75 -0.12
N GLU A 21 16.32 5.30 1.09
CA GLU A 21 17.42 5.10 2.03
C GLU A 21 17.33 3.76 2.78
N PHE A 22 16.12 3.22 3.00
CA PHE A 22 15.94 1.90 3.62
C PHE A 22 16.54 0.79 2.74
N GLN A 23 16.32 0.88 1.42
CA GLN A 23 16.88 -0.03 0.41
C GLN A 23 18.43 0.07 0.29
N ARG A 24 19.03 1.14 0.82
CA ARG A 24 20.49 1.40 0.86
C ARG A 24 21.10 1.18 2.25
N GLY A 25 20.29 0.91 3.27
CA GLY A 25 20.72 0.72 4.66
C GLY A 25 21.19 2.02 5.34
N THR A 26 20.65 3.17 4.93
CA THR A 26 21.04 4.51 5.43
C THR A 26 19.93 5.30 6.13
N CYS A 27 18.68 4.84 6.10
CA CYS A 27 17.55 5.49 6.79
C CYS A 27 17.66 5.34 8.32
N SER A 28 17.13 6.31 9.08
CA SER A 28 17.15 6.35 10.55
C SER A 28 15.82 6.86 11.15
N ARG A 29 14.72 6.17 10.84
CA ARG A 29 13.36 6.42 11.36
C ARG A 29 12.52 5.11 11.33
N PRO A 30 11.56 4.93 12.25
CA PRO A 30 10.64 3.80 12.21
C PRO A 30 9.64 4.00 11.06
N ASP A 31 9.00 2.92 10.60
CA ASP A 31 7.96 2.95 9.55
C ASP A 31 6.84 3.97 9.86
N THR A 32 6.56 4.17 11.15
CA THR A 32 5.55 5.09 11.71
C THR A 32 5.86 6.57 11.53
N GLU A 33 7.14 6.96 11.33
CA GLU A 33 7.58 8.35 11.25
C GLU A 33 8.24 8.73 9.91
N CYS A 34 8.71 7.74 9.13
CA CYS A 34 9.31 8.02 7.82
C CYS A 34 8.25 8.42 6.77
N LYS A 35 8.70 9.07 5.69
CA LYS A 35 7.89 9.54 4.55
C LYS A 35 7.41 8.40 3.64
N PHE A 36 8.07 7.25 3.70
CA PHE A 36 7.83 6.06 2.88
C PHE A 36 7.77 4.77 3.72
N ALA A 37 7.55 3.61 3.07
CA ALA A 37 7.37 2.34 3.74
C ALA A 37 8.68 1.55 3.98
N HIS A 38 8.75 0.83 5.10
CA HIS A 38 9.86 -0.02 5.53
C HIS A 38 9.38 -1.49 5.69
N PRO A 39 9.16 -2.24 4.58
CA PRO A 39 8.67 -3.61 4.60
C PRO A 39 9.68 -4.64 5.16
N SER A 40 9.17 -5.82 5.47
CA SER A 40 9.93 -6.97 5.99
C SER A 40 10.25 -7.99 4.90
N LYS A 41 11.07 -8.99 5.23
CA LYS A 41 11.41 -10.11 4.33
C LYS A 41 10.19 -10.97 3.94
N SER A 42 9.10 -10.89 4.71
CA SER A 42 7.83 -11.60 4.48
C SER A 42 6.85 -10.83 3.60
N CYS A 43 7.04 -9.53 3.38
CA CYS A 43 6.19 -8.72 2.51
C CYS A 43 6.42 -9.02 1.02
N GLN A 44 5.39 -8.87 0.19
CA GLN A 44 5.46 -9.07 -1.28
C GLN A 44 6.10 -7.86 -2.01
N VAL A 45 7.27 -7.42 -1.56
CA VAL A 45 8.02 -6.26 -2.10
C VAL A 45 8.47 -6.53 -3.55
N GLU A 46 8.28 -5.56 -4.43
CA GLU A 46 8.68 -5.64 -5.85
C GLU A 46 8.96 -4.24 -6.42
N ASN A 47 10.06 -4.08 -7.18
CA ASN A 47 10.49 -2.85 -7.84
C ASN A 47 10.36 -1.55 -6.99
N GLY A 48 10.65 -1.63 -5.68
CA GLY A 48 10.56 -0.49 -4.75
C GLY A 48 9.13 -0.12 -4.31
N ARG A 49 8.17 -1.04 -4.45
CA ARG A 49 6.75 -0.91 -4.10
C ARG A 49 6.25 -2.15 -3.34
N VAL A 50 5.13 -2.02 -2.63
CA VAL A 50 4.45 -3.14 -1.95
C VAL A 50 2.95 -2.88 -1.99
N ILE A 51 2.14 -3.92 -2.22
CA ILE A 51 0.68 -3.80 -2.14
C ILE A 51 0.32 -3.73 -0.64
N ALA A 52 -0.47 -2.74 -0.23
CA ALA A 52 -0.89 -2.56 1.16
C ALA A 52 -2.20 -3.33 1.47
N CYS A 53 -2.35 -3.77 2.73
CA CYS A 53 -3.50 -4.54 3.22
C CYS A 53 -4.79 -3.69 3.23
N PHE A 54 -5.75 -4.01 2.35
CA PHE A 54 -7.05 -3.34 2.20
C PHE A 54 -7.79 -3.25 3.55
N ASP A 55 -7.86 -4.36 4.27
CA ASP A 55 -8.53 -4.40 5.57
C ASP A 55 -7.86 -3.46 6.59
N SER A 56 -6.53 -3.38 6.62
CA SER A 56 -5.78 -2.44 7.46
C SER A 56 -5.98 -0.99 7.01
N LEU A 57 -5.98 -0.73 5.69
CA LEU A 57 -6.23 0.59 5.10
C LEU A 57 -7.61 1.16 5.48
N LYS A 58 -8.62 0.29 5.66
CA LYS A 58 -9.96 0.63 6.14
C LYS A 58 -10.05 0.73 7.68
N GLY A 59 -8.94 0.50 8.39
CA GLY A 59 -8.80 0.61 9.85
C GLY A 59 -9.09 -0.65 10.68
N ARG A 60 -9.29 -1.82 10.05
CA ARG A 60 -9.54 -3.08 10.76
C ARG A 60 -9.13 -4.31 9.93
N CYS A 61 -7.88 -4.73 10.09
CA CYS A 61 -7.32 -5.92 9.45
C CYS A 61 -8.19 -7.16 9.76
N SER A 62 -8.32 -8.08 8.79
CA SER A 62 -9.15 -9.30 8.89
C SER A 62 -8.33 -10.60 8.75
N ARG A 63 -7.01 -10.52 8.96
CA ARG A 63 -6.06 -11.63 8.99
C ARG A 63 -5.19 -11.56 10.26
N GLU A 64 -4.27 -12.51 10.43
CA GLU A 64 -3.35 -12.60 11.57
C GLU A 64 -1.85 -12.65 11.16
N ASN A 65 -1.58 -12.94 9.88
CA ASN A 65 -0.23 -13.03 9.30
C ASN A 65 -0.29 -12.83 7.76
N CYS A 66 -0.84 -11.69 7.31
CA CYS A 66 -1.01 -11.38 5.89
C CYS A 66 0.29 -10.89 5.22
N LYS A 67 0.43 -11.21 3.92
CA LYS A 67 1.61 -10.96 3.08
C LYS A 67 1.79 -9.51 2.57
N TYR A 68 0.80 -8.65 2.80
CA TYR A 68 0.79 -7.25 2.35
C TYR A 68 1.41 -6.29 3.40
N LEU A 69 1.64 -5.04 3.00
CA LEU A 69 2.23 -3.98 3.84
C LEU A 69 1.16 -3.29 4.70
N HIS A 70 1.47 -3.07 5.98
CA HIS A 70 0.64 -2.28 6.90
C HIS A 70 1.32 -0.89 7.06
N PRO A 71 0.79 0.18 6.43
CA PRO A 71 1.36 1.52 6.53
C PRO A 71 0.77 2.31 7.73
N PRO A 72 1.43 3.40 8.19
CA PRO A 72 0.93 4.25 9.28
C PRO A 72 -0.29 5.09 8.83
N PRO A 73 -1.12 5.60 9.77
CA PRO A 73 -2.33 6.40 9.47
C PRO A 73 -2.18 7.49 8.40
N HIS A 74 -1.07 8.25 8.38
CA HIS A 74 -0.84 9.29 7.36
C HIS A 74 -0.72 8.69 5.95
N LEU A 75 0.00 7.58 5.79
CA LEU A 75 0.10 6.87 4.50
C LEU A 75 -1.21 6.12 4.17
N LYS A 76 -1.95 5.60 5.17
CA LYS A 76 -3.29 5.00 4.94
C LYS A 76 -4.22 6.05 4.31
N THR A 77 -4.18 7.27 4.84
CA THR A 77 -4.97 8.41 4.32
C THR A 77 -4.56 8.78 2.89
N GLN A 78 -3.26 8.86 2.59
CA GLN A 78 -2.78 9.15 1.23
C GLN A 78 -3.23 8.05 0.24
N LEU A 79 -3.20 6.79 0.66
CA LEU A 79 -3.65 5.66 -0.14
C LEU A 79 -5.17 5.74 -0.38
N GLU A 80 -5.99 6.02 0.64
CA GLU A 80 -7.43 6.18 0.46
C GLU A 80 -7.77 7.37 -0.46
N ILE A 81 -7.00 8.47 -0.40
CA ILE A 81 -7.19 9.61 -1.33
C ILE A 81 -6.91 9.16 -2.78
N ASN A 82 -5.87 8.36 -3.00
CA ASN A 82 -5.56 7.78 -4.32
C ASN A 82 -6.69 6.86 -4.80
N GLY A 83 -7.27 6.05 -3.91
CA GLY A 83 -8.41 5.17 -4.22
C GLY A 83 -9.66 5.99 -4.56
N ARG A 84 -10.05 6.94 -3.70
CA ARG A 84 -11.18 7.86 -3.87
C ARG A 84 -11.16 8.64 -5.17
N ASN A 85 -9.98 9.07 -5.65
CA ASN A 85 -9.87 9.76 -6.95
C ASN A 85 -10.45 8.94 -8.13
N ASN A 86 -10.41 7.61 -8.07
CA ASN A 86 -11.01 6.73 -9.08
C ASN A 86 -12.54 6.66 -8.91
N LEU A 87 -13.04 6.63 -7.67
CA LEU A 87 -14.50 6.67 -7.38
C LEU A 87 -15.09 8.02 -7.84
N ILE A 88 -14.37 9.12 -7.61
CA ILE A 88 -14.72 10.48 -8.06
C ILE A 88 -14.58 10.61 -9.59
N GLN A 89 -13.69 9.79 -10.18
CA GLN A 89 -13.34 9.74 -11.60
C GLN A 89 -12.95 11.14 -12.14
N GLN A 90 -12.12 11.86 -11.38
CA GLN A 90 -11.66 13.23 -11.67
C GLN A 90 -11.09 13.42 -13.09
N LYS A 91 -10.44 12.38 -13.65
CA LYS A 91 -9.88 12.36 -15.02
C LYS A 91 -10.95 12.44 -16.13
N ASN A 92 -12.20 12.07 -15.81
CA ASN A 92 -13.36 12.07 -16.70
C ASN A 92 -14.64 12.39 -15.93
N MET A 1 -28.95 0.86 -12.14
CA MET A 1 -29.76 0.07 -13.07
C MET A 1 -28.99 -0.34 -14.35
N ALA A 2 -27.88 0.36 -14.64
CA ALA A 2 -27.01 0.15 -15.81
C ALA A 2 -25.50 0.25 -15.46
N VAL A 3 -25.15 0.26 -14.17
CA VAL A 3 -23.76 0.33 -13.67
C VAL A 3 -22.93 -0.91 -14.04
N SER A 4 -21.60 -0.77 -14.07
CA SER A 4 -20.64 -1.84 -14.38
C SER A 4 -19.26 -1.55 -13.74
N VAL A 5 -18.37 -2.55 -13.74
CA VAL A 5 -16.99 -2.50 -13.20
C VAL A 5 -16.01 -3.29 -14.07
N THR A 6 -14.71 -3.00 -13.96
CA THR A 6 -13.64 -3.68 -14.71
C THR A 6 -13.58 -5.19 -14.37
N PRO A 7 -13.45 -6.11 -15.35
CA PRO A 7 -13.37 -7.56 -15.11
C PRO A 7 -12.31 -8.02 -14.10
N ILE A 8 -11.19 -7.31 -14.03
CA ILE A 8 -10.04 -7.56 -13.13
C ILE A 8 -9.76 -6.39 -12.19
N ARG A 9 -9.06 -6.68 -11.09
CA ARG A 9 -8.63 -5.73 -10.04
C ARG A 9 -7.40 -4.93 -10.48
N ASP A 10 -7.01 -3.90 -9.70
CA ASP A 10 -5.86 -3.03 -10.00
C ASP A 10 -5.09 -2.63 -8.72
N THR A 11 -3.98 -3.29 -8.44
CA THR A 11 -3.12 -3.07 -7.26
C THR A 11 -2.48 -1.68 -7.15
N LYS A 12 -2.42 -0.89 -8.23
CA LYS A 12 -1.80 0.45 -8.23
C LYS A 12 -2.42 1.44 -7.23
N TRP A 13 -3.68 1.23 -6.86
CA TRP A 13 -4.35 2.06 -5.84
C TRP A 13 -4.03 1.62 -4.41
N LEU A 14 -3.58 0.37 -4.23
CA LEU A 14 -3.18 -0.22 -2.94
C LEU A 14 -1.66 -0.16 -2.70
N THR A 15 -0.82 0.08 -3.71
CA THR A 15 0.64 0.11 -3.51
C THR A 15 1.18 1.41 -2.92
N LEU A 16 2.27 1.30 -2.15
CA LEU A 16 3.03 2.40 -1.54
C LEU A 16 4.53 2.13 -1.73
N GLU A 17 5.29 3.18 -2.07
CA GLU A 17 6.73 3.10 -2.36
C GLU A 17 7.61 2.97 -1.10
N VAL A 18 8.70 2.21 -1.24
CA VAL A 18 9.71 1.92 -0.21
C VAL A 18 10.81 2.98 -0.20
N CYS A 19 11.27 3.39 0.98
CA CYS A 19 12.32 4.40 1.17
C CYS A 19 13.63 4.05 0.44
N ARG A 20 14.20 5.06 -0.25
CA ARG A 20 15.45 4.94 -1.01
C ARG A 20 16.65 4.65 -0.13
N GLU A 21 16.71 5.23 1.07
CA GLU A 21 17.78 5.01 2.05
C GLU A 21 17.61 3.69 2.81
N PHE A 22 16.37 3.24 3.05
CA PHE A 22 16.09 1.95 3.70
C PHE A 22 16.63 0.78 2.86
N GLN A 23 16.44 0.84 1.53
CA GLN A 23 16.96 -0.14 0.56
C GLN A 23 18.50 -0.19 0.49
N ARG A 24 19.18 0.84 1.03
CA ARG A 24 20.64 0.98 1.14
C ARG A 24 21.17 0.84 2.58
N GLY A 25 20.28 0.60 3.55
CA GLY A 25 20.61 0.44 4.97
C GLY A 25 21.10 1.72 5.65
N THR A 26 20.72 2.91 5.15
CA THR A 26 21.16 4.22 5.68
C THR A 26 20.05 5.02 6.38
N CYS A 27 18.76 4.67 6.20
CA CYS A 27 17.64 5.32 6.91
C CYS A 27 17.63 4.87 8.39
N SER A 28 17.34 5.79 9.32
CA SER A 28 17.35 5.53 10.77
C SER A 28 16.19 6.22 11.52
N ARG A 29 14.96 5.87 11.14
CA ARG A 29 13.69 6.37 11.72
C ARG A 29 12.52 5.40 11.43
N PRO A 30 11.45 5.38 12.24
CA PRO A 30 10.30 4.51 11.99
C PRO A 30 9.50 4.96 10.76
N ASP A 31 8.71 4.05 10.19
CA ASP A 31 7.83 4.29 9.03
C ASP A 31 6.92 5.52 9.24
N THR A 32 6.42 5.69 10.47
CA THR A 32 5.57 6.80 10.93
C THR A 32 6.24 8.18 10.82
N GLU A 33 7.57 8.24 10.91
CA GLU A 33 8.35 9.49 10.83
C GLU A 33 8.92 9.73 9.42
N CYS A 34 9.20 8.66 8.66
CA CYS A 34 9.72 8.74 7.29
C CYS A 34 8.64 9.15 6.26
N LYS A 35 9.08 9.45 5.03
CA LYS A 35 8.24 9.86 3.89
C LYS A 35 7.76 8.68 3.04
N PHE A 36 8.35 7.49 3.23
CA PHE A 36 8.09 6.25 2.49
C PHE A 36 7.98 5.03 3.42
N ALA A 37 7.76 3.83 2.86
CA ALA A 37 7.54 2.61 3.62
C ALA A 37 8.84 1.83 3.93
N HIS A 38 8.85 1.16 5.09
CA HIS A 38 9.95 0.34 5.63
C HIS A 38 9.50 -1.14 5.86
N PRO A 39 9.22 -1.92 4.79
CA PRO A 39 8.75 -3.31 4.88
C PRO A 39 9.80 -4.32 5.36
N SER A 40 9.36 -5.51 5.75
CA SER A 40 10.20 -6.63 6.17
C SER A 40 10.49 -7.59 5.02
N LYS A 41 11.41 -8.53 5.23
CA LYS A 41 11.76 -9.59 4.27
C LYS A 41 10.60 -10.52 3.92
N SER A 42 9.57 -10.56 4.77
CA SER A 42 8.35 -11.37 4.62
C SER A 42 7.21 -10.66 3.89
N CYS A 43 7.28 -9.33 3.70
CA CYS A 43 6.26 -8.54 3.00
C CYS A 43 6.28 -8.79 1.47
N GLN A 44 5.16 -8.50 0.79
CA GLN A 44 4.94 -8.60 -0.65
C GLN A 44 5.68 -7.50 -1.46
N VAL A 45 6.92 -7.16 -1.09
CA VAL A 45 7.75 -6.13 -1.71
C VAL A 45 8.14 -6.51 -3.16
N GLU A 46 7.94 -5.60 -4.11
CA GLU A 46 8.29 -5.78 -5.54
C GLU A 46 8.55 -4.42 -6.22
N ASN A 47 9.56 -4.36 -7.09
CA ASN A 47 9.98 -3.18 -7.88
C ASN A 47 10.01 -1.84 -7.09
N GLY A 48 10.32 -1.88 -5.79
CA GLY A 48 10.39 -0.69 -4.92
C GLY A 48 9.07 -0.28 -4.25
N ARG A 49 8.00 -1.09 -4.30
CA ARG A 49 6.69 -0.84 -3.67
C ARG A 49 6.10 -2.08 -3.01
N VAL A 50 5.06 -1.90 -2.20
CA VAL A 50 4.35 -2.98 -1.49
C VAL A 50 2.86 -2.69 -1.53
N ILE A 51 2.05 -3.73 -1.71
CA ILE A 51 0.58 -3.62 -1.68
C ILE A 51 0.17 -3.53 -0.19
N ALA A 52 -0.63 -2.53 0.18
CA ALA A 52 -1.10 -2.32 1.56
C ALA A 52 -2.25 -3.27 1.95
N CYS A 53 -2.33 -3.63 3.25
CA CYS A 53 -3.36 -4.51 3.82
C CYS A 53 -4.73 -3.81 3.88
N PHE A 54 -5.70 -4.29 3.08
CA PHE A 54 -7.07 -3.76 2.99
C PHE A 54 -7.77 -3.80 4.36
N ASP A 55 -7.67 -4.92 5.08
CA ASP A 55 -8.29 -5.06 6.39
C ASP A 55 -7.68 -4.08 7.43
N SER A 56 -6.36 -3.87 7.40
CA SER A 56 -5.68 -2.88 8.27
C SER A 56 -6.09 -1.45 7.90
N LEU A 57 -6.22 -1.13 6.60
CA LEU A 57 -6.69 0.18 6.11
C LEU A 57 -8.11 0.51 6.61
N LYS A 58 -8.96 -0.51 6.78
CA LYS A 58 -10.33 -0.40 7.34
C LYS A 58 -10.33 -0.37 8.88
N GLY A 59 -9.16 -0.44 9.53
CA GLY A 59 -8.96 -0.34 10.98
C GLY A 59 -9.01 -1.64 11.78
N ARG A 60 -9.12 -2.81 11.14
CA ARG A 60 -9.15 -4.12 11.81
C ARG A 60 -8.62 -5.22 10.90
N CYS A 61 -7.30 -5.46 10.98
CA CYS A 61 -6.61 -6.50 10.22
C CYS A 61 -7.22 -7.89 10.53
N SER A 62 -7.55 -8.65 9.48
CA SER A 62 -8.21 -9.97 9.57
C SER A 62 -7.96 -10.87 8.34
N ARG A 63 -6.91 -10.59 7.55
CA ARG A 63 -6.56 -11.32 6.33
C ARG A 63 -6.28 -12.81 6.57
N GLU A 64 -6.67 -13.66 5.61
CA GLU A 64 -6.48 -15.12 5.66
C GLU A 64 -4.99 -15.51 5.80
N ASN A 65 -4.11 -14.76 5.14
CA ASN A 65 -2.66 -14.86 5.20
C ASN A 65 -2.09 -13.45 4.94
N CYS A 66 -1.79 -12.72 6.03
CA CYS A 66 -1.33 -11.33 5.96
C CYS A 66 0.16 -11.25 5.59
N LYS A 67 0.43 -10.73 4.39
CA LYS A 67 1.76 -10.51 3.77
C LYS A 67 1.93 -9.09 3.20
N TYR A 68 0.90 -8.26 3.37
CA TYR A 68 0.79 -6.90 2.86
C TYR A 68 1.35 -5.87 3.85
N LEU A 69 1.55 -4.62 3.42
CA LEU A 69 2.13 -3.54 4.22
C LEU A 69 1.07 -2.85 5.09
N HIS A 70 1.39 -2.59 6.36
CA HIS A 70 0.54 -1.80 7.27
C HIS A 70 1.10 -0.36 7.30
N PRO A 71 0.45 0.62 6.64
CA PRO A 71 0.93 2.00 6.59
C PRO A 71 0.50 2.84 7.82
N PRO A 72 1.31 3.85 8.20
CA PRO A 72 0.98 4.78 9.29
C PRO A 72 -0.12 5.77 8.86
N PRO A 73 -0.86 6.39 9.80
CA PRO A 73 -1.94 7.35 9.51
C PRO A 73 -1.64 8.40 8.44
N HIS A 74 -0.43 8.98 8.40
CA HIS A 74 -0.08 9.99 7.37
C HIS A 74 0.00 9.44 5.95
N LEU A 75 0.34 8.15 5.76
CA LEU A 75 0.37 7.50 4.45
C LEU A 75 -1.02 6.95 4.07
N LYS A 76 -1.86 6.58 5.06
CA LYS A 76 -3.25 6.17 4.82
C LYS A 76 -4.03 7.26 4.05
N THR A 77 -3.74 8.53 4.31
CA THR A 77 -4.35 9.66 3.58
C THR A 77 -4.07 9.59 2.07
N GLN A 78 -2.83 9.32 1.65
CA GLN A 78 -2.50 9.19 0.22
C GLN A 78 -3.15 7.93 -0.36
N LEU A 79 -3.21 6.84 0.41
CA LEU A 79 -3.88 5.60 0.02
C LEU A 79 -5.39 5.85 -0.23
N GLU A 80 -6.06 6.60 0.65
CA GLU A 80 -7.48 6.95 0.50
C GLU A 80 -7.73 7.80 -0.75
N ILE A 81 -6.89 8.82 -1.01
CA ILE A 81 -6.98 9.68 -2.19
C ILE A 81 -6.77 8.86 -3.48
N ASN A 82 -5.71 8.04 -3.52
CA ASN A 82 -5.38 7.15 -4.64
C ASN A 82 -6.53 6.15 -4.91
N GLY A 83 -7.03 5.52 -3.85
CA GLY A 83 -8.16 4.59 -3.90
C GLY A 83 -9.42 5.23 -4.48
N ARG A 84 -9.88 6.34 -3.89
CA ARG A 84 -11.08 7.07 -4.33
C ARG A 84 -10.99 7.53 -5.79
N ASN A 85 -9.84 8.06 -6.21
CA ASN A 85 -9.63 8.46 -7.61
C ASN A 85 -9.78 7.27 -8.58
N ASN A 86 -9.29 6.09 -8.22
CA ASN A 86 -9.40 4.92 -9.09
C ASN A 86 -10.84 4.40 -9.30
N LEU A 87 -11.84 4.73 -8.46
CA LEU A 87 -13.25 4.38 -8.79
C LEU A 87 -13.75 5.14 -10.03
N ILE A 88 -13.12 6.28 -10.38
CA ILE A 88 -13.46 7.13 -11.54
C ILE A 88 -12.72 6.67 -12.82
N GLN A 89 -11.57 6.01 -12.67
CA GLN A 89 -10.71 5.50 -13.76
C GLN A 89 -10.41 3.99 -13.65
N GLN A 90 -11.41 3.18 -13.28
CA GLN A 90 -11.29 1.72 -13.04
C GLN A 90 -10.60 0.93 -14.16
N LYS A 91 -10.63 1.41 -15.42
CA LYS A 91 -9.94 0.80 -16.58
C LYS A 91 -8.41 0.67 -16.37
N ASN A 92 -7.84 1.59 -15.59
CA ASN A 92 -6.42 1.66 -15.22
C ASN A 92 -6.27 2.41 -13.89
N MET A 1 -32.96 -15.13 -18.29
CA MET A 1 -33.77 -13.99 -17.85
C MET A 1 -32.94 -12.84 -17.23
N ALA A 2 -31.64 -13.05 -17.05
CA ALA A 2 -30.67 -12.09 -16.49
C ALA A 2 -29.26 -12.29 -17.06
N VAL A 3 -28.37 -11.32 -16.84
CA VAL A 3 -26.96 -11.30 -17.28
C VAL A 3 -26.03 -10.70 -16.22
N SER A 4 -24.72 -10.95 -16.34
CA SER A 4 -23.67 -10.46 -15.44
C SER A 4 -22.31 -10.35 -16.17
N VAL A 5 -21.33 -9.68 -15.55
CA VAL A 5 -19.97 -9.47 -16.08
C VAL A 5 -18.95 -9.60 -14.95
N THR A 6 -17.79 -10.20 -15.24
CA THR A 6 -16.68 -10.43 -14.29
C THR A 6 -16.11 -9.10 -13.77
N PRO A 7 -15.90 -8.93 -12.44
CA PRO A 7 -15.34 -7.71 -11.87
C PRO A 7 -13.84 -7.52 -12.21
N ILE A 8 -13.32 -6.31 -11.97
CA ILE A 8 -11.93 -5.92 -12.21
C ILE A 8 -11.24 -5.44 -10.92
N ARG A 9 -9.89 -5.47 -10.93
CA ARG A 9 -9.00 -5.07 -9.83
C ARG A 9 -7.71 -4.42 -10.36
N ASP A 10 -7.00 -3.65 -9.53
CA ASP A 10 -5.74 -2.98 -9.92
C ASP A 10 -4.87 -2.64 -8.69
N THR A 11 -3.85 -3.44 -8.41
CA THR A 11 -2.92 -3.27 -7.27
C THR A 11 -2.18 -1.91 -7.23
N LYS A 12 -2.12 -1.18 -8.35
CA LYS A 12 -1.46 0.15 -8.45
C LYS A 12 -2.06 1.19 -7.49
N TRP A 13 -3.34 1.09 -7.14
CA TRP A 13 -3.97 1.99 -6.16
C TRP A 13 -3.73 1.51 -4.71
N LEU A 14 -3.32 0.26 -4.50
CA LEU A 14 -3.00 -0.33 -3.19
C LEU A 14 -1.49 -0.28 -2.87
N THR A 15 -0.60 -0.06 -3.84
CA THR A 15 0.85 -0.01 -3.59
C THR A 15 1.34 1.33 -3.02
N LEU A 16 2.39 1.26 -2.18
CA LEU A 16 3.13 2.40 -1.61
C LEU A 16 4.63 2.18 -1.82
N GLU A 17 5.38 3.26 -2.08
CA GLU A 17 6.82 3.20 -2.38
C GLU A 17 7.70 2.84 -1.17
N VAL A 18 8.77 2.07 -1.41
CA VAL A 18 9.77 1.72 -0.39
C VAL A 18 10.83 2.83 -0.30
N CYS A 19 11.24 3.19 0.92
CA CYS A 19 12.22 4.25 1.19
C CYS A 19 13.57 3.99 0.49
N ARG A 20 14.10 5.00 -0.19
CA ARG A 20 15.38 4.94 -0.92
C ARG A 20 16.56 4.79 0.04
N GLU A 21 16.53 5.50 1.17
CA GLU A 21 17.57 5.40 2.20
C GLU A 21 17.50 4.06 2.95
N PHE A 22 16.32 3.43 3.06
CA PHE A 22 16.18 2.10 3.66
C PHE A 22 16.86 1.04 2.77
N GLN A 23 16.67 1.14 1.45
CA GLN A 23 17.32 0.26 0.45
C GLN A 23 18.84 0.47 0.44
N ARG A 24 19.30 1.73 0.60
CA ARG A 24 20.72 2.12 0.69
C ARG A 24 21.37 1.71 2.02
N GLY A 25 20.57 1.45 3.05
CA GLY A 25 21.02 1.08 4.40
C GLY A 25 21.47 2.28 5.24
N THR A 26 20.86 3.45 5.03
CA THR A 26 21.18 4.73 5.70
C THR A 26 20.02 5.37 6.46
N CYS A 27 18.76 4.95 6.24
CA CYS A 27 17.59 5.46 6.97
C CYS A 27 17.60 5.00 8.44
N SER A 28 17.19 5.88 9.37
CA SER A 28 17.16 5.63 10.82
C SER A 28 15.91 6.20 11.49
N ARG A 29 14.73 5.74 11.06
CA ARG A 29 13.39 6.07 11.57
C ARG A 29 12.43 4.89 11.36
N PRO A 30 11.39 4.73 12.23
CA PRO A 30 10.40 3.68 12.04
C PRO A 30 9.46 4.01 10.86
N ASP A 31 8.81 2.98 10.30
CA ASP A 31 7.83 3.11 9.21
C ASP A 31 6.74 4.17 9.53
N THR A 32 6.39 4.29 10.81
CA THR A 32 5.42 5.22 11.40
C THR A 32 5.79 6.70 11.26
N GLU A 33 7.07 7.04 11.10
CA GLU A 33 7.56 8.42 11.03
C GLU A 33 8.20 8.79 9.68
N CYS A 34 8.68 7.81 8.92
CA CYS A 34 9.30 8.05 7.61
C CYS A 34 8.26 8.43 6.53
N LYS A 35 8.74 9.03 5.44
CA LYS A 35 7.94 9.48 4.27
C LYS A 35 7.52 8.32 3.36
N PHE A 36 8.20 7.19 3.45
CA PHE A 36 8.01 5.99 2.62
C PHE A 36 7.97 4.69 3.46
N ALA A 37 7.81 3.53 2.81
CA ALA A 37 7.63 2.24 3.48
C ALA A 37 8.95 1.50 3.77
N HIS A 38 8.99 0.77 4.90
CA HIS A 38 10.11 -0.05 5.39
C HIS A 38 9.68 -1.53 5.53
N PRO A 39 9.59 -2.30 4.43
CA PRO A 39 9.16 -3.70 4.45
C PRO A 39 10.16 -4.67 5.09
N SER A 40 9.66 -5.87 5.40
CA SER A 40 10.40 -7.01 5.92
C SER A 40 10.59 -8.08 4.83
N LYS A 41 11.42 -9.10 5.08
CA LYS A 41 11.70 -10.21 4.14
C LYS A 41 10.44 -10.97 3.69
N SER A 42 9.43 -11.04 4.56
CA SER A 42 8.13 -11.70 4.33
C SER A 42 7.10 -10.81 3.61
N CYS A 43 7.31 -9.50 3.53
CA CYS A 43 6.38 -8.58 2.87
C CYS A 43 6.36 -8.80 1.34
N GLN A 44 5.22 -8.57 0.70
CA GLN A 44 5.06 -8.72 -0.75
C GLN A 44 5.57 -7.49 -1.51
N VAL A 45 6.87 -7.23 -1.37
CA VAL A 45 7.60 -6.14 -2.05
C VAL A 45 7.62 -6.45 -3.56
N GLU A 46 7.35 -5.44 -4.39
CA GLU A 46 7.20 -5.56 -5.84
C GLU A 46 7.69 -4.28 -6.55
N ASN A 47 8.71 -4.40 -7.44
CA ASN A 47 9.34 -3.29 -8.17
C ASN A 47 9.62 -2.03 -7.32
N GLY A 48 10.12 -2.21 -6.09
CA GLY A 48 10.42 -1.10 -5.16
C GLY A 48 9.19 -0.50 -4.45
N ARG A 49 8.07 -1.22 -4.42
CA ARG A 49 6.79 -0.85 -3.80
C ARG A 49 6.32 -1.99 -2.88
N VAL A 50 5.29 -1.78 -2.07
CA VAL A 50 4.64 -2.84 -1.27
C VAL A 50 3.14 -2.66 -1.40
N ILE A 51 2.42 -3.75 -1.62
CA ILE A 51 0.95 -3.73 -1.65
C ILE A 51 0.48 -3.56 -0.20
N ALA A 52 -0.39 -2.59 0.08
CA ALA A 52 -0.93 -2.33 1.42
C ALA A 52 -2.14 -3.23 1.75
N CYS A 53 -2.33 -3.52 3.04
CA CYS A 53 -3.42 -4.34 3.56
C CYS A 53 -4.76 -3.56 3.51
N PHE A 54 -5.69 -3.97 2.65
CA PHE A 54 -7.01 -3.34 2.50
C PHE A 54 -7.75 -3.30 3.84
N ASP A 55 -7.75 -4.41 4.57
CA ASP A 55 -8.41 -4.49 5.88
C ASP A 55 -7.81 -3.51 6.90
N SER A 56 -6.48 -3.33 6.91
CA SER A 56 -5.81 -2.33 7.76
C SER A 56 -6.09 -0.89 7.29
N LEU A 57 -6.16 -0.65 5.97
CA LEU A 57 -6.52 0.66 5.40
C LEU A 57 -7.94 1.10 5.82
N LYS A 58 -8.84 0.14 6.09
CA LYS A 58 -10.20 0.38 6.60
C LYS A 58 -10.26 0.38 8.15
N GLY A 59 -9.12 0.17 8.82
CA GLY A 59 -8.96 0.22 10.28
C GLY A 59 -9.16 -1.08 11.07
N ARG A 60 -9.28 -2.25 10.41
CA ARG A 60 -9.46 -3.55 11.09
C ARG A 60 -8.95 -4.72 10.24
N CYS A 61 -7.68 -5.06 10.39
CA CYS A 61 -7.01 -6.18 9.73
C CYS A 61 -7.82 -7.49 9.91
N SER A 62 -8.02 -8.27 8.83
CA SER A 62 -8.90 -9.46 8.82
C SER A 62 -8.38 -10.68 8.03
N ARG A 63 -7.05 -10.91 8.00
CA ARG A 63 -6.43 -12.09 7.35
C ARG A 63 -5.50 -12.85 8.30
N GLU A 64 -5.52 -14.18 8.18
CA GLU A 64 -4.72 -15.12 8.99
C GLU A 64 -3.23 -15.12 8.59
N ASN A 65 -2.95 -14.93 7.29
CA ASN A 65 -1.62 -14.95 6.69
C ASN A 65 -1.34 -13.59 6.03
N CYS A 66 -1.31 -12.54 6.87
CA CYS A 66 -1.15 -11.16 6.41
C CYS A 66 0.33 -10.88 6.10
N LYS A 67 0.56 -10.45 4.85
CA LYS A 67 1.85 -10.27 4.18
C LYS A 67 1.99 -8.92 3.45
N TYR A 68 1.03 -8.02 3.65
CA TYR A 68 0.95 -6.70 3.05
C TYR A 68 1.41 -5.60 4.04
N LEU A 69 1.60 -4.37 3.56
CA LEU A 69 2.09 -3.26 4.38
C LEU A 69 0.94 -2.57 5.15
N HIS A 70 1.18 -2.30 6.43
CA HIS A 70 0.26 -1.52 7.26
C HIS A 70 0.85 -0.09 7.38
N PRO A 71 0.28 0.91 6.67
CA PRO A 71 0.82 2.28 6.70
C PRO A 71 0.31 3.10 7.89
N PRO A 72 1.09 4.09 8.38
CA PRO A 72 0.66 5.01 9.43
C PRO A 72 -0.45 5.95 8.92
N PRO A 73 -1.23 6.62 9.79
CA PRO A 73 -2.34 7.49 9.43
C PRO A 73 -2.11 8.45 8.25
N HIS A 74 -0.93 9.07 8.11
CA HIS A 74 -0.62 9.96 6.98
C HIS A 74 -0.55 9.23 5.63
N LEU A 75 0.24 8.15 5.53
CA LEU A 75 0.33 7.33 4.31
C LEU A 75 -1.00 6.59 4.04
N LYS A 76 -1.70 6.16 5.08
CA LYS A 76 -3.03 5.53 5.01
C LYS A 76 -4.03 6.49 4.35
N THR A 77 -4.02 7.76 4.77
CA THR A 77 -4.87 8.80 4.17
C THR A 77 -4.49 9.06 2.71
N GLN A 78 -3.19 9.12 2.38
CA GLN A 78 -2.76 9.31 0.98
C GLN A 78 -3.22 8.13 0.10
N LEU A 79 -3.18 6.90 0.62
CA LEU A 79 -3.65 5.71 -0.07
C LEU A 79 -5.17 5.81 -0.35
N GLU A 80 -5.97 6.15 0.66
CA GLU A 80 -7.43 6.31 0.48
C GLU A 80 -7.77 7.43 -0.52
N ILE A 81 -7.03 8.55 -0.51
CA ILE A 81 -7.20 9.64 -1.48
C ILE A 81 -6.92 9.14 -2.91
N ASN A 82 -5.83 8.39 -3.12
CA ASN A 82 -5.50 7.81 -4.42
C ASN A 82 -6.58 6.80 -4.86
N GLY A 83 -7.07 5.96 -3.94
CA GLY A 83 -8.14 4.99 -4.18
C GLY A 83 -9.43 5.67 -4.66
N ARG A 84 -9.86 6.74 -3.99
CA ARG A 84 -11.03 7.54 -4.38
C ARG A 84 -10.85 8.25 -5.73
N ASN A 85 -9.66 8.84 -5.97
CA ASN A 85 -9.34 9.48 -7.25
C ASN A 85 -9.40 8.46 -8.42
N ASN A 86 -8.94 7.23 -8.21
CA ASN A 86 -8.98 6.17 -9.22
C ASN A 86 -10.42 5.72 -9.55
N LEU A 87 -11.34 5.73 -8.58
CA LEU A 87 -12.76 5.42 -8.79
C LEU A 87 -13.45 6.53 -9.62
N ILE A 88 -13.09 7.79 -9.35
CA ILE A 88 -13.63 8.98 -10.07
C ILE A 88 -13.16 8.98 -11.54
N GLN A 89 -11.90 8.61 -11.80
CA GLN A 89 -11.31 8.54 -13.14
C GLN A 89 -10.10 7.59 -13.17
N GLN A 90 -10.10 6.57 -14.04
CA GLN A 90 -9.01 5.58 -14.17
C GLN A 90 -7.64 6.22 -14.47
N LYS A 91 -7.63 7.32 -15.25
CA LYS A 91 -6.42 8.11 -15.58
C LYS A 91 -5.82 8.85 -14.35
N ASN A 92 -6.62 9.00 -13.29
CA ASN A 92 -6.28 9.65 -12.02
C ASN A 92 -6.87 8.85 -10.85
N MET A 1 -1.66 -28.78 -16.60
CA MET A 1 -0.45 -28.08 -16.16
C MET A 1 -0.74 -26.92 -15.18
N ALA A 2 -2.00 -26.49 -15.09
CA ALA A 2 -2.49 -25.42 -14.21
C ALA A 2 -3.96 -25.64 -13.79
N VAL A 3 -4.42 -24.87 -12.80
CA VAL A 3 -5.78 -24.90 -12.23
C VAL A 3 -6.30 -23.47 -11.93
N SER A 4 -7.62 -23.34 -11.73
CA SER A 4 -8.29 -22.07 -11.41
C SER A 4 -7.80 -21.45 -10.09
N VAL A 5 -7.85 -20.12 -9.99
CA VAL A 5 -7.45 -19.33 -8.81
C VAL A 5 -8.40 -18.14 -8.58
N THR A 6 -8.45 -17.62 -7.36
CA THR A 6 -9.30 -16.48 -6.97
C THR A 6 -8.92 -15.20 -7.75
N PRO A 7 -9.88 -14.44 -8.33
CA PRO A 7 -9.62 -13.21 -9.08
C PRO A 7 -8.84 -12.12 -8.33
N ILE A 8 -8.23 -11.22 -9.10
CA ILE A 8 -7.50 -10.00 -8.67
C ILE A 8 -8.14 -8.72 -9.25
N ARG A 9 -7.84 -7.57 -8.63
CA ARG A 9 -8.32 -6.22 -9.03
C ARG A 9 -7.15 -5.22 -9.11
N ASP A 10 -7.36 -3.95 -9.46
CA ASP A 10 -6.26 -3.00 -9.70
C ASP A 10 -5.40 -2.67 -8.46
N THR A 11 -4.24 -3.29 -8.34
CA THR A 11 -3.29 -3.08 -7.23
C THR A 11 -2.59 -1.71 -7.24
N LYS A 12 -2.64 -0.97 -8.37
CA LYS A 12 -2.03 0.37 -8.50
C LYS A 12 -2.57 1.39 -7.48
N TRP A 13 -3.82 1.24 -7.05
CA TRP A 13 -4.41 2.11 -6.02
C TRP A 13 -4.12 1.60 -4.59
N LEU A 14 -3.68 0.34 -4.44
CA LEU A 14 -3.31 -0.28 -3.17
C LEU A 14 -1.79 -0.24 -2.89
N THR A 15 -0.93 0.06 -3.87
CA THR A 15 0.53 0.10 -3.67
C THR A 15 1.04 1.39 -3.00
N LEU A 16 2.11 1.26 -2.20
CA LEU A 16 2.82 2.34 -1.51
C LEU A 16 4.34 2.20 -1.75
N GLU A 17 5.04 3.34 -1.76
CA GLU A 17 6.47 3.43 -2.07
C GLU A 17 7.38 3.20 -0.85
N VAL A 18 8.48 2.47 -1.09
CA VAL A 18 9.50 2.12 -0.10
C VAL A 18 10.61 3.18 -0.07
N CYS A 19 11.10 3.52 1.12
CA CYS A 19 12.17 4.51 1.30
C CYS A 19 13.46 4.07 0.59
N ARG A 20 14.01 4.93 -0.28
CA ARG A 20 15.23 4.64 -1.06
C ARG A 20 16.47 4.47 -0.17
N GLU A 21 16.52 5.13 0.99
CA GLU A 21 17.60 4.93 1.96
C GLU A 21 17.41 3.60 2.70
N PHE A 22 16.18 3.19 3.03
CA PHE A 22 15.90 1.88 3.63
C PHE A 22 16.26 0.74 2.67
N GLN A 23 15.95 0.92 1.38
CA GLN A 23 16.28 0.01 0.28
C GLN A 23 17.81 -0.18 0.11
N ARG A 24 18.62 0.73 0.66
CA ARG A 24 20.10 0.72 0.67
C ARG A 24 20.71 0.49 2.06
N GLY A 25 19.88 0.32 3.09
CA GLY A 25 20.29 0.09 4.48
C GLY A 25 20.94 1.30 5.17
N THR A 26 20.55 2.52 4.80
CA THR A 26 21.11 3.80 5.31
C THR A 26 20.11 4.73 6.03
N CYS A 27 18.80 4.43 6.00
CA CYS A 27 17.79 5.24 6.70
C CYS A 27 17.88 5.06 8.23
N SER A 28 17.58 6.13 8.99
CA SER A 28 17.61 6.15 10.47
C SER A 28 16.42 6.94 11.05
N ARG A 29 15.20 6.47 10.75
CA ARG A 29 13.91 7.01 11.22
C ARG A 29 12.86 5.89 11.30
N PRO A 30 11.87 5.97 12.21
CA PRO A 30 10.81 4.97 12.30
C PRO A 30 9.83 5.11 11.12
N ASP A 31 9.22 4.01 10.71
CA ASP A 31 8.21 3.96 9.64
C ASP A 31 7.08 5.00 9.82
N THR A 32 6.72 5.27 11.08
CA THR A 32 5.69 6.22 11.51
C THR A 32 6.00 7.69 11.19
N GLU A 33 7.27 8.05 11.01
CA GLU A 33 7.70 9.43 10.75
C GLU A 33 8.44 9.63 9.41
N CYS A 34 9.00 8.56 8.83
CA CYS A 34 9.67 8.64 7.53
C CYS A 34 8.63 8.89 6.40
N LYS A 35 9.01 9.63 5.35
CA LYS A 35 8.12 10.00 4.22
C LYS A 35 7.66 8.83 3.32
N PHE A 36 8.24 7.64 3.49
CA PHE A 36 7.95 6.42 2.74
C PHE A 36 7.85 5.18 3.66
N ALA A 37 7.60 4.00 3.09
CA ALA A 37 7.39 2.75 3.84
C ALA A 37 8.69 1.97 4.09
N HIS A 38 8.76 1.29 5.23
CA HIS A 38 9.87 0.43 5.69
C HIS A 38 9.35 -1.02 5.91
N PRO A 39 9.09 -1.79 4.84
CA PRO A 39 8.53 -3.15 4.92
C PRO A 39 9.49 -4.21 5.48
N SER A 40 8.93 -5.36 5.86
CA SER A 40 9.63 -6.55 6.36
C SER A 40 9.69 -7.64 5.28
N LYS A 41 10.49 -8.69 5.51
CA LYS A 41 10.68 -9.83 4.58
C LYS A 41 9.39 -10.55 4.17
N SER A 42 8.36 -10.49 5.03
CA SER A 42 7.03 -11.09 4.80
C SER A 42 6.14 -10.30 3.83
N CYS A 43 6.47 -9.04 3.51
CA CYS A 43 5.70 -8.19 2.61
C CYS A 43 6.01 -8.47 1.12
N GLN A 44 5.09 -8.09 0.22
CA GLN A 44 5.24 -8.24 -1.25
C GLN A 44 6.11 -7.13 -1.87
N VAL A 45 7.30 -6.91 -1.30
CA VAL A 45 8.25 -5.86 -1.72
C VAL A 45 8.82 -6.16 -3.11
N GLU A 46 8.59 -5.27 -4.08
CA GLU A 46 9.08 -5.40 -5.46
C GLU A 46 9.24 -4.01 -6.12
N ASN A 47 10.32 -3.81 -6.87
CA ASN A 47 10.65 -2.56 -7.59
C ASN A 47 10.46 -1.25 -6.77
N GLY A 48 10.73 -1.31 -5.45
CA GLY A 48 10.58 -0.17 -4.55
C GLY A 48 9.12 0.17 -4.17
N ARG A 49 8.20 -0.80 -4.26
CA ARG A 49 6.77 -0.70 -3.97
C ARG A 49 6.30 -1.92 -3.15
N VAL A 50 5.16 -1.79 -2.47
CA VAL A 50 4.49 -2.87 -1.74
C VAL A 50 2.98 -2.68 -1.83
N ILE A 51 2.23 -3.77 -2.00
CA ILE A 51 0.77 -3.75 -1.97
C ILE A 51 0.35 -3.69 -0.49
N ALA A 52 -0.50 -2.73 -0.12
CA ALA A 52 -0.99 -2.56 1.25
C ALA A 52 -2.22 -3.45 1.54
N CYS A 53 -2.39 -3.83 2.81
CA CYS A 53 -3.48 -4.66 3.30
C CYS A 53 -4.81 -3.86 3.32
N PHE A 54 -5.76 -4.19 2.43
CA PHE A 54 -7.06 -3.51 2.36
C PHE A 54 -7.83 -3.61 3.70
N ASP A 55 -7.78 -4.76 4.37
CA ASP A 55 -8.43 -4.94 5.67
C ASP A 55 -7.80 -4.01 6.73
N SER A 56 -6.48 -3.82 6.72
CA SER A 56 -5.79 -2.87 7.62
C SER A 56 -6.12 -1.42 7.24
N LEU A 57 -6.18 -1.08 5.94
CA LEU A 57 -6.59 0.24 5.44
C LEU A 57 -8.03 0.58 5.88
N LYS A 58 -8.90 -0.43 5.98
CA LYS A 58 -10.29 -0.33 6.48
C LYS A 58 -10.36 -0.26 8.03
N GLY A 59 -9.22 -0.43 8.71
CA GLY A 59 -9.04 -0.35 10.16
C GLY A 59 -9.23 -1.64 10.96
N ARG A 60 -9.32 -2.81 10.31
CA ARG A 60 -9.44 -4.12 10.97
C ARG A 60 -8.95 -5.25 10.05
N CYS A 61 -7.67 -5.61 10.20
CA CYS A 61 -7.04 -6.72 9.49
C CYS A 61 -7.81 -8.05 9.72
N SER A 62 -7.99 -8.88 8.69
CA SER A 62 -8.80 -10.12 8.73
C SER A 62 -8.18 -11.36 8.06
N ARG A 63 -6.86 -11.40 7.83
CA ARG A 63 -6.17 -12.56 7.22
C ARG A 63 -5.54 -13.48 8.26
N GLU A 64 -5.68 -14.80 8.05
CA GLU A 64 -5.13 -15.87 8.90
C GLU A 64 -3.60 -15.81 8.99
N ASN A 65 -2.97 -15.42 7.88
CA ASN A 65 -1.54 -15.22 7.69
C ASN A 65 -1.37 -14.08 6.68
N CYS A 66 -1.25 -12.85 7.19
CA CYS A 66 -1.18 -11.62 6.40
C CYS A 66 0.25 -11.42 5.85
N LYS A 67 0.34 -10.99 4.58
CA LYS A 67 1.58 -10.83 3.80
C LYS A 67 1.71 -9.52 3.02
N TYR A 68 0.94 -8.50 3.39
CA TYR A 68 0.89 -7.16 2.78
C TYR A 68 1.37 -6.07 3.77
N LEU A 69 1.58 -4.83 3.31
CA LEU A 69 2.08 -3.74 4.14
C LEU A 69 0.94 -3.04 4.91
N HIS A 70 1.17 -2.77 6.20
CA HIS A 70 0.27 -2.01 7.07
C HIS A 70 0.85 -0.58 7.19
N PRO A 71 0.29 0.44 6.52
CA PRO A 71 0.84 1.81 6.54
C PRO A 71 0.44 2.64 7.77
N PRO A 72 1.28 3.62 8.18
CA PRO A 72 0.97 4.56 9.25
C PRO A 72 -0.07 5.61 8.78
N PRO A 73 -0.77 6.32 9.69
CA PRO A 73 -1.79 7.30 9.34
C PRO A 73 -1.46 8.28 8.20
N HIS A 74 -0.24 8.84 8.15
CA HIS A 74 0.15 9.77 7.08
C HIS A 74 0.19 9.12 5.69
N LEU A 75 0.75 7.92 5.58
CA LEU A 75 0.85 7.16 4.32
C LEU A 75 -0.51 6.53 3.97
N LYS A 76 -1.29 6.14 4.97
CA LYS A 76 -2.67 5.63 4.84
C LYS A 76 -3.58 6.72 4.24
N THR A 77 -3.36 7.99 4.62
CA THR A 77 -4.08 9.14 4.05
C THR A 77 -3.74 9.30 2.55
N GLN A 78 -2.46 9.17 2.18
CA GLN A 78 -2.05 9.21 0.76
C GLN A 78 -2.70 8.05 -0.02
N LEU A 79 -2.86 6.88 0.60
CA LEU A 79 -3.51 5.72 0.00
C LEU A 79 -5.00 6.00 -0.25
N GLU A 80 -5.76 6.48 0.74
CA GLU A 80 -7.20 6.78 0.52
C GLU A 80 -7.41 7.90 -0.52
N ILE A 81 -6.48 8.86 -0.64
CA ILE A 81 -6.52 9.88 -1.70
C ILE A 81 -6.38 9.21 -3.08
N ASN A 82 -5.45 8.25 -3.23
CA ASN A 82 -5.30 7.48 -4.47
C ASN A 82 -6.55 6.60 -4.71
N GLY A 83 -7.12 6.02 -3.65
CA GLY A 83 -8.32 5.19 -3.70
C GLY A 83 -9.51 5.96 -4.24
N ARG A 84 -9.79 7.15 -3.69
CA ARG A 84 -10.87 8.07 -4.11
C ARG A 84 -10.83 8.36 -5.61
N ASN A 85 -9.67 8.77 -6.14
CA ASN A 85 -9.48 9.00 -7.57
C ASN A 85 -9.67 7.72 -8.40
N ASN A 86 -9.37 6.53 -7.85
CA ASN A 86 -9.57 5.28 -8.56
C ASN A 86 -11.06 4.83 -8.63
N LEU A 87 -11.99 5.39 -7.83
CA LEU A 87 -13.44 5.12 -7.99
C LEU A 87 -13.91 5.66 -9.36
N ILE A 88 -13.34 6.78 -9.81
CA ILE A 88 -13.62 7.40 -11.11
C ILE A 88 -13.17 6.46 -12.24
N GLN A 89 -12.09 5.71 -12.03
CA GLN A 89 -11.55 4.67 -12.92
C GLN A 89 -12.35 3.36 -12.75
N GLN A 90 -13.63 3.40 -13.12
CA GLN A 90 -14.64 2.32 -13.03
C GLN A 90 -14.18 0.96 -13.63
N LYS A 91 -13.19 0.96 -14.53
CA LYS A 91 -12.60 -0.25 -15.13
C LYS A 91 -12.07 -1.26 -14.10
N ASN A 92 -11.69 -0.80 -12.90
CA ASN A 92 -11.21 -1.66 -11.80
C ASN A 92 -12.21 -2.79 -11.46
N MET A 1 -28.49 -17.86 -7.21
CA MET A 1 -29.61 -17.84 -8.16
C MET A 1 -29.30 -17.09 -9.48
N ALA A 2 -28.12 -16.47 -9.57
CA ALA A 2 -27.63 -15.70 -10.72
C ALA A 2 -26.10 -15.75 -10.84
N VAL A 3 -25.58 -15.32 -12.00
CA VAL A 3 -24.14 -15.26 -12.33
C VAL A 3 -23.79 -13.98 -13.12
N SER A 4 -22.50 -13.65 -13.19
CA SER A 4 -21.96 -12.49 -13.92
C SER A 4 -20.50 -12.73 -14.36
N VAL A 5 -19.93 -11.78 -15.11
CA VAL A 5 -18.54 -11.81 -15.63
C VAL A 5 -17.48 -11.80 -14.52
N THR A 6 -16.28 -12.28 -14.83
CA THR A 6 -15.12 -12.34 -13.92
C THR A 6 -14.70 -10.93 -13.47
N PRO A 7 -14.50 -10.67 -12.15
CA PRO A 7 -14.08 -9.35 -11.65
C PRO A 7 -12.62 -9.01 -12.00
N ILE A 8 -12.27 -7.73 -11.84
CA ILE A 8 -10.93 -7.17 -12.08
C ILE A 8 -10.34 -6.54 -10.82
N ARG A 9 -9.02 -6.40 -10.83
CA ARG A 9 -8.16 -5.85 -9.77
C ARG A 9 -6.96 -5.09 -10.36
N ASP A 10 -6.38 -4.16 -9.60
CA ASP A 10 -5.23 -3.34 -10.00
C ASP A 10 -4.46 -2.83 -8.78
N THR A 11 -3.35 -3.47 -8.41
CA THR A 11 -2.50 -3.13 -7.25
C THR A 11 -1.91 -1.71 -7.26
N LYS A 12 -1.88 -1.02 -8.41
CA LYS A 12 -1.35 0.33 -8.59
C LYS A 12 -1.88 1.38 -7.59
N TRP A 13 -3.14 1.25 -7.14
CA TRP A 13 -3.72 2.16 -6.14
C TRP A 13 -3.42 1.72 -4.70
N LEU A 14 -3.17 0.42 -4.47
CA LEU A 14 -2.78 -0.15 -3.17
C LEU A 14 -1.27 -0.02 -2.88
N THR A 15 -0.42 0.24 -3.89
CA THR A 15 1.04 0.32 -3.70
C THR A 15 1.54 1.66 -3.13
N LEU A 16 2.58 1.59 -2.29
CA LEU A 16 3.31 2.71 -1.68
C LEU A 16 4.81 2.49 -1.81
N GLU A 17 5.58 3.52 -2.17
CA GLU A 17 7.03 3.44 -2.39
C GLU A 17 7.86 3.10 -1.15
N VAL A 18 8.92 2.32 -1.34
CA VAL A 18 9.91 1.91 -0.32
C VAL A 18 10.99 2.99 -0.20
N CYS A 19 11.43 3.27 1.04
CA CYS A 19 12.45 4.26 1.34
C CYS A 19 13.81 3.93 0.68
N ARG A 20 14.36 4.88 -0.08
CA ARG A 20 15.65 4.76 -0.77
C ARG A 20 16.80 4.47 0.20
N GLU A 21 16.79 5.15 1.35
CA GLU A 21 17.80 4.95 2.40
C GLU A 21 17.60 3.61 3.13
N PHE A 22 16.38 3.07 3.23
CA PHE A 22 16.13 1.75 3.79
C PHE A 22 16.66 0.67 2.86
N GLN A 23 16.43 0.80 1.55
CA GLN A 23 16.97 -0.09 0.52
C GLN A 23 18.52 -0.07 0.50
N ARG A 24 19.12 1.11 0.71
CA ARG A 24 20.58 1.32 0.82
C ARG A 24 21.17 0.81 2.14
N GLY A 25 20.32 0.58 3.16
CA GLY A 25 20.72 0.11 4.49
C GLY A 25 21.27 1.20 5.41
N THR A 26 20.81 2.45 5.26
CA THR A 26 21.26 3.63 6.02
C THR A 26 20.18 4.38 6.79
N CYS A 27 18.88 4.18 6.49
CA CYS A 27 17.76 4.83 7.18
C CYS A 27 17.70 4.40 8.67
N SER A 28 17.33 5.33 9.56
CA SER A 28 17.22 5.11 11.01
C SER A 28 16.00 5.81 11.64
N ARG A 29 14.81 5.45 11.16
CA ARG A 29 13.49 5.94 11.62
C ARG A 29 12.43 4.84 11.45
N PRO A 30 11.36 4.82 12.28
CA PRO A 30 10.29 3.84 12.14
C PRO A 30 9.41 4.16 10.92
N ASP A 31 8.73 3.16 10.38
CA ASP A 31 7.79 3.29 9.25
C ASP A 31 6.72 4.38 9.50
N THR A 32 6.34 4.56 10.77
CA THR A 32 5.37 5.53 11.29
C THR A 32 5.79 6.99 11.13
N GLU A 33 7.09 7.28 11.03
CA GLU A 33 7.61 8.67 10.95
C GLU A 33 8.39 8.97 9.66
N CYS A 34 8.88 7.94 8.95
CA CYS A 34 9.62 8.13 7.69
C CYS A 34 8.70 8.61 6.53
N LYS A 35 9.32 9.13 5.48
CA LYS A 35 8.65 9.67 4.26
C LYS A 35 8.16 8.58 3.29
N PHE A 36 8.62 7.34 3.45
CA PHE A 36 8.33 6.17 2.62
C PHE A 36 8.20 4.89 3.47
N ALA A 37 7.94 3.74 2.84
CA ALA A 37 7.68 2.48 3.53
C ALA A 37 8.94 1.64 3.80
N HIS A 38 8.91 0.88 4.90
CA HIS A 38 9.98 -0.01 5.40
C HIS A 38 9.47 -1.47 5.48
N PRO A 39 9.40 -2.22 4.36
CA PRO A 39 8.91 -3.60 4.31
C PRO A 39 9.78 -4.63 5.05
N SER A 40 9.19 -5.80 5.28
CA SER A 40 9.83 -6.98 5.89
C SER A 40 10.14 -8.05 4.83
N LYS A 41 10.87 -9.10 5.23
CA LYS A 41 11.18 -10.27 4.37
C LYS A 41 9.92 -10.99 3.86
N SER A 42 8.82 -10.87 4.61
CA SER A 42 7.51 -11.48 4.30
C SER A 42 6.59 -10.60 3.43
N CYS A 43 6.89 -9.33 3.22
CA CYS A 43 6.08 -8.44 2.39
C CYS A 43 6.23 -8.74 0.88
N GLN A 44 5.14 -8.64 0.12
CA GLN A 44 5.14 -8.81 -1.35
C GLN A 44 5.61 -7.53 -2.07
N VAL A 45 6.85 -7.11 -1.76
CA VAL A 45 7.52 -5.94 -2.35
C VAL A 45 7.76 -6.17 -3.85
N GLU A 46 7.53 -5.14 -4.68
CA GLU A 46 7.71 -5.19 -6.14
C GLU A 46 8.04 -3.81 -6.73
N ASN A 47 8.97 -3.76 -7.70
CA ASN A 47 9.43 -2.54 -8.40
C ASN A 47 9.65 -1.30 -7.50
N GLY A 48 10.17 -1.49 -6.28
CA GLY A 48 10.42 -0.41 -5.31
C GLY A 48 9.19 0.07 -4.52
N ARG A 49 8.10 -0.70 -4.51
CA ARG A 49 6.82 -0.42 -3.81
C ARG A 49 6.36 -1.64 -3.00
N VAL A 50 5.46 -1.44 -2.05
CA VAL A 50 4.80 -2.50 -1.26
C VAL A 50 3.29 -2.31 -1.40
N ILE A 51 2.55 -3.40 -1.58
CA ILE A 51 1.09 -3.39 -1.63
C ILE A 51 0.59 -3.24 -0.19
N ALA A 52 -0.31 -2.30 0.09
CA ALA A 52 -0.88 -2.05 1.41
C ALA A 52 -2.00 -3.04 1.78
N CYS A 53 -2.14 -3.34 3.08
CA CYS A 53 -3.16 -4.22 3.64
C CYS A 53 -4.54 -3.50 3.65
N PHE A 54 -5.41 -3.80 2.68
CA PHE A 54 -6.73 -3.17 2.52
C PHE A 54 -7.57 -3.22 3.80
N ASP A 55 -7.58 -4.36 4.50
CA ASP A 55 -8.29 -4.52 5.77
C ASP A 55 -7.74 -3.58 6.86
N SER A 56 -6.43 -3.29 6.84
CA SER A 56 -5.79 -2.33 7.75
C SER A 56 -6.17 -0.88 7.38
N LEU A 57 -6.34 -0.56 6.09
CA LEU A 57 -6.82 0.77 5.66
C LEU A 57 -8.19 1.11 6.27
N LYS A 58 -9.05 0.09 6.47
CA LYS A 58 -10.37 0.19 7.11
C LYS A 58 -10.31 0.14 8.64
N GLY A 59 -9.12 0.01 9.22
CA GLY A 59 -8.87 0.00 10.67
C GLY A 59 -9.04 -1.36 11.37
N ARG A 60 -9.22 -2.47 10.62
CA ARG A 60 -9.40 -3.81 11.20
C ARG A 60 -8.89 -4.90 10.24
N CYS A 61 -7.60 -5.22 10.38
CA CYS A 61 -6.92 -6.28 9.63
C CYS A 61 -7.63 -7.63 9.88
N SER A 62 -7.83 -8.46 8.85
CA SER A 62 -8.59 -9.72 8.97
C SER A 62 -8.07 -10.92 8.17
N ARG A 63 -6.80 -10.93 7.75
CA ARG A 63 -6.15 -12.11 7.14
C ARG A 63 -5.61 -13.03 8.25
N GLU A 64 -5.32 -14.29 7.93
CA GLU A 64 -4.75 -15.25 8.90
C GLU A 64 -3.33 -14.83 9.33
N ASN A 65 -2.54 -14.37 8.35
CA ASN A 65 -1.17 -13.84 8.47
C ASN A 65 -0.88 -13.04 7.18
N CYS A 66 -0.98 -11.71 7.23
CA CYS A 66 -0.85 -10.86 6.05
C CYS A 66 0.62 -10.61 5.62
N LYS A 67 0.74 -10.38 4.31
CA LYS A 67 1.99 -10.23 3.52
C LYS A 67 2.10 -8.85 2.85
N TYR A 68 1.48 -7.85 3.47
CA TYR A 68 1.33 -6.48 2.99
C TYR A 68 1.75 -5.43 4.03
N LEU A 69 1.86 -4.16 3.59
CA LEU A 69 2.27 -3.03 4.43
C LEU A 69 1.07 -2.43 5.18
N HIS A 70 1.25 -2.14 6.48
CA HIS A 70 0.28 -1.39 7.29
C HIS A 70 0.78 0.07 7.32
N PRO A 71 0.17 1.02 6.57
CA PRO A 71 0.65 2.40 6.52
C PRO A 71 0.20 3.26 7.72
N PRO A 72 0.99 4.26 8.15
CA PRO A 72 0.60 5.20 9.20
C PRO A 72 -0.51 6.14 8.69
N PRO A 73 -1.28 6.81 9.57
CA PRO A 73 -2.41 7.69 9.20
C PRO A 73 -2.21 8.62 8.00
N HIS A 74 -1.05 9.27 7.86
CA HIS A 74 -0.77 10.17 6.71
C HIS A 74 -0.69 9.42 5.37
N LEU A 75 0.05 8.31 5.31
CA LEU A 75 0.10 7.47 4.09
C LEU A 75 -1.21 6.72 3.86
N LYS A 76 -1.91 6.30 4.93
CA LYS A 76 -3.22 5.65 4.88
C LYS A 76 -4.25 6.59 4.23
N THR A 77 -4.24 7.86 4.61
CA THR A 77 -5.10 8.90 3.99
C THR A 77 -4.77 9.08 2.52
N GLN A 78 -3.49 9.12 2.14
CA GLN A 78 -3.09 9.21 0.72
C GLN A 78 -3.57 7.99 -0.08
N LEU A 79 -3.55 6.81 0.53
CA LEU A 79 -4.05 5.57 -0.07
C LEU A 79 -5.57 5.65 -0.30
N GLU A 80 -6.34 6.09 0.71
CA GLU A 80 -7.79 6.26 0.58
C GLU A 80 -8.15 7.27 -0.53
N ILE A 81 -7.38 8.36 -0.67
CA ILE A 81 -7.55 9.34 -1.75
C ILE A 81 -7.29 8.67 -3.11
N ASN A 82 -6.21 7.89 -3.25
CA ASN A 82 -5.91 7.16 -4.49
C ASN A 82 -7.01 6.13 -4.81
N GLY A 83 -7.55 5.45 -3.80
CA GLY A 83 -8.63 4.47 -3.94
C GLY A 83 -9.91 5.15 -4.42
N ARG A 84 -10.41 6.16 -3.70
CA ARG A 84 -11.60 6.94 -4.07
C ARG A 84 -11.52 7.50 -5.48
N ASN A 85 -10.38 8.06 -5.87
CA ASN A 85 -10.13 8.54 -7.23
C ASN A 85 -10.25 7.39 -8.26
N ASN A 86 -9.68 6.23 -7.96
CA ASN A 86 -9.74 5.06 -8.83
C ASN A 86 -11.17 4.46 -8.98
N LEU A 87 -12.06 4.55 -7.97
CA LEU A 87 -13.47 4.13 -8.15
C LEU A 87 -14.16 5.02 -9.20
N ILE A 88 -13.88 6.33 -9.18
CA ILE A 88 -14.44 7.30 -10.14
C ILE A 88 -13.80 7.09 -11.53
N GLN A 89 -12.50 6.80 -11.60
CA GLN A 89 -11.72 6.50 -12.82
C GLN A 89 -11.97 5.07 -13.33
N GLN A 90 -13.25 4.68 -13.40
CA GLN A 90 -13.78 3.39 -13.84
C GLN A 90 -13.25 2.89 -15.21
N LYS A 91 -12.73 3.78 -16.07
CA LYS A 91 -12.11 3.46 -17.36
C LYS A 91 -10.84 2.60 -17.21
N ASN A 92 -10.15 2.69 -16.07
CA ASN A 92 -8.94 1.95 -15.74
C ASN A 92 -9.16 0.42 -15.83
N MET A 1 -25.64 -14.19 -23.46
CA MET A 1 -27.02 -13.89 -23.05
C MET A 1 -27.32 -14.33 -21.60
N ALA A 2 -26.49 -15.21 -21.04
CA ALA A 2 -26.61 -15.77 -19.69
C ALA A 2 -25.24 -15.88 -18.95
N VAL A 3 -24.19 -15.25 -19.48
CA VAL A 3 -22.80 -15.25 -18.94
C VAL A 3 -22.16 -13.87 -19.07
N SER A 4 -21.07 -13.64 -18.34
CA SER A 4 -20.29 -12.38 -18.32
C SER A 4 -18.79 -12.64 -18.16
N VAL A 5 -17.95 -11.65 -18.52
CA VAL A 5 -16.48 -11.71 -18.41
C VAL A 5 -16.00 -11.73 -16.95
N THR A 6 -14.77 -12.20 -16.73
CA THR A 6 -14.14 -12.28 -15.40
C THR A 6 -13.97 -10.88 -14.76
N PRO A 7 -14.32 -10.67 -13.47
CA PRO A 7 -14.17 -9.39 -12.78
C PRO A 7 -12.75 -8.80 -12.81
N ILE A 8 -12.66 -7.48 -12.60
CA ILE A 8 -11.39 -6.73 -12.54
C ILE A 8 -11.17 -6.01 -11.21
N ARG A 9 -9.90 -5.73 -10.98
CA ARG A 9 -9.29 -5.06 -9.81
C ARG A 9 -8.07 -4.22 -10.26
N ASP A 10 -7.37 -3.53 -9.35
CA ASP A 10 -6.19 -2.72 -9.68
C ASP A 10 -5.23 -2.57 -8.48
N THR A 11 -4.14 -3.34 -8.44
CA THR A 11 -3.13 -3.25 -7.37
C THR A 11 -2.38 -1.90 -7.32
N LYS A 12 -2.41 -1.10 -8.41
CA LYS A 12 -1.75 0.21 -8.48
C LYS A 12 -2.28 1.21 -7.44
N TRP A 13 -3.58 1.18 -7.12
CA TRP A 13 -4.14 2.05 -6.08
C TRP A 13 -3.81 1.54 -4.66
N LEU A 14 -3.40 0.27 -4.52
CA LEU A 14 -2.99 -0.35 -3.25
C LEU A 14 -1.47 -0.31 -3.00
N THR A 15 -0.63 -0.07 -4.01
CA THR A 15 0.84 -0.06 -3.80
C THR A 15 1.36 1.25 -3.19
N LEU A 16 2.39 1.13 -2.34
CA LEU A 16 3.12 2.24 -1.70
C LEU A 16 4.63 2.02 -1.88
N GLU A 17 5.37 3.11 -2.06
CA GLU A 17 6.81 3.09 -2.34
C GLU A 17 7.68 2.94 -1.08
N VAL A 18 8.77 2.18 -1.22
CA VAL A 18 9.78 1.93 -0.19
C VAL A 18 10.85 3.02 -0.21
N CYS A 19 11.31 3.46 0.97
CA CYS A 19 12.33 4.50 1.13
C CYS A 19 13.65 4.14 0.42
N ARG A 20 14.16 5.06 -0.41
CA ARG A 20 15.41 4.90 -1.18
C ARG A 20 16.64 4.68 -0.28
N GLU A 21 16.65 5.29 0.91
CA GLU A 21 17.72 5.10 1.89
C GLU A 21 17.55 3.79 2.68
N PHE A 22 16.31 3.33 2.90
CA PHE A 22 16.05 2.03 3.55
C PHE A 22 16.54 0.87 2.64
N GLN A 23 16.35 0.99 1.33
CA GLN A 23 16.86 0.03 0.32
C GLN A 23 18.40 -0.06 0.30
N ARG A 24 19.11 0.91 0.90
CA ARG A 24 20.59 0.98 1.02
C ARG A 24 21.08 0.80 2.46
N GLY A 25 20.16 0.60 3.42
CA GLY A 25 20.45 0.41 4.85
C GLY A 25 20.96 1.67 5.57
N THR A 26 20.67 2.87 5.05
CA THR A 26 21.13 4.15 5.62
C THR A 26 20.03 4.93 6.35
N CYS A 27 18.74 4.70 6.05
CA CYS A 27 17.62 5.33 6.77
C CYS A 27 17.53 4.75 8.19
N SER A 28 17.44 5.62 9.22
CA SER A 28 17.40 5.22 10.63
C SER A 28 16.35 6.01 11.44
N ARG A 29 15.08 5.90 11.03
CA ARG A 29 13.87 6.49 11.64
C ARG A 29 12.65 5.59 11.34
N PRO A 30 11.58 5.61 12.15
CA PRO A 30 10.38 4.81 11.90
C PRO A 30 9.63 5.33 10.66
N ASP A 31 8.89 4.44 9.99
CA ASP A 31 8.08 4.77 8.80
C ASP A 31 7.06 5.91 9.06
N THR A 32 6.60 6.07 10.31
CA THR A 32 5.69 7.15 10.73
C THR A 32 6.35 8.54 10.63
N GLU A 33 7.66 8.63 10.84
CA GLU A 33 8.45 9.87 10.74
C GLU A 33 8.93 10.11 9.29
N CYS A 34 9.30 9.03 8.58
CA CYS A 34 9.78 9.07 7.21
C CYS A 34 8.68 9.42 6.19
N LYS A 35 9.09 9.67 4.94
CA LYS A 35 8.21 10.04 3.79
C LYS A 35 7.79 8.86 2.91
N PHE A 36 8.32 7.67 3.16
CA PHE A 36 8.06 6.42 2.44
C PHE A 36 7.94 5.22 3.41
N ALA A 37 7.69 4.02 2.88
CA ALA A 37 7.47 2.82 3.68
C ALA A 37 8.78 2.05 4.00
N HIS A 38 8.82 1.42 5.17
CA HIS A 38 9.93 0.59 5.68
C HIS A 38 9.43 -0.85 5.95
N PRO A 39 9.27 -1.70 4.91
CA PRO A 39 8.77 -3.07 5.04
C PRO A 39 9.71 -4.02 5.78
N SER A 40 9.16 -5.17 6.18
CA SER A 40 9.85 -6.26 6.88
C SER A 40 10.11 -7.44 5.95
N LYS A 41 10.94 -8.40 6.36
CA LYS A 41 11.29 -9.61 5.58
C LYS A 41 10.09 -10.46 5.13
N SER A 42 8.98 -10.38 5.88
CA SER A 42 7.72 -11.08 5.60
C SER A 42 6.84 -10.38 4.56
N CYS A 43 7.02 -9.07 4.34
CA CYS A 43 6.25 -8.30 3.35
C CYS A 43 6.64 -8.73 1.93
N GLN A 44 5.66 -8.80 1.02
CA GLN A 44 5.89 -9.18 -0.38
C GLN A 44 6.37 -7.99 -1.23
N VAL A 45 7.50 -7.40 -0.81
CA VAL A 45 8.18 -6.26 -1.44
C VAL A 45 8.60 -6.62 -2.87
N GLU A 46 8.36 -5.73 -3.83
CA GLU A 46 8.65 -5.94 -5.26
C GLU A 46 8.97 -4.62 -5.98
N ASN A 47 10.08 -4.59 -6.73
CA ASN A 47 10.56 -3.45 -7.53
C ASN A 47 10.48 -2.06 -6.82
N GLY A 48 10.76 -2.00 -5.52
CA GLY A 48 10.73 -0.76 -4.73
C GLY A 48 9.35 -0.33 -4.19
N ARG A 49 8.33 -1.21 -4.30
CA ARG A 49 6.95 -0.99 -3.84
C ARG A 49 6.41 -2.20 -3.09
N VAL A 50 5.30 -2.04 -2.39
CA VAL A 50 4.60 -3.14 -1.69
C VAL A 50 3.10 -2.88 -1.80
N ILE A 51 2.31 -3.93 -2.03
CA ILE A 51 0.85 -3.85 -2.02
C ILE A 51 0.42 -3.76 -0.54
N ALA A 52 -0.37 -2.73 -0.17
CA ALA A 52 -0.84 -2.53 1.19
C ALA A 52 -2.07 -3.38 1.53
N CYS A 53 -2.24 -3.72 2.82
CA CYS A 53 -3.36 -4.51 3.35
C CYS A 53 -4.67 -3.70 3.32
N PHE A 54 -5.61 -4.08 2.44
CA PHE A 54 -6.92 -3.45 2.29
C PHE A 54 -7.73 -3.48 3.59
N ASP A 55 -7.68 -4.61 4.32
CA ASP A 55 -8.36 -4.76 5.61
C ASP A 55 -7.75 -3.81 6.67
N SER A 56 -6.42 -3.67 6.73
CA SER A 56 -5.74 -2.73 7.63
C SER A 56 -6.02 -1.27 7.23
N LEU A 57 -6.08 -0.96 5.93
CA LEU A 57 -6.42 0.38 5.41
C LEU A 57 -7.82 0.83 5.85
N LYS A 58 -8.77 -0.10 5.99
CA LYS A 58 -10.13 0.16 6.53
C LYS A 58 -10.18 0.12 8.07
N GLY A 59 -9.04 -0.05 8.73
CA GLY A 59 -8.86 -0.02 10.19
C GLY A 59 -9.01 -1.34 10.95
N ARG A 60 -9.13 -2.49 10.26
CA ARG A 60 -9.26 -3.81 10.92
C ARG A 60 -8.75 -4.95 10.04
N CYS A 61 -7.45 -5.25 10.16
CA CYS A 61 -6.78 -6.36 9.49
C CYS A 61 -7.49 -7.70 9.87
N SER A 62 -7.83 -8.52 8.88
CA SER A 62 -8.58 -9.77 9.09
C SER A 62 -8.39 -10.84 8.00
N ARG A 63 -7.32 -10.77 7.19
CA ARG A 63 -7.02 -11.78 6.15
C ARG A 63 -6.53 -13.10 6.76
N GLU A 64 -6.88 -14.23 6.13
CA GLU A 64 -6.53 -15.59 6.59
C GLU A 64 -5.02 -15.78 6.84
N ASN A 65 -4.18 -15.21 5.98
CA ASN A 65 -2.72 -15.19 6.07
C ASN A 65 -2.21 -13.88 5.43
N CYS A 66 -2.06 -12.84 6.26
CA CYS A 66 -1.65 -11.50 5.82
C CYS A 66 -0.11 -11.41 5.61
N LYS A 67 0.28 -10.96 4.42
CA LYS A 67 1.67 -10.76 3.94
C LYS A 67 1.91 -9.42 3.23
N TYR A 68 0.94 -8.52 3.31
CA TYR A 68 0.92 -7.19 2.72
C TYR A 68 1.49 -6.13 3.69
N LEU A 69 1.73 -4.90 3.22
CA LEU A 69 2.30 -3.81 4.02
C LEU A 69 1.21 -3.08 4.82
N HIS A 70 1.48 -2.83 6.10
CA HIS A 70 0.64 -2.01 6.98
C HIS A 70 1.30 -0.61 7.03
N PRO A 71 0.75 0.41 6.35
CA PRO A 71 1.37 1.75 6.30
C PRO A 71 1.13 2.58 7.58
N PRO A 72 1.93 3.64 7.81
CA PRO A 72 1.69 4.59 8.90
C PRO A 72 0.43 5.44 8.58
N PRO A 73 -0.23 6.05 9.58
CA PRO A 73 -1.45 6.86 9.39
C PRO A 73 -1.42 7.86 8.23
N HIS A 74 -0.31 8.58 8.01
CA HIS A 74 -0.20 9.55 6.91
C HIS A 74 -0.23 8.89 5.53
N LEU A 75 0.47 7.77 5.33
CA LEU A 75 0.42 7.01 4.07
C LEU A 75 -0.93 6.30 3.92
N LYS A 76 -1.55 5.78 5.00
CA LYS A 76 -2.90 5.19 4.93
C LYS A 76 -3.90 6.24 4.43
N THR A 77 -3.81 7.47 4.94
CA THR A 77 -4.67 8.58 4.50
C THR A 77 -4.44 8.91 3.02
N GLN A 78 -3.18 8.98 2.55
CA GLN A 78 -2.90 9.24 1.14
C GLN A 78 -3.46 8.11 0.26
N LEU A 79 -3.31 6.86 0.68
CA LEU A 79 -3.83 5.68 0.01
C LEU A 79 -5.36 5.75 -0.11
N GLU A 80 -6.07 6.07 0.98
CA GLU A 80 -7.53 6.18 0.94
C GLU A 80 -8.01 7.37 0.07
N ILE A 81 -7.27 8.49 0.02
CA ILE A 81 -7.58 9.63 -0.86
C ILE A 81 -7.42 9.21 -2.32
N ASN A 82 -6.31 8.53 -2.66
CA ASN A 82 -6.05 8.01 -4.00
C ASN A 82 -7.15 7.02 -4.42
N GLY A 83 -7.55 6.14 -3.50
CA GLY A 83 -8.63 5.17 -3.68
C GLY A 83 -9.98 5.86 -3.93
N ARG A 84 -10.39 6.81 -3.08
CA ARG A 84 -11.66 7.56 -3.23
C ARG A 84 -11.82 8.19 -4.61
N ASN A 85 -10.78 8.88 -5.09
CA ASN A 85 -10.79 9.50 -6.42
C ASN A 85 -10.94 8.46 -7.56
N ASN A 86 -10.53 7.21 -7.34
CA ASN A 86 -10.70 6.14 -8.33
C ASN A 86 -12.12 5.56 -8.33
N LEU A 87 -12.89 5.64 -7.22
CA LEU A 87 -14.29 5.18 -7.19
C LEU A 87 -15.19 5.99 -8.14
N ILE A 88 -14.80 7.23 -8.48
CA ILE A 88 -15.50 8.11 -9.43
C ILE A 88 -15.49 7.50 -10.85
N GLN A 89 -14.56 6.57 -11.14
CA GLN A 89 -14.45 5.82 -12.40
C GLN A 89 -14.49 6.68 -13.67
N GLN A 90 -13.61 7.68 -13.73
CA GLN A 90 -13.44 8.63 -14.86
C GLN A 90 -13.30 7.90 -16.23
N LYS A 91 -12.72 6.70 -16.21
CA LYS A 91 -12.54 5.79 -17.37
C LYS A 91 -13.84 5.37 -18.07
N ASN A 92 -14.95 5.36 -17.34
CA ASN A 92 -16.31 4.98 -17.77
C ASN A 92 -16.35 3.76 -18.71
N MET A 1 -15.67 -7.19 -4.27
CA MET A 1 -16.89 -7.79 -3.71
C MET A 1 -17.94 -6.75 -3.30
N ALA A 2 -17.74 -5.47 -3.69
CA ALA A 2 -18.61 -4.33 -3.38
C ALA A 2 -20.01 -4.37 -4.04
N VAL A 3 -20.24 -5.25 -5.01
CA VAL A 3 -21.51 -5.40 -5.75
C VAL A 3 -21.89 -6.89 -5.94
N SER A 4 -23.06 -7.16 -6.52
CA SER A 4 -23.65 -8.50 -6.75
C SER A 4 -22.82 -9.47 -7.62
N VAL A 5 -21.75 -9.01 -8.26
CA VAL A 5 -20.83 -9.78 -9.12
C VAL A 5 -19.38 -9.37 -8.87
N THR A 6 -18.41 -10.22 -9.24
CA THR A 6 -16.97 -9.95 -9.05
C THR A 6 -16.52 -8.69 -9.83
N PRO A 7 -16.08 -7.61 -9.15
CA PRO A 7 -15.63 -6.37 -9.80
C PRO A 7 -14.18 -6.48 -10.30
N ILE A 8 -13.68 -5.41 -10.95
CA ILE A 8 -12.27 -5.34 -11.38
C ILE A 8 -11.42 -4.94 -10.16
N ARG A 9 -10.14 -5.27 -10.26
CA ARG A 9 -9.11 -5.06 -9.23
C ARG A 9 -7.79 -4.61 -9.85
N ASP A 10 -7.02 -3.78 -9.13
CA ASP A 10 -5.74 -3.22 -9.59
C ASP A 10 -4.88 -2.75 -8.40
N THR A 11 -3.89 -3.54 -7.97
CA THR A 11 -3.02 -3.21 -6.83
C THR A 11 -2.26 -1.88 -6.93
N LYS A 12 -2.21 -1.23 -8.12
CA LYS A 12 -1.59 0.09 -8.32
C LYS A 12 -2.19 1.19 -7.44
N TRP A 13 -3.48 1.09 -7.10
CA TRP A 13 -4.13 2.05 -6.19
C TRP A 13 -3.87 1.71 -4.71
N LEU A 14 -3.63 0.43 -4.40
CA LEU A 14 -3.29 -0.07 -3.07
C LEU A 14 -1.78 0.07 -2.76
N THR A 15 -0.90 0.30 -3.74
CA THR A 15 0.55 0.39 -3.48
C THR A 15 1.00 1.73 -2.90
N LEU A 16 2.06 1.66 -2.08
CA LEU A 16 2.76 2.77 -1.42
C LEU A 16 4.27 2.58 -1.62
N GLU A 17 4.98 3.68 -1.87
CA GLU A 17 6.43 3.66 -2.15
C GLU A 17 7.29 3.34 -0.92
N VAL A 18 8.41 2.68 -1.17
CA VAL A 18 9.42 2.25 -0.18
C VAL A 18 10.59 3.25 -0.14
N CYS A 19 11.09 3.55 1.06
CA CYS A 19 12.19 4.50 1.26
C CYS A 19 13.47 4.04 0.51
N ARG A 20 14.11 4.98 -0.20
CA ARG A 20 15.35 4.69 -0.95
C ARG A 20 16.53 4.37 -0.02
N GLU A 21 16.68 5.11 1.07
CA GLU A 21 17.73 4.87 2.07
C GLU A 21 17.51 3.55 2.82
N PHE A 22 16.26 3.11 3.00
CA PHE A 22 15.97 1.81 3.61
C PHE A 22 16.46 0.67 2.70
N GLN A 23 16.28 0.81 1.38
CA GLN A 23 16.78 -0.14 0.38
C GLN A 23 18.32 -0.14 0.31
N ARG A 24 18.98 1.00 0.56
CA ARG A 24 20.47 1.10 0.65
C ARG A 24 21.01 0.62 2.01
N GLY A 25 20.16 0.46 3.02
CA GLY A 25 20.51 0.04 4.37
C GLY A 25 21.09 1.18 5.24
N THR A 26 20.66 2.42 5.00
CA THR A 26 21.17 3.64 5.68
C THR A 26 20.10 4.47 6.41
N CYS A 27 18.81 4.25 6.19
CA CYS A 27 17.72 4.96 6.87
C CYS A 27 17.69 4.61 8.39
N SER A 28 17.29 5.57 9.23
CA SER A 28 17.23 5.41 10.71
C SER A 28 16.00 6.06 11.36
N ARG A 29 14.81 5.62 10.94
CA ARG A 29 13.48 6.03 11.45
C ARG A 29 12.44 4.93 11.25
N PRO A 30 11.40 4.84 12.11
CA PRO A 30 10.27 3.93 11.87
C PRO A 30 9.42 4.49 10.72
N ASP A 31 8.66 3.64 10.03
CA ASP A 31 7.77 4.07 8.92
C ASP A 31 6.80 5.20 9.32
N THR A 32 6.43 5.28 10.60
CA THR A 32 5.55 6.30 11.19
C THR A 32 6.15 7.71 11.15
N GLU A 33 7.49 7.83 11.14
CA GLU A 33 8.21 9.13 11.14
C GLU A 33 8.99 9.41 9.85
N CYS A 34 9.24 8.39 9.02
CA CYS A 34 9.88 8.56 7.71
C CYS A 34 8.88 9.06 6.65
N LYS A 35 9.37 9.44 5.47
CA LYS A 35 8.57 9.96 4.34
C LYS A 35 7.93 8.85 3.48
N PHE A 36 8.41 7.61 3.62
CA PHE A 36 8.02 6.43 2.84
C PHE A 36 7.89 5.17 3.72
N ALA A 37 7.55 4.03 3.11
CA ALA A 37 7.29 2.78 3.83
C ALA A 37 8.58 1.92 4.01
N HIS A 38 8.64 1.18 5.13
CA HIS A 38 9.75 0.29 5.52
C HIS A 38 9.25 -1.18 5.67
N PRO A 39 9.12 -1.96 4.57
CA PRO A 39 8.63 -3.34 4.60
C PRO A 39 9.57 -4.35 5.27
N SER A 40 9.02 -5.52 5.57
CA SER A 40 9.71 -6.69 6.13
C SER A 40 9.89 -7.76 5.05
N LYS A 41 10.74 -8.77 5.30
CA LYS A 41 11.02 -9.88 4.37
C LYS A 41 9.76 -10.64 3.91
N SER A 42 8.75 -10.69 4.78
CA SER A 42 7.45 -11.34 4.54
C SER A 42 6.47 -10.52 3.68
N CYS A 43 6.72 -9.22 3.44
CA CYS A 43 5.84 -8.37 2.64
C CYS A 43 6.01 -8.60 1.13
N GLN A 44 4.94 -8.42 0.34
CA GLN A 44 4.96 -8.52 -1.12
C GLN A 44 5.54 -7.24 -1.78
N VAL A 45 6.81 -6.94 -1.48
CA VAL A 45 7.54 -5.78 -2.02
C VAL A 45 7.78 -5.99 -3.53
N GLU A 46 7.45 -4.99 -4.35
CA GLU A 46 7.54 -5.03 -5.82
C GLU A 46 7.81 -3.62 -6.40
N ASN A 47 8.72 -3.51 -7.37
CA ASN A 47 9.09 -2.26 -8.07
C ASN A 47 9.37 -1.05 -7.14
N GLY A 48 9.92 -1.29 -5.94
CA GLY A 48 10.20 -0.25 -4.94
C GLY A 48 8.95 0.25 -4.20
N ARG A 49 7.89 -0.56 -4.16
CA ARG A 49 6.57 -0.32 -3.54
C ARG A 49 6.05 -1.56 -2.81
N VAL A 50 4.98 -1.42 -2.04
CA VAL A 50 4.31 -2.55 -1.35
C VAL A 50 2.80 -2.36 -1.46
N ILE A 51 2.06 -3.44 -1.72
CA ILE A 51 0.60 -3.41 -1.74
C ILE A 51 0.13 -3.30 -0.27
N ALA A 52 -0.71 -2.31 0.04
CA ALA A 52 -1.22 -2.10 1.39
C ALA A 52 -2.33 -3.11 1.77
N CYS A 53 -2.46 -3.40 3.06
CA CYS A 53 -3.43 -4.32 3.63
C CYS A 53 -4.83 -3.66 3.72
N PHE A 54 -5.74 -3.98 2.79
CA PHE A 54 -7.11 -3.45 2.80
C PHE A 54 -7.82 -3.81 4.12
N ASP A 55 -7.56 -5.01 4.65
CA ASP A 55 -8.03 -5.50 5.95
C ASP A 55 -7.66 -4.53 7.08
N SER A 56 -6.43 -3.97 7.03
CA SER A 56 -5.94 -2.94 7.95
C SER A 56 -6.51 -1.54 7.66
N LEU A 57 -6.63 -1.12 6.38
CA LEU A 57 -7.24 0.18 6.02
C LEU A 57 -8.69 0.30 6.54
N LYS A 58 -9.42 -0.82 6.60
CA LYS A 58 -10.79 -0.90 7.13
C LYS A 58 -10.84 -0.99 8.68
N GLY A 59 -9.68 -1.10 9.35
CA GLY A 59 -9.54 -1.09 10.81
C GLY A 59 -9.86 -2.40 11.55
N ARG A 60 -9.74 -3.58 10.91
CA ARG A 60 -10.06 -4.88 11.53
C ARG A 60 -9.21 -6.09 11.07
N CYS A 61 -7.99 -5.82 10.61
CA CYS A 61 -7.07 -6.81 10.03
C CYS A 61 -7.00 -8.12 10.83
N SER A 62 -7.34 -9.23 10.14
CA SER A 62 -7.43 -10.57 10.73
C SER A 62 -7.00 -11.71 9.78
N ARG A 63 -6.24 -11.44 8.71
CA ARG A 63 -5.77 -12.45 7.75
C ARG A 63 -4.89 -13.54 8.40
N GLU A 64 -5.10 -14.79 7.99
CA GLU A 64 -4.35 -15.96 8.50
C GLU A 64 -2.85 -15.96 8.11
N ASN A 65 -2.50 -15.29 7.01
CA ASN A 65 -1.14 -15.14 6.48
C ASN A 65 -1.02 -13.74 5.86
N CYS A 66 -0.85 -12.72 6.71
CA CYS A 66 -0.81 -11.32 6.32
C CYS A 66 0.58 -10.98 5.76
N LYS A 67 0.57 -10.55 4.48
CA LYS A 67 1.76 -10.30 3.61
C LYS A 67 1.76 -8.92 2.93
N TYR A 68 0.91 -8.02 3.39
CA TYR A 68 0.74 -6.66 2.86
C TYR A 68 1.22 -5.60 3.88
N LEU A 69 1.39 -4.34 3.44
CA LEU A 69 1.88 -3.25 4.27
C LEU A 69 0.77 -2.59 5.10
N HIS A 70 1.04 -2.35 6.39
CA HIS A 70 0.14 -1.61 7.30
C HIS A 70 0.61 -0.14 7.32
N PRO A 71 -0.11 0.80 6.65
CA PRO A 71 0.32 2.19 6.55
C PRO A 71 0.04 3.07 7.80
N PRO A 72 0.94 3.98 8.17
CA PRO A 72 0.71 4.99 9.21
C PRO A 72 -0.24 6.09 8.68
N PRO A 73 -0.85 6.93 9.55
CA PRO A 73 -1.80 7.98 9.15
C PRO A 73 -1.45 8.84 7.93
N HIS A 74 -0.19 9.27 7.77
CA HIS A 74 0.22 10.07 6.59
C HIS A 74 0.14 9.27 5.28
N LEU A 75 0.50 7.98 5.30
CA LEU A 75 0.35 7.11 4.12
C LEU A 75 -1.10 6.62 3.95
N LYS A 76 -1.90 6.51 5.01
CA LYS A 76 -3.35 6.20 4.90
C LYS A 76 -4.05 7.26 4.06
N THR A 77 -3.66 8.53 4.23
CA THR A 77 -4.18 9.65 3.43
C THR A 77 -3.74 9.51 1.97
N GLN A 78 -2.46 9.18 1.71
CA GLN A 78 -1.96 8.94 0.34
C GLN A 78 -2.72 7.78 -0.33
N LEU A 79 -2.95 6.69 0.41
CA LEU A 79 -3.70 5.50 -0.04
C LEU A 79 -5.13 5.91 -0.43
N GLU A 80 -5.81 6.70 0.42
CA GLU A 80 -7.16 7.19 0.14
C GLU A 80 -7.21 8.06 -1.12
N ILE A 81 -6.26 8.98 -1.28
CA ILE A 81 -6.15 9.85 -2.48
C ILE A 81 -5.89 9.00 -3.74
N ASN A 82 -4.96 8.05 -3.68
CA ASN A 82 -4.65 7.14 -4.79
C ASN A 82 -5.89 6.31 -5.18
N GLY A 83 -6.61 5.78 -4.19
CA GLY A 83 -7.87 5.04 -4.37
C GLY A 83 -8.96 5.87 -5.03
N ARG A 84 -9.28 7.05 -4.48
CA ARG A 84 -10.30 7.94 -5.07
C ARG A 84 -9.93 8.39 -6.48
N ASN A 85 -8.68 8.77 -6.73
CA ASN A 85 -8.21 9.13 -8.08
C ASN A 85 -8.45 7.99 -9.09
N ASN A 86 -8.18 6.75 -8.69
CA ASN A 86 -8.42 5.55 -9.50
C ASN A 86 -9.92 5.29 -9.75
N LEU A 87 -10.81 5.61 -8.80
CA LEU A 87 -12.26 5.51 -8.98
C LEU A 87 -12.78 6.58 -9.97
N ILE A 88 -12.23 7.79 -9.91
CA ILE A 88 -12.59 8.93 -10.78
C ILE A 88 -12.05 8.74 -12.22
N GLN A 89 -10.90 8.09 -12.39
CA GLN A 89 -10.20 7.89 -13.67
C GLN A 89 -9.83 9.23 -14.34
N GLN A 90 -9.26 10.18 -13.59
CA GLN A 90 -8.88 11.51 -14.10
C GLN A 90 -7.97 11.49 -15.35
N LYS A 91 -7.21 10.40 -15.55
CA LYS A 91 -6.30 10.19 -16.70
C LYS A 91 -7.04 9.90 -18.02
N ASN A 92 -8.30 9.50 -17.95
CA ASN A 92 -9.16 9.14 -19.09
C ASN A 92 -9.21 10.25 -20.16
N MET A 1 -25.02 9.87 -14.40
CA MET A 1 -23.55 9.87 -14.35
C MET A 1 -22.97 8.73 -13.47
N ALA A 2 -23.84 7.96 -12.81
CA ALA A 2 -23.49 6.83 -11.94
C ALA A 2 -24.57 5.74 -11.96
N VAL A 3 -24.23 4.52 -11.51
CA VAL A 3 -25.12 3.35 -11.44
C VAL A 3 -24.66 2.37 -10.34
N SER A 4 -25.57 1.49 -9.91
CA SER A 4 -25.39 0.49 -8.83
C SER A 4 -24.34 -0.61 -9.08
N VAL A 5 -23.69 -0.66 -10.25
CA VAL A 5 -22.66 -1.65 -10.61
C VAL A 5 -21.44 -1.56 -9.68
N THR A 6 -20.77 -2.68 -9.45
CA THR A 6 -19.59 -2.82 -8.57
C THR A 6 -18.41 -1.96 -9.05
N PRO A 7 -17.69 -1.22 -8.16
CA PRO A 7 -16.53 -0.41 -8.53
C PRO A 7 -15.39 -1.18 -9.23
N ILE A 8 -14.42 -0.44 -9.75
CA ILE A 8 -13.23 -0.96 -10.45
C ILE A 8 -12.15 -1.44 -9.45
N ARG A 9 -11.23 -2.28 -9.94
CA ARG A 9 -10.10 -2.83 -9.17
C ARG A 9 -8.78 -2.61 -9.92
N ASP A 10 -7.76 -2.12 -9.22
CA ASP A 10 -6.44 -1.79 -9.75
C ASP A 10 -5.39 -1.66 -8.62
N THR A 11 -4.48 -2.61 -8.50
CA THR A 11 -3.40 -2.60 -7.46
C THR A 11 -2.54 -1.33 -7.45
N LYS A 12 -2.55 -0.52 -8.52
CA LYS A 12 -1.83 0.76 -8.61
C LYS A 12 -2.31 1.78 -7.55
N TRP A 13 -3.58 1.72 -7.11
CA TRP A 13 -4.07 2.59 -6.05
C TRP A 13 -3.79 2.01 -4.65
N LEU A 14 -3.65 0.68 -4.53
CA LEU A 14 -3.30 -0.01 -3.29
C LEU A 14 -1.78 -0.03 -3.00
N THR A 15 -0.92 0.21 -3.98
CA THR A 15 0.55 0.16 -3.76
C THR A 15 1.12 1.43 -3.11
N LEU A 16 2.24 1.25 -2.38
CA LEU A 16 3.05 2.30 -1.75
C LEU A 16 4.54 2.02 -2.03
N GLU A 17 5.35 3.08 -2.06
CA GLU A 17 6.78 3.02 -2.37
C GLU A 17 7.67 2.89 -1.12
N VAL A 18 8.69 2.06 -1.24
CA VAL A 18 9.70 1.79 -0.20
C VAL A 18 10.79 2.86 -0.23
N CYS A 19 11.25 3.28 0.95
CA CYS A 19 12.30 4.29 1.10
C CYS A 19 13.61 3.87 0.42
N ARG A 20 14.23 4.78 -0.35
CA ARG A 20 15.49 4.51 -1.07
C ARG A 20 16.65 4.29 -0.10
N GLU A 21 16.74 5.11 0.94
CA GLU A 21 17.77 4.98 1.98
C GLU A 21 17.57 3.71 2.84
N PHE A 22 16.35 3.18 2.95
CA PHE A 22 16.08 1.91 3.64
C PHE A 22 16.63 0.73 2.83
N GLN A 23 16.40 0.72 1.51
CA GLN A 23 16.94 -0.29 0.58
C GLN A 23 18.49 -0.21 0.51
N ARG A 24 19.04 1.01 0.59
CA ARG A 24 20.48 1.32 0.63
C ARG A 24 21.14 0.92 1.96
N GLY A 25 20.35 0.72 3.03
CA GLY A 25 20.81 0.34 4.36
C GLY A 25 21.36 1.51 5.19
N THR A 26 20.85 2.73 4.99
CA THR A 26 21.32 3.97 5.65
C THR A 26 20.22 4.82 6.32
N CYS A 27 18.92 4.59 6.05
CA CYS A 27 17.83 5.34 6.67
C CYS A 27 17.82 5.16 8.21
N SER A 28 17.54 6.23 8.95
CA SER A 28 17.50 6.27 10.43
C SER A 28 16.30 7.07 10.95
N ARG A 29 15.09 6.61 10.59
CA ARG A 29 13.79 7.17 10.99
C ARG A 29 12.74 6.03 11.09
N PRO A 30 11.76 6.12 12.00
CA PRO A 30 10.70 5.11 12.10
C PRO A 30 9.75 5.23 10.90
N ASP A 31 9.10 4.12 10.51
CA ASP A 31 8.12 4.07 9.41
C ASP A 31 7.00 5.11 9.56
N THR A 32 6.64 5.42 10.81
CA THR A 32 5.61 6.40 11.22
C THR A 32 5.97 7.86 10.92
N GLU A 33 7.26 8.16 10.71
CA GLU A 33 7.77 9.53 10.49
C GLU A 33 8.48 9.70 9.13
N CYS A 34 9.02 8.62 8.55
CA CYS A 34 9.69 8.68 7.25
C CYS A 34 8.69 8.96 6.10
N LYS A 35 9.17 9.58 5.02
CA LYS A 35 8.39 9.96 3.83
C LYS A 35 7.90 8.77 2.97
N PHE A 36 8.44 7.57 3.21
CA PHE A 36 8.14 6.33 2.47
C PHE A 36 8.00 5.12 3.41
N ALA A 37 7.74 3.93 2.85
CA ALA A 37 7.49 2.72 3.63
C ALA A 37 8.77 1.92 3.94
N HIS A 38 8.79 1.28 5.11
CA HIS A 38 9.87 0.40 5.63
C HIS A 38 9.33 -1.02 5.90
N PRO A 39 9.03 -1.83 4.85
CA PRO A 39 8.49 -3.19 4.99
C PRO A 39 9.50 -4.19 5.58
N SER A 40 9.00 -5.34 6.02
CA SER A 40 9.79 -6.45 6.58
C SER A 40 9.92 -7.62 5.59
N LYS A 41 10.68 -8.65 5.98
CA LYS A 41 10.91 -9.88 5.21
C LYS A 41 9.63 -10.65 4.87
N SER A 42 8.60 -10.48 5.70
CA SER A 42 7.28 -11.11 5.55
C SER A 42 6.37 -10.43 4.51
N CYS A 43 6.67 -9.17 4.13
CA CYS A 43 5.88 -8.43 3.14
C CYS A 43 6.22 -8.86 1.70
N GLN A 44 5.24 -8.79 0.78
CA GLN A 44 5.41 -9.09 -0.65
C GLN A 44 6.14 -7.97 -1.44
N VAL A 45 7.25 -7.46 -0.90
CA VAL A 45 8.05 -6.37 -1.49
C VAL A 45 8.56 -6.75 -2.89
N GLU A 46 8.33 -5.90 -3.89
CA GLU A 46 8.75 -6.11 -5.28
C GLU A 46 9.02 -4.78 -6.00
N ASN A 47 10.16 -4.68 -6.71
CA ASN A 47 10.60 -3.50 -7.49
C ASN A 47 10.44 -2.14 -6.76
N GLY A 48 10.69 -2.10 -5.44
CA GLY A 48 10.58 -0.90 -4.60
C GLY A 48 9.15 -0.51 -4.21
N ARG A 49 8.16 -1.40 -4.39
CA ARG A 49 6.74 -1.19 -4.08
C ARG A 49 6.19 -2.35 -3.25
N VAL A 50 5.06 -2.12 -2.56
CA VAL A 50 4.32 -3.15 -1.81
C VAL A 50 2.83 -2.83 -1.93
N ILE A 51 1.99 -3.84 -2.12
CA ILE A 51 0.53 -3.67 -2.13
C ILE A 51 0.08 -3.59 -0.66
N ALA A 52 -0.71 -2.57 -0.30
CA ALA A 52 -1.22 -2.39 1.06
C ALA A 52 -2.43 -3.30 1.37
N CYS A 53 -2.60 -3.64 2.65
CA CYS A 53 -3.69 -4.49 3.15
C CYS A 53 -5.01 -3.69 3.19
N PHE A 54 -5.93 -3.97 2.26
CA PHE A 54 -7.25 -3.33 2.21
C PHE A 54 -8.02 -3.56 3.52
N ASP A 55 -7.96 -4.78 4.07
CA ASP A 55 -8.60 -5.10 5.35
C ASP A 55 -8.06 -4.21 6.50
N SER A 56 -6.73 -4.01 6.58
CA SER A 56 -6.12 -3.11 7.57
C SER A 56 -6.48 -1.64 7.29
N LEU A 57 -6.51 -1.21 6.03
CA LEU A 57 -6.93 0.14 5.62
C LEU A 57 -8.41 0.41 6.02
N LYS A 58 -9.25 -0.63 6.01
CA LYS A 58 -10.66 -0.58 6.44
C LYS A 58 -10.80 -0.57 7.98
N GLY A 59 -9.68 -0.72 8.70
CA GLY A 59 -9.55 -0.71 10.16
C GLY A 59 -9.70 -2.08 10.85
N ARG A 60 -9.70 -3.18 10.09
CA ARG A 60 -9.78 -4.55 10.64
C ARG A 60 -9.18 -5.60 9.69
N CYS A 61 -7.89 -5.89 9.87
CA CYS A 61 -7.16 -6.92 9.13
C CYS A 61 -7.90 -8.28 9.21
N SER A 62 -7.88 -9.07 8.13
CA SER A 62 -8.66 -10.31 8.00
C SER A 62 -7.89 -11.53 7.45
N ARG A 63 -6.61 -11.68 7.83
CA ARG A 63 -5.74 -12.82 7.47
C ARG A 63 -5.05 -13.46 8.67
N GLU A 64 -4.96 -14.79 8.69
CA GLU A 64 -4.24 -15.56 9.72
C GLU A 64 -2.70 -15.45 9.53
N ASN A 65 -2.27 -15.20 8.28
CA ASN A 65 -0.89 -15.02 7.85
C ASN A 65 -0.86 -13.95 6.74
N CYS A 66 -0.84 -12.68 7.13
CA CYS A 66 -0.90 -11.51 6.24
C CYS A 66 0.49 -11.24 5.60
N LYS A 67 0.48 -10.74 4.34
CA LYS A 67 1.68 -10.48 3.50
C LYS A 67 1.71 -9.10 2.84
N TYR A 68 0.67 -8.30 3.00
CA TYR A 68 0.57 -6.95 2.44
C TYR A 68 1.14 -5.91 3.44
N LEU A 69 1.33 -4.66 3.01
CA LEU A 69 1.87 -3.59 3.86
C LEU A 69 0.75 -2.93 4.70
N HIS A 70 1.01 -2.71 5.99
CA HIS A 70 0.10 -1.98 6.88
C HIS A 70 0.68 -0.55 7.04
N PRO A 71 0.09 0.48 6.40
CA PRO A 71 0.62 1.84 6.45
C PRO A 71 0.20 2.64 7.70
N PRO A 72 1.06 3.55 8.21
CA PRO A 72 0.74 4.45 9.31
C PRO A 72 -0.27 5.53 8.84
N PRO A 73 -0.98 6.23 9.74
CA PRO A 73 -1.99 7.24 9.40
C PRO A 73 -1.62 8.23 8.27
N HIS A 74 -0.38 8.74 8.19
CA HIS A 74 0.02 9.67 7.12
C HIS A 74 0.05 9.02 5.73
N LEU A 75 0.66 7.83 5.59
CA LEU A 75 0.65 7.08 4.32
C LEU A 75 -0.74 6.50 4.03
N LYS A 76 -1.49 6.11 5.06
CA LYS A 76 -2.88 5.64 4.97
C LYS A 76 -3.80 6.74 4.42
N THR A 77 -3.57 8.00 4.81
CA THR A 77 -4.28 9.16 4.26
C THR A 77 -3.92 9.37 2.78
N GLN A 78 -2.64 9.21 2.41
CA GLN A 78 -2.20 9.30 1.01
C GLN A 78 -2.86 8.18 0.17
N LEU A 79 -2.96 6.97 0.72
CA LEU A 79 -3.62 5.81 0.12
C LEU A 79 -5.11 6.11 -0.11
N GLU A 80 -5.81 6.64 0.91
CA GLU A 80 -7.22 7.02 0.83
C GLU A 80 -7.48 8.05 -0.28
N ILE A 81 -6.64 9.09 -0.37
CA ILE A 81 -6.73 10.12 -1.43
C ILE A 81 -6.49 9.51 -2.82
N ASN A 82 -5.47 8.65 -2.96
CA ASN A 82 -5.17 7.96 -4.22
C ASN A 82 -6.28 6.98 -4.64
N GLY A 83 -6.96 6.36 -3.67
CA GLY A 83 -8.03 5.41 -3.91
C GLY A 83 -9.37 6.05 -4.24
N ARG A 84 -9.86 7.00 -3.42
CA ARG A 84 -11.19 7.58 -3.64
C ARG A 84 -11.32 8.40 -4.93
N ASN A 85 -10.25 9.09 -5.36
CA ASN A 85 -10.30 9.80 -6.64
C ASN A 85 -10.30 8.81 -7.83
N ASN A 86 -9.68 7.64 -7.65
CA ASN A 86 -9.62 6.58 -8.65
C ASN A 86 -11.01 5.97 -8.95
N LEU A 87 -11.89 5.69 -7.96
CA LEU A 87 -13.23 5.17 -8.31
C LEU A 87 -14.18 6.24 -8.87
N ILE A 88 -13.93 7.52 -8.53
CA ILE A 88 -14.65 8.67 -9.09
C ILE A 88 -14.30 8.85 -10.59
N GLN A 89 -13.15 8.32 -11.03
CA GLN A 89 -12.68 8.33 -12.44
C GLN A 89 -12.62 9.75 -13.04
N GLN A 90 -12.14 10.72 -12.24
CA GLN A 90 -12.05 12.16 -12.61
C GLN A 90 -11.38 12.48 -13.96
N LYS A 91 -10.52 11.58 -14.48
CA LYS A 91 -9.84 11.72 -15.78
C LYS A 91 -10.83 11.75 -16.96
N ASN A 92 -12.01 11.16 -16.81
CA ASN A 92 -13.11 11.08 -17.78
C ASN A 92 -12.64 10.85 -19.24
N MET A 1 -1.04 -3.96 -28.54
CA MET A 1 -1.73 -4.76 -27.52
C MET A 1 -2.02 -4.00 -26.20
N ALA A 2 -1.57 -2.74 -26.11
CA ALA A 2 -1.76 -1.86 -24.95
C ALA A 2 -3.25 -1.49 -24.71
N VAL A 3 -3.57 -1.08 -23.47
CA VAL A 3 -4.91 -0.67 -23.02
C VAL A 3 -4.79 0.54 -22.08
N SER A 4 -5.78 1.44 -22.10
CA SER A 4 -5.83 2.67 -21.28
C SER A 4 -5.93 2.45 -19.76
N VAL A 5 -6.18 1.21 -19.31
CA VAL A 5 -6.30 0.78 -17.92
C VAL A 5 -5.91 -0.70 -17.77
N THR A 6 -5.55 -1.12 -16.56
CA THR A 6 -5.11 -2.49 -16.26
C THR A 6 -6.25 -3.52 -16.54
N PRO A 7 -6.01 -4.58 -17.34
CA PRO A 7 -7.03 -5.59 -17.68
C PRO A 7 -7.75 -6.25 -16.49
N ILE A 8 -7.05 -6.40 -15.37
CA ILE A 8 -7.50 -6.97 -14.09
C ILE A 8 -7.37 -5.94 -12.95
N ARG A 9 -8.12 -6.15 -11.86
CA ARG A 9 -8.16 -5.29 -10.65
C ARG A 9 -6.80 -4.70 -10.25
N ASP A 10 -6.64 -3.41 -10.58
CA ASP A 10 -5.43 -2.60 -10.49
C ASP A 10 -4.74 -2.52 -9.12
N THR A 11 -3.68 -3.29 -8.90
CA THR A 11 -2.87 -3.23 -7.66
C THR A 11 -2.20 -1.85 -7.42
N LYS A 12 -2.09 -0.99 -8.44
CA LYS A 12 -1.46 0.33 -8.32
C LYS A 12 -2.21 1.30 -7.41
N TRP A 13 -3.54 1.15 -7.27
CA TRP A 13 -4.30 1.94 -6.29
C TRP A 13 -4.11 1.42 -4.85
N LEU A 14 -3.49 0.24 -4.68
CA LEU A 14 -3.18 -0.40 -3.39
C LEU A 14 -1.68 -0.40 -3.04
N THR A 15 -0.77 -0.12 -3.98
CA THR A 15 0.68 -0.07 -3.68
C THR A 15 1.13 1.24 -3.02
N LEU A 16 2.19 1.16 -2.21
CA LEU A 16 2.89 2.27 -1.54
C LEU A 16 4.41 2.10 -1.71
N GLU A 17 5.12 3.22 -1.92
CA GLU A 17 6.57 3.25 -2.17
C GLU A 17 7.44 3.00 -0.93
N VAL A 18 8.51 2.23 -1.11
CA VAL A 18 9.52 1.86 -0.11
C VAL A 18 10.60 2.94 0.01
N CYS A 19 11.03 3.24 1.23
CA CYS A 19 12.05 4.26 1.51
C CYS A 19 13.37 3.98 0.77
N ARG A 20 13.90 5.03 0.13
CA ARG A 20 15.12 5.01 -0.68
C ARG A 20 16.36 4.81 0.20
N GLU A 21 16.36 5.38 1.40
CA GLU A 21 17.43 5.22 2.40
C GLU A 21 17.31 3.85 3.12
N PHE A 22 16.11 3.29 3.26
CA PHE A 22 15.91 1.94 3.82
C PHE A 22 16.51 0.89 2.89
N GLN A 23 16.29 1.03 1.57
CA GLN A 23 16.89 0.17 0.53
C GLN A 23 18.42 0.31 0.49
N ARG A 24 18.95 1.52 0.76
CA ARG A 24 20.40 1.81 0.87
C ARG A 24 21.02 1.24 2.16
N GLY A 25 20.20 0.91 3.15
CA GLY A 25 20.61 0.41 4.46
C GLY A 25 21.06 1.51 5.43
N THR A 26 20.54 2.74 5.27
CA THR A 26 20.91 3.92 6.07
C THR A 26 19.75 4.54 6.89
N CYS A 27 18.49 4.29 6.53
CA CYS A 27 17.32 4.77 7.30
C CYS A 27 17.19 3.99 8.64
N SER A 28 16.95 4.70 9.74
CA SER A 28 16.82 4.12 11.10
C SER A 28 15.70 4.78 11.93
N ARG A 29 14.46 4.71 11.43
CA ARG A 29 13.25 5.27 12.06
C ARG A 29 12.00 4.43 11.71
N PRO A 30 10.93 4.46 12.53
CA PRO A 30 9.68 3.78 12.21
C PRO A 30 8.97 4.49 11.04
N ASP A 31 8.08 3.79 10.35
CA ASP A 31 7.33 4.31 9.19
C ASP A 31 6.62 5.65 9.46
N THR A 32 6.15 5.85 10.69
CA THR A 32 5.46 7.08 11.15
C THR A 32 6.34 8.33 11.19
N GLU A 33 7.64 8.16 11.44
CA GLU A 33 8.65 9.23 11.49
C GLU A 33 9.36 9.43 10.14
N CYS A 34 8.99 8.62 9.13
CA CYS A 34 9.53 8.62 7.77
C CYS A 34 8.46 8.99 6.72
N LYS A 35 8.88 9.22 5.47
CA LYS A 35 8.04 9.64 4.34
C LYS A 35 7.63 8.51 3.38
N PHE A 36 8.15 7.30 3.60
CA PHE A 36 7.91 6.09 2.79
C PHE A 36 7.79 4.83 3.67
N ALA A 37 7.58 3.65 3.05
CA ALA A 37 7.35 2.38 3.74
C ALA A 37 8.65 1.58 4.03
N HIS A 38 8.65 0.83 5.13
CA HIS A 38 9.74 -0.02 5.64
C HIS A 38 9.33 -1.51 5.75
N PRO A 39 9.15 -2.24 4.63
CA PRO A 39 8.71 -3.64 4.61
C PRO A 39 9.78 -4.66 5.05
N SER A 40 9.34 -5.89 5.33
CA SER A 40 10.20 -7.02 5.69
C SER A 40 10.49 -7.90 4.46
N LYS A 41 11.42 -8.85 4.61
CA LYS A 41 11.79 -9.82 3.56
C LYS A 41 10.63 -10.72 3.10
N SER A 42 9.59 -10.85 3.93
CA SER A 42 8.40 -11.67 3.66
C SER A 42 7.25 -10.90 2.98
N CYS A 43 7.32 -9.57 2.90
CA CYS A 43 6.28 -8.74 2.27
C CYS A 43 6.28 -8.85 0.72
N GLN A 44 5.19 -8.42 0.08
CA GLN A 44 5.00 -8.35 -1.38
C GLN A 44 5.80 -7.20 -2.05
N VAL A 45 7.09 -7.05 -1.69
CA VAL A 45 7.98 -6.00 -2.19
C VAL A 45 8.37 -6.26 -3.65
N GLU A 46 8.11 -5.29 -4.53
CA GLU A 46 8.42 -5.35 -5.97
C GLU A 46 8.59 -3.94 -6.57
N ASN A 47 9.58 -3.75 -7.46
CA ASN A 47 9.90 -2.49 -8.15
C ASN A 47 9.91 -1.23 -7.25
N GLY A 48 10.36 -1.37 -5.98
CA GLY A 48 10.42 -0.27 -5.00
C GLY A 48 9.07 0.08 -4.33
N ARG A 49 8.06 -0.78 -4.46
CA ARG A 49 6.70 -0.64 -3.90
C ARG A 49 6.26 -1.93 -3.18
N VAL A 50 5.18 -1.84 -2.40
CA VAL A 50 4.56 -2.99 -1.71
C VAL A 50 3.06 -2.82 -1.79
N ILE A 51 2.34 -3.91 -2.03
CA ILE A 51 0.87 -3.90 -1.99
C ILE A 51 0.45 -3.80 -0.52
N ALA A 52 -0.37 -2.81 -0.16
CA ALA A 52 -0.84 -2.59 1.21
C ALA A 52 -2.13 -3.38 1.52
N CYS A 53 -2.30 -3.75 2.80
CA CYS A 53 -3.43 -4.52 3.31
C CYS A 53 -4.74 -3.70 3.28
N PHE A 54 -5.70 -4.06 2.41
CA PHE A 54 -7.02 -3.41 2.28
C PHE A 54 -7.72 -3.32 3.63
N ASP A 55 -7.73 -4.43 4.37
CA ASP A 55 -8.38 -4.50 5.68
C ASP A 55 -7.72 -3.53 6.70
N SER A 56 -6.38 -3.43 6.72
CA SER A 56 -5.66 -2.46 7.56
C SER A 56 -5.87 -1.02 7.08
N LEU A 57 -5.90 -0.77 5.77
CA LEU A 57 -6.16 0.54 5.15
C LEU A 57 -7.52 1.13 5.58
N LYS A 58 -8.48 0.28 5.94
CA LYS A 58 -9.82 0.64 6.46
C LYS A 58 -9.90 0.60 8.00
N GLY A 59 -8.80 0.30 8.68
CA GLY A 59 -8.64 0.32 10.14
C GLY A 59 -8.95 -0.97 10.90
N ARG A 60 -9.17 -2.11 10.23
CA ARG A 60 -9.45 -3.40 10.88
C ARG A 60 -9.04 -4.58 10.00
N CYS A 61 -7.80 -5.06 10.19
CA CYS A 61 -7.20 -6.20 9.49
C CYS A 61 -8.09 -7.47 9.62
N SER A 62 -8.08 -8.34 8.60
CA SER A 62 -8.94 -9.54 8.51
C SER A 62 -8.20 -10.88 8.30
N ARG A 63 -6.90 -10.94 8.60
CA ARG A 63 -6.09 -12.18 8.57
C ARG A 63 -5.31 -12.34 9.88
N GLU A 64 -5.05 -13.57 10.31
CA GLU A 64 -4.22 -13.86 11.49
C GLU A 64 -2.75 -13.42 11.25
N ASN A 65 -2.31 -13.48 9.99
CA ASN A 65 -1.03 -13.05 9.45
C ASN A 65 -1.20 -12.85 7.93
N CYS A 66 -0.75 -11.72 7.39
CA CYS A 66 -0.87 -11.35 5.98
C CYS A 66 0.47 -10.89 5.36
N LYS A 67 0.60 -11.10 4.04
CA LYS A 67 1.80 -10.82 3.22
C LYS A 67 1.96 -9.36 2.77
N TYR A 68 0.98 -8.51 3.04
CA TYR A 68 0.95 -7.10 2.64
C TYR A 68 1.59 -6.14 3.65
N LEU A 69 1.78 -4.88 3.23
CA LEU A 69 2.31 -3.79 4.05
C LEU A 69 1.18 -3.13 4.87
N HIS A 70 1.44 -2.86 6.15
CA HIS A 70 0.56 -2.07 7.03
C HIS A 70 1.17 -0.65 7.09
N PRO A 71 0.61 0.36 6.40
CA PRO A 71 1.19 1.70 6.34
C PRO A 71 0.83 2.60 7.54
N PRO A 72 1.64 3.66 7.79
CA PRO A 72 1.37 4.64 8.84
C PRO A 72 0.17 5.54 8.47
N PRO A 73 -0.52 6.18 9.43
CA PRO A 73 -1.70 7.03 9.20
C PRO A 73 -1.63 8.00 8.03
N HIS A 74 -0.49 8.69 7.82
CA HIS A 74 -0.34 9.64 6.70
C HIS A 74 -0.36 8.95 5.33
N LEU A 75 0.42 7.88 5.13
CA LEU A 75 0.40 7.12 3.87
C LEU A 75 -0.92 6.38 3.68
N LYS A 76 -1.53 5.88 4.77
CA LYS A 76 -2.84 5.23 4.76
C LYS A 76 -3.92 6.19 4.24
N THR A 77 -3.90 7.43 4.71
CA THR A 77 -4.81 8.49 4.23
C THR A 77 -4.55 8.82 2.76
N GLN A 78 -3.29 8.96 2.34
CA GLN A 78 -2.96 9.22 0.92
C GLN A 78 -3.43 8.07 0.01
N LEU A 79 -3.32 6.83 0.46
CA LEU A 79 -3.79 5.64 -0.27
C LEU A 79 -5.32 5.68 -0.43
N GLU A 80 -6.06 5.96 0.65
CA GLU A 80 -7.53 6.09 0.59
C GLU A 80 -7.97 7.20 -0.37
N ILE A 81 -7.27 8.35 -0.37
CA ILE A 81 -7.51 9.46 -1.31
C ILE A 81 -7.26 9.01 -2.76
N ASN A 82 -6.19 8.27 -3.02
CA ASN A 82 -5.90 7.73 -4.37
C ASN A 82 -6.99 6.73 -4.81
N GLY A 83 -7.48 5.89 -3.89
CA GLY A 83 -8.59 4.96 -4.16
C GLY A 83 -9.85 5.71 -4.57
N ARG A 84 -10.25 6.72 -3.79
CA ARG A 84 -11.39 7.61 -4.11
C ARG A 84 -11.20 8.33 -5.44
N ASN A 85 -10.00 8.86 -5.73
CA ASN A 85 -9.71 9.53 -7.00
C ASN A 85 -9.94 8.63 -8.23
N ASN A 86 -9.64 7.33 -8.11
CA ASN A 86 -9.91 6.35 -9.17
C ASN A 86 -11.42 6.11 -9.33
N LEU A 87 -12.18 6.01 -8.23
CA LEU A 87 -13.65 5.86 -8.26
C LEU A 87 -14.34 7.12 -8.81
N ILE A 88 -13.77 8.31 -8.58
CA ILE A 88 -14.22 9.61 -9.11
C ILE A 88 -14.05 9.67 -10.65
N GLN A 89 -13.28 8.74 -11.22
CA GLN A 89 -13.05 8.55 -12.67
C GLN A 89 -12.32 9.74 -13.34
N GLN A 90 -11.35 10.35 -12.63
CA GLN A 90 -10.55 11.49 -13.10
C GLN A 90 -9.92 11.29 -14.50
N LYS A 91 -9.59 10.04 -14.87
CA LYS A 91 -9.03 9.65 -16.18
C LYS A 91 -9.92 10.02 -17.38
N ASN A 92 -11.25 10.03 -17.20
CA ASN A 92 -12.23 10.37 -18.23
C ASN A 92 -12.14 11.84 -18.65
N MET A 1 -20.89 9.31 -12.65
CA MET A 1 -20.86 9.06 -11.20
C MET A 1 -21.04 7.58 -10.80
N ALA A 2 -21.34 6.72 -11.77
CA ALA A 2 -21.53 5.27 -11.62
C ALA A 2 -21.28 4.51 -12.93
N VAL A 3 -21.29 3.17 -12.86
CA VAL A 3 -21.09 2.25 -13.99
C VAL A 3 -22.01 1.02 -13.85
N SER A 4 -22.43 0.47 -14.99
CA SER A 4 -23.39 -0.65 -15.11
C SER A 4 -22.94 -2.00 -14.51
N VAL A 5 -21.64 -2.18 -14.25
CA VAL A 5 -21.03 -3.40 -13.69
C VAL A 5 -19.89 -3.06 -12.72
N THR A 6 -19.52 -4.00 -11.84
CA THR A 6 -18.45 -3.82 -10.86
C THR A 6 -17.09 -3.57 -11.55
N PRO A 7 -16.28 -2.58 -11.13
CA PRO A 7 -14.99 -2.28 -11.76
C PRO A 7 -13.96 -3.40 -11.56
N ILE A 8 -12.92 -3.40 -12.40
CA ILE A 8 -11.81 -4.38 -12.35
C ILE A 8 -10.77 -4.05 -11.27
N ARG A 9 -10.00 -5.08 -10.89
CA ARG A 9 -8.91 -4.97 -9.89
C ARG A 9 -7.68 -4.30 -10.49
N ASP A 10 -6.95 -3.56 -9.66
CA ASP A 10 -5.75 -2.81 -10.04
C ASP A 10 -4.83 -2.55 -8.82
N THR A 11 -3.77 -3.35 -8.65
CA THR A 11 -2.81 -3.20 -7.53
C THR A 11 -2.20 -1.80 -7.37
N LYS A 12 -2.21 -0.96 -8.41
CA LYS A 12 -1.66 0.40 -8.39
C LYS A 12 -2.37 1.34 -7.42
N TRP A 13 -3.66 1.10 -7.14
CA TRP A 13 -4.40 1.89 -6.14
C TRP A 13 -4.14 1.38 -4.70
N LEU A 14 -3.57 0.19 -4.55
CA LEU A 14 -3.23 -0.43 -3.25
C LEU A 14 -1.73 -0.37 -2.90
N THR A 15 -0.83 -0.06 -3.86
CA THR A 15 0.62 0.00 -3.58
C THR A 15 1.09 1.30 -2.91
N LEU A 16 2.16 1.19 -2.13
CA LEU A 16 2.89 2.27 -1.47
C LEU A 16 4.39 2.04 -1.66
N GLU A 17 5.14 3.11 -1.94
CA GLU A 17 6.58 3.05 -2.24
C GLU A 17 7.46 2.86 -0.98
N VAL A 18 8.59 2.19 -1.17
CA VAL A 18 9.60 1.88 -0.15
C VAL A 18 10.68 2.97 -0.14
N CYS A 19 11.14 3.35 1.05
CA CYS A 19 12.18 4.36 1.25
C CYS A 19 13.50 4.00 0.53
N ARG A 20 14.10 4.96 -0.16
CA ARG A 20 15.38 4.79 -0.88
C ARG A 20 16.54 4.59 0.08
N GLU A 21 16.59 5.35 1.17
CA GLU A 21 17.62 5.20 2.20
C GLU A 21 17.46 3.87 2.96
N PHE A 22 16.24 3.33 3.09
CA PHE A 22 16.01 2.02 3.71
C PHE A 22 16.59 0.90 2.82
N GLN A 23 16.36 0.97 1.49
CA GLN A 23 16.92 0.03 0.51
C GLN A 23 18.46 0.10 0.47
N ARG A 24 19.03 1.30 0.66
CA ARG A 24 20.49 1.54 0.75
C ARG A 24 21.10 1.15 2.11
N GLY A 25 20.27 0.89 3.12
CA GLY A 25 20.69 0.51 4.47
C GLY A 25 21.20 1.68 5.33
N THR A 26 20.69 2.90 5.09
CA THR A 26 21.11 4.14 5.76
C THR A 26 20.00 4.90 6.50
N CYS A 27 18.71 4.65 6.23
CA CYS A 27 17.60 5.29 6.95
C CYS A 27 17.63 4.92 8.44
N SER A 28 17.46 5.91 9.33
CA SER A 28 17.55 5.74 10.80
C SER A 28 16.43 6.45 11.57
N ARG A 29 15.18 6.08 11.28
CA ARG A 29 13.94 6.55 11.92
C ARG A 29 12.80 5.55 11.70
N PRO A 30 11.75 5.52 12.55
CA PRO A 30 10.65 4.56 12.42
C PRO A 30 9.79 4.82 11.17
N ASP A 31 9.10 3.76 10.71
CA ASP A 31 8.18 3.78 9.57
C ASP A 31 7.09 4.87 9.66
N THR A 32 6.67 5.20 10.90
CA THR A 32 5.66 6.23 11.19
C THR A 32 6.16 7.65 10.95
N GLU A 33 7.46 7.90 11.12
CA GLU A 33 8.07 9.23 10.96
C GLU A 33 8.58 9.45 9.51
N CYS A 34 9.02 8.38 8.83
CA CYS A 34 9.54 8.48 7.47
C CYS A 34 8.45 8.79 6.41
N LYS A 35 8.88 9.34 5.28
CA LYS A 35 8.03 9.74 4.13
C LYS A 35 7.59 8.56 3.25
N PHE A 36 8.16 7.38 3.45
CA PHE A 36 7.91 6.16 2.68
C PHE A 36 7.85 4.91 3.60
N ALA A 37 7.63 3.73 3.01
CA ALA A 37 7.44 2.49 3.75
C ALA A 37 8.76 1.72 4.03
N HIS A 38 8.82 1.04 5.18
CA HIS A 38 9.94 0.20 5.65
C HIS A 38 9.47 -1.27 5.87
N PRO A 39 9.21 -2.04 4.79
CA PRO A 39 8.71 -3.42 4.86
C PRO A 39 9.75 -4.45 5.33
N SER A 40 9.25 -5.64 5.68
CA SER A 40 10.05 -6.81 6.07
C SER A 40 10.19 -7.77 4.89
N LYS A 41 11.15 -8.69 4.96
CA LYS A 41 11.45 -9.69 3.90
C LYS A 41 10.26 -10.58 3.48
N SER A 42 9.27 -10.74 4.37
CA SER A 42 8.06 -11.53 4.15
C SER A 42 6.94 -10.78 3.39
N CYS A 43 7.01 -9.45 3.28
CA CYS A 43 6.01 -8.64 2.58
C CYS A 43 6.08 -8.78 1.05
N GLN A 44 5.04 -8.34 0.33
CA GLN A 44 4.95 -8.33 -1.15
C GLN A 44 5.82 -7.23 -1.80
N VAL A 45 7.06 -7.06 -1.33
CA VAL A 45 8.01 -6.05 -1.83
C VAL A 45 8.43 -6.37 -3.26
N GLU A 46 8.26 -5.42 -4.18
CA GLU A 46 8.56 -5.58 -5.60
C GLU A 46 8.96 -4.23 -6.24
N ASN A 47 10.08 -4.19 -6.97
CA ASN A 47 10.61 -3.03 -7.72
C ASN A 47 10.48 -1.64 -7.01
N GLY A 48 10.61 -1.59 -5.68
CA GLY A 48 10.53 -0.35 -4.88
C GLY A 48 9.16 -0.02 -4.27
N ARG A 49 8.18 -0.93 -4.32
CA ARG A 49 6.82 -0.77 -3.75
C ARG A 49 6.31 -2.03 -3.05
N VAL A 50 5.22 -1.91 -2.31
CA VAL A 50 4.55 -3.03 -1.61
C VAL A 50 3.05 -2.81 -1.72
N ILE A 51 2.29 -3.88 -1.89
CA ILE A 51 0.82 -3.82 -1.88
C ILE A 51 0.39 -3.72 -0.40
N ALA A 52 -0.41 -2.71 -0.04
CA ALA A 52 -0.88 -2.48 1.32
C ALA A 52 -2.14 -3.31 1.65
N CYS A 53 -2.32 -3.64 2.94
CA CYS A 53 -3.45 -4.42 3.46
C CYS A 53 -4.76 -3.60 3.41
N PHE A 54 -5.72 -4.01 2.58
CA PHE A 54 -7.05 -3.39 2.41
C PHE A 54 -7.77 -3.28 3.76
N ASP A 55 -7.65 -4.30 4.61
CA ASP A 55 -8.25 -4.29 5.94
C ASP A 55 -7.50 -3.36 6.93
N SER A 56 -6.17 -3.20 6.81
CA SER A 56 -5.41 -2.21 7.58
C SER A 56 -5.76 -0.78 7.14
N LEU A 57 -5.95 -0.58 5.82
CA LEU A 57 -6.42 0.65 5.19
C LEU A 57 -7.78 1.11 5.73
N LYS A 58 -8.57 0.18 6.29
CA LYS A 58 -9.88 0.41 6.94
C LYS A 58 -9.82 0.33 8.48
N GLY A 59 -8.63 0.14 9.06
CA GLY A 59 -8.37 0.15 10.51
C GLY A 59 -8.54 -1.15 11.29
N ARG A 60 -8.77 -2.30 10.63
CA ARG A 60 -8.91 -3.60 11.32
C ARG A 60 -8.54 -4.78 10.41
N CYS A 61 -7.27 -5.15 10.43
CA CYS A 61 -6.72 -6.29 9.67
C CYS A 61 -7.55 -7.57 9.92
N SER A 62 -7.88 -8.32 8.86
CA SER A 62 -8.74 -9.51 8.91
C SER A 62 -8.24 -10.71 8.08
N ARG A 63 -6.96 -10.75 7.70
CA ARG A 63 -6.37 -11.88 6.94
C ARG A 63 -6.17 -13.12 7.83
N GLU A 64 -6.26 -14.32 7.25
CA GLU A 64 -5.98 -15.59 7.96
C GLU A 64 -4.52 -15.62 8.45
N ASN A 65 -3.62 -15.12 7.60
CA ASN A 65 -2.18 -14.92 7.79
C ASN A 65 -1.82 -13.75 6.86
N CYS A 66 -1.50 -12.58 7.41
CA CYS A 66 -1.27 -11.38 6.60
C CYS A 66 0.14 -11.35 5.98
N LYS A 67 0.20 -10.80 4.75
CA LYS A 67 1.37 -10.76 3.84
C LYS A 67 1.63 -9.40 3.20
N TYR A 68 0.73 -8.44 3.41
CA TYR A 68 0.75 -7.08 2.86
C TYR A 68 1.36 -6.05 3.85
N LEU A 69 1.62 -4.83 3.39
CA LEU A 69 2.19 -3.75 4.20
C LEU A 69 1.08 -3.01 5.00
N HIS A 70 1.32 -2.76 6.27
CA HIS A 70 0.45 -1.95 7.14
C HIS A 70 1.05 -0.53 7.21
N PRO A 71 0.48 0.47 6.51
CA PRO A 71 1.03 1.83 6.50
C PRO A 71 0.61 2.69 7.71
N PRO A 72 1.38 3.75 8.01
CA PRO A 72 1.05 4.71 9.08
C PRO A 72 -0.13 5.61 8.66
N PRO A 73 -0.83 6.27 9.60
CA PRO A 73 -1.98 7.14 9.31
C PRO A 73 -1.86 8.09 8.13
N HIS A 74 -0.70 8.74 7.93
CA HIS A 74 -0.49 9.66 6.79
C HIS A 74 -0.49 8.96 5.43
N LEU A 75 0.28 7.87 5.27
CA LEU A 75 0.29 7.10 4.02
C LEU A 75 -1.04 6.36 3.81
N LYS A 76 -1.67 5.88 4.88
CA LYS A 76 -3.01 5.26 4.88
C LYS A 76 -4.05 6.23 4.31
N THR A 77 -4.03 7.48 4.77
CA THR A 77 -4.92 8.54 4.27
C THR A 77 -4.62 8.84 2.79
N GLN A 78 -3.35 8.92 2.38
CA GLN A 78 -3.00 9.13 0.97
C GLN A 78 -3.48 7.97 0.08
N LEU A 79 -3.45 6.73 0.58
CA LEU A 79 -3.95 5.55 -0.12
C LEU A 79 -5.47 5.68 -0.35
N GLU A 80 -6.24 6.03 0.69
CA GLU A 80 -7.69 6.23 0.57
C GLU A 80 -8.04 7.35 -0.43
N ILE A 81 -7.27 8.44 -0.43
CA ILE A 81 -7.42 9.54 -1.39
C ILE A 81 -7.16 9.05 -2.82
N ASN A 82 -6.05 8.33 -3.04
CA ASN A 82 -5.69 7.76 -4.35
C ASN A 82 -6.76 6.78 -4.87
N GLY A 83 -7.28 5.91 -4.00
CA GLY A 83 -8.33 4.95 -4.34
C GLY A 83 -9.58 5.63 -4.89
N ARG A 84 -10.15 6.57 -4.14
CA ARG A 84 -11.35 7.31 -4.55
C ARG A 84 -11.11 8.22 -5.77
N ASN A 85 -9.94 8.87 -5.83
CA ASN A 85 -9.52 9.69 -6.99
C ASN A 85 -9.55 8.86 -8.28
N ASN A 86 -9.06 7.61 -8.25
CA ASN A 86 -9.09 6.72 -9.41
C ASN A 86 -10.52 6.37 -9.89
N LEU A 87 -11.54 6.43 -9.01
CA LEU A 87 -12.95 6.21 -9.39
C LEU A 87 -13.58 7.47 -10.01
N ILE A 88 -13.29 8.64 -9.43
CA ILE A 88 -13.79 9.95 -9.89
C ILE A 88 -13.22 10.31 -11.27
N GLN A 89 -11.93 9.99 -11.48
CA GLN A 89 -11.02 10.21 -12.61
C GLN A 89 -9.74 10.81 -12.01
N GLN A 90 -8.55 10.29 -12.39
CA GLN A 90 -7.26 10.71 -11.84
C GLN A 90 -7.01 12.23 -11.83
N LYS A 91 -7.55 12.98 -12.80
CA LYS A 91 -7.47 14.46 -12.89
C LYS A 91 -8.24 15.20 -11.78
N ASN A 92 -9.20 14.53 -11.14
CA ASN A 92 -10.08 15.05 -10.08
C ASN A 92 -10.50 13.94 -9.10
N MET A 1 -18.14 -31.23 -13.20
CA MET A 1 -18.18 -30.20 -12.17
C MET A 1 -17.32 -28.96 -12.53
N ALA A 2 -17.46 -27.89 -11.74
CA ALA A 2 -16.73 -26.63 -11.90
C ALA A 2 -16.49 -25.93 -10.54
N VAL A 3 -15.58 -24.94 -10.52
CA VAL A 3 -15.20 -24.15 -9.34
C VAL A 3 -14.99 -22.66 -9.71
N SER A 4 -14.97 -21.79 -8.69
CA SER A 4 -14.78 -20.33 -8.82
C SER A 4 -13.90 -19.77 -7.69
N VAL A 5 -13.31 -18.59 -7.92
CA VAL A 5 -12.44 -17.87 -6.97
C VAL A 5 -12.51 -16.35 -7.21
N THR A 6 -12.17 -15.57 -6.18
CA THR A 6 -12.17 -14.09 -6.22
C THR A 6 -11.17 -13.56 -7.26
N PRO A 7 -11.58 -12.70 -8.21
CA PRO A 7 -10.69 -12.16 -9.25
C PRO A 7 -9.75 -11.06 -8.73
N ILE A 8 -8.72 -10.74 -9.51
CA ILE A 8 -7.76 -9.65 -9.22
C ILE A 8 -8.29 -8.29 -9.73
N ARG A 9 -7.75 -7.20 -9.16
CA ARG A 9 -8.07 -5.81 -9.51
C ARG A 9 -6.80 -4.94 -9.49
N ASP A 10 -6.92 -3.65 -9.84
CA ASP A 10 -5.79 -2.71 -9.93
C ASP A 10 -4.99 -2.53 -8.63
N THR A 11 -3.85 -3.19 -8.49
CA THR A 11 -2.96 -3.07 -7.31
C THR A 11 -2.30 -1.70 -7.19
N LYS A 12 -2.30 -0.88 -8.25
CA LYS A 12 -1.67 0.46 -8.27
C LYS A 12 -2.30 1.43 -7.26
N TRP A 13 -3.59 1.28 -6.95
CA TRP A 13 -4.25 2.11 -5.94
C TRP A 13 -3.95 1.60 -4.51
N LEU A 14 -3.55 0.34 -4.35
CA LEU A 14 -3.17 -0.29 -3.07
C LEU A 14 -1.65 -0.19 -2.77
N THR A 15 -0.79 0.08 -3.76
CA THR A 15 0.67 0.13 -3.52
C THR A 15 1.18 1.43 -2.90
N LEU A 16 2.26 1.33 -2.11
CA LEU A 16 3.02 2.43 -1.50
C LEU A 16 4.52 2.18 -1.70
N GLU A 17 5.29 3.26 -1.93
CA GLU A 17 6.73 3.22 -2.22
C GLU A 17 7.60 2.98 -0.98
N VAL A 18 8.67 2.18 -1.16
CA VAL A 18 9.67 1.83 -0.15
C VAL A 18 10.77 2.90 -0.10
N CYS A 19 11.23 3.25 1.10
CA CYS A 19 12.25 4.27 1.32
C CYS A 19 13.57 3.95 0.59
N ARG A 20 14.15 4.95 -0.10
CA ARG A 20 15.40 4.80 -0.87
C ARG A 20 16.59 4.50 0.07
N GLU A 21 16.67 5.20 1.19
CA GLU A 21 17.72 5.01 2.19
C GLU A 21 17.59 3.66 2.91
N PHE A 22 16.37 3.15 3.11
CA PHE A 22 16.14 1.82 3.70
C PHE A 22 16.70 0.71 2.80
N GLN A 23 16.49 0.82 1.48
CA GLN A 23 17.02 -0.09 0.46
C GLN A 23 18.56 -0.07 0.36
N ARG A 24 19.22 0.96 0.93
CA ARG A 24 20.68 1.14 0.99
C ARG A 24 21.25 0.95 2.40
N GLY A 25 20.41 0.65 3.39
CA GLY A 25 20.80 0.43 4.79
C GLY A 25 21.28 1.69 5.53
N THR A 26 20.79 2.88 5.14
CA THR A 26 21.19 4.19 5.70
C THR A 26 20.07 4.98 6.39
N CYS A 27 18.79 4.59 6.24
CA CYS A 27 17.67 5.25 6.93
C CYS A 27 17.74 5.02 8.45
N SER A 28 17.31 6.01 9.25
CA SER A 28 17.29 5.95 10.71
C SER A 28 16.02 6.58 11.31
N ARG A 29 14.86 6.03 10.94
CA ARG A 29 13.51 6.41 11.41
C ARG A 29 12.56 5.19 11.35
N PRO A 30 11.56 5.08 12.26
CA PRO A 30 10.58 4.01 12.20
C PRO A 30 9.62 4.23 11.03
N ASP A 31 8.97 3.16 10.54
CA ASP A 31 7.96 3.22 9.46
C ASP A 31 6.85 4.26 9.76
N THR A 32 6.53 4.44 11.04
CA THR A 32 5.54 5.37 11.59
C THR A 32 5.87 6.86 11.40
N GLU A 33 7.16 7.20 11.22
CA GLU A 33 7.63 8.59 11.10
C GLU A 33 8.28 8.91 9.74
N CYS A 34 8.82 7.89 9.05
CA CYS A 34 9.43 8.07 7.73
C CYS A 34 8.38 8.41 6.64
N LYS A 35 8.82 9.11 5.59
CA LYS A 35 7.99 9.53 4.44
C LYS A 35 7.63 8.41 3.46
N PHE A 36 8.20 7.22 3.63
CA PHE A 36 8.01 6.02 2.79
C PHE A 36 7.91 4.74 3.66
N ALA A 37 7.74 3.59 3.01
CA ALA A 37 7.54 2.29 3.68
C ALA A 37 8.86 1.53 3.98
N HIS A 38 8.90 0.82 5.11
CA HIS A 38 10.00 -0.03 5.59
C HIS A 38 9.55 -1.51 5.77
N PRO A 39 9.29 -2.26 4.67
CA PRO A 39 8.82 -3.65 4.72
C PRO A 39 9.90 -4.67 5.13
N SER A 40 9.43 -5.87 5.47
CA SER A 40 10.25 -7.04 5.80
C SER A 40 10.35 -7.95 4.57
N LYS A 41 11.34 -8.86 4.55
CA LYS A 41 11.59 -9.81 3.44
C LYS A 41 10.39 -10.71 3.09
N SER A 42 9.51 -10.94 4.05
CA SER A 42 8.29 -11.75 3.91
C SER A 42 7.12 -11.02 3.24
N CYS A 43 7.15 -9.69 3.13
CA CYS A 43 6.08 -8.90 2.51
C CYS A 43 6.09 -8.97 0.97
N GLN A 44 4.96 -8.59 0.34
CA GLN A 44 4.77 -8.52 -1.12
C GLN A 44 5.50 -7.32 -1.77
N VAL A 45 6.80 -7.16 -1.47
CA VAL A 45 7.66 -6.08 -1.99
C VAL A 45 8.01 -6.38 -3.46
N GLU A 46 7.79 -5.40 -4.36
CA GLU A 46 8.05 -5.52 -5.80
C GLU A 46 8.35 -4.14 -6.43
N ASN A 47 9.37 -4.07 -7.28
CA ASN A 47 9.80 -2.85 -8.01
C ASN A 47 9.87 -1.57 -7.14
N GLY A 48 10.30 -1.68 -5.88
CA GLY A 48 10.41 -0.56 -4.94
C GLY A 48 9.09 -0.13 -4.28
N ARG A 49 8.03 -0.94 -4.36
CA ARG A 49 6.70 -0.71 -3.78
C ARG A 49 6.22 -1.94 -3.02
N VAL A 50 5.16 -1.80 -2.22
CA VAL A 50 4.50 -2.89 -1.48
C VAL A 50 3.00 -2.68 -1.55
N ILE A 51 2.23 -3.75 -1.75
CA ILE A 51 0.77 -3.70 -1.73
C ILE A 51 0.33 -3.57 -0.26
N ALA A 52 -0.50 -2.58 0.07
CA ALA A 52 -1.01 -2.35 1.42
C ALA A 52 -2.23 -3.23 1.76
N CYS A 53 -2.40 -3.53 3.05
CA CYS A 53 -3.51 -4.33 3.58
C CYS A 53 -4.84 -3.55 3.49
N PHE A 54 -5.75 -3.98 2.60
CA PHE A 54 -7.08 -3.36 2.43
C PHE A 54 -7.88 -3.44 3.73
N ASP A 55 -7.84 -4.59 4.42
CA ASP A 55 -8.52 -4.77 5.70
C ASP A 55 -8.00 -3.78 6.77
N SER A 56 -6.69 -3.56 6.86
CA SER A 56 -6.11 -2.54 7.76
C SER A 56 -6.48 -1.12 7.34
N LEU A 57 -6.50 -0.82 6.04
CA LEU A 57 -6.92 0.49 5.49
C LEU A 57 -8.39 0.81 5.84
N LYS A 58 -9.27 -0.21 5.92
CA LYS A 58 -10.66 -0.08 6.37
C LYS A 58 -10.82 -0.10 7.90
N GLY A 59 -9.71 -0.18 8.64
CA GLY A 59 -9.63 -0.11 10.11
C GLY A 59 -9.74 -1.42 10.89
N ARG A 60 -9.72 -2.59 10.24
CA ARG A 60 -9.76 -3.90 10.91
C ARG A 60 -9.12 -5.01 10.06
N CYS A 61 -7.83 -5.23 10.29
CA CYS A 61 -7.06 -6.31 9.66
C CYS A 61 -7.77 -7.66 9.91
N SER A 62 -7.86 -8.51 8.88
CA SER A 62 -8.63 -9.78 8.90
C SER A 62 -7.91 -10.97 8.25
N ARG A 63 -6.57 -11.05 8.36
CA ARG A 63 -5.74 -12.15 7.81
C ARG A 63 -4.89 -12.82 8.89
N GLU A 64 -4.80 -14.15 8.82
CA GLU A 64 -4.02 -14.99 9.76
C GLU A 64 -2.51 -14.94 9.46
N ASN A 65 -2.16 -14.78 8.18
CA ASN A 65 -0.79 -14.67 7.65
C ASN A 65 -0.74 -13.47 6.70
N CYS A 66 -0.70 -12.27 7.28
CA CYS A 66 -0.79 -11.00 6.57
C CYS A 66 0.59 -10.65 5.95
N LYS A 67 0.63 -10.69 4.61
CA LYS A 67 1.81 -10.49 3.74
C LYS A 67 1.92 -9.09 3.12
N TYR A 68 1.03 -8.18 3.51
CA TYR A 68 0.93 -6.82 2.98
C TYR A 68 1.49 -5.76 3.96
N LEU A 69 1.66 -4.53 3.48
CA LEU A 69 2.18 -3.42 4.28
C LEU A 69 1.07 -2.73 5.08
N HIS A 70 1.34 -2.44 6.36
CA HIS A 70 0.46 -1.63 7.20
C HIS A 70 1.12 -0.23 7.30
N PRO A 71 0.61 0.79 6.59
CA PRO A 71 1.19 2.14 6.60
C PRO A 71 0.65 3.02 7.74
N PRO A 72 1.38 4.09 8.13
CA PRO A 72 0.93 5.03 9.16
C PRO A 72 -0.20 5.96 8.66
N PRO A 73 -0.99 6.58 9.55
CA PRO A 73 -2.09 7.48 9.19
C PRO A 73 -1.79 8.51 8.09
N HIS A 74 -0.62 9.18 8.13
CA HIS A 74 -0.24 10.17 7.11
C HIS A 74 -0.12 9.58 5.69
N LEU A 75 0.27 8.30 5.56
CA LEU A 75 0.31 7.58 4.28
C LEU A 75 -1.05 6.95 3.95
N LYS A 76 -1.85 6.54 4.96
CA LYS A 76 -3.22 6.04 4.73
C LYS A 76 -4.07 7.09 4.02
N THR A 77 -3.93 8.37 4.38
CA THR A 77 -4.63 9.47 3.70
C THR A 77 -4.26 9.55 2.22
N GLN A 78 -2.98 9.37 1.86
CA GLN A 78 -2.56 9.39 0.44
C GLN A 78 -3.14 8.19 -0.32
N LEU A 79 -3.20 7.02 0.33
CA LEU A 79 -3.80 5.80 -0.19
C LEU A 79 -5.29 6.02 -0.46
N GLU A 80 -6.03 6.62 0.49
CA GLU A 80 -7.44 6.94 0.33
C GLU A 80 -7.69 7.94 -0.81
N ILE A 81 -6.82 8.95 -0.98
CA ILE A 81 -6.91 9.90 -2.10
C ILE A 81 -6.73 9.14 -3.43
N ASN A 82 -5.72 8.28 -3.54
CA ASN A 82 -5.46 7.48 -4.74
C ASN A 82 -6.62 6.51 -5.04
N GLY A 83 -7.24 5.93 -4.02
CA GLY A 83 -8.35 4.98 -4.18
C GLY A 83 -9.66 5.66 -4.56
N ARG A 84 -10.08 6.66 -3.79
CA ARG A 84 -11.34 7.40 -4.02
C ARG A 84 -11.37 8.13 -5.37
N ASN A 85 -10.21 8.56 -5.87
CA ASN A 85 -10.07 9.18 -7.20
C ASN A 85 -10.62 8.26 -8.32
N ASN A 86 -10.49 6.93 -8.20
CA ASN A 86 -11.02 5.97 -9.17
C ASN A 86 -12.55 5.86 -9.10
N LEU A 87 -13.15 6.14 -7.94
CA LEU A 87 -14.60 6.07 -7.70
C LEU A 87 -15.33 7.36 -8.13
N ILE A 88 -14.67 8.51 -7.99
CA ILE A 88 -15.18 9.84 -8.37
C ILE A 88 -15.40 9.94 -9.91
N GLN A 89 -14.54 9.30 -10.71
CA GLN A 89 -14.61 9.29 -12.17
C GLN A 89 -15.89 8.62 -12.71
N GLN A 90 -16.29 9.00 -13.93
CA GLN A 90 -17.48 8.50 -14.64
C GLN A 90 -17.56 6.97 -14.75
N LYS A 91 -16.41 6.27 -14.75
CA LYS A 91 -16.30 4.80 -14.80
C LYS A 91 -16.91 4.11 -13.57
N ASN A 92 -17.01 4.83 -12.45
CA ASN A 92 -17.57 4.37 -11.18
C ASN A 92 -18.20 5.55 -10.41
N MET A 1 -9.80 10.65 -12.96
CA MET A 1 -9.93 11.65 -14.03
C MET A 1 -8.86 11.55 -15.14
N ALA A 2 -7.85 10.70 -14.94
CA ALA A 2 -6.72 10.49 -15.84
C ALA A 2 -6.39 9.00 -16.11
N VAL A 3 -7.30 8.10 -15.72
CA VAL A 3 -7.20 6.63 -15.87
C VAL A 3 -8.55 6.02 -16.26
N SER A 4 -8.52 4.80 -16.81
CA SER A 4 -9.72 4.06 -17.25
C SER A 4 -9.81 2.66 -16.60
N VAL A 5 -10.83 1.88 -16.98
CA VAL A 5 -11.10 0.54 -16.44
C VAL A 5 -9.96 -0.45 -16.74
N THR A 6 -9.58 -1.22 -15.72
CA THR A 6 -8.55 -2.27 -15.77
C THR A 6 -9.24 -3.65 -15.79
N PRO A 7 -8.80 -4.64 -16.61
CA PRO A 7 -9.41 -5.98 -16.67
C PRO A 7 -9.57 -6.69 -15.32
N ILE A 8 -8.61 -6.49 -14.41
CA ILE A 8 -8.57 -6.98 -13.03
C ILE A 8 -8.52 -5.83 -12.01
N ARG A 9 -8.89 -6.10 -10.76
CA ARG A 9 -8.84 -5.14 -9.64
C ARG A 9 -7.42 -4.59 -9.44
N ASP A 10 -7.23 -3.33 -9.82
CA ASP A 10 -5.96 -2.60 -9.89
C ASP A 10 -5.15 -2.48 -8.58
N THR A 11 -4.12 -3.31 -8.39
CA THR A 11 -3.21 -3.24 -7.22
C THR A 11 -2.45 -1.91 -7.09
N LYS A 12 -2.34 -1.10 -8.17
CA LYS A 12 -1.60 0.17 -8.15
C LYS A 12 -2.22 1.23 -7.24
N TRP A 13 -3.53 1.18 -7.01
CA TRP A 13 -4.18 2.09 -6.05
C TRP A 13 -3.91 1.63 -4.59
N LEU A 14 -3.65 0.33 -4.37
CA LEU A 14 -3.28 -0.25 -3.07
C LEU A 14 -1.76 -0.19 -2.79
N THR A 15 -0.88 0.01 -3.78
CA THR A 15 0.58 0.03 -3.51
C THR A 15 1.12 1.34 -2.93
N LEU A 16 2.18 1.23 -2.14
CA LEU A 16 2.97 2.34 -1.54
C LEU A 16 4.46 2.06 -1.77
N GLU A 17 5.22 3.11 -2.08
CA GLU A 17 6.66 3.01 -2.37
C GLU A 17 7.53 2.78 -1.12
N VAL A 18 8.63 2.06 -1.31
CA VAL A 18 9.64 1.74 -0.29
C VAL A 18 10.72 2.84 -0.28
N CYS A 19 11.18 3.23 0.91
CA CYS A 19 12.20 4.27 1.10
C CYS A 19 13.53 3.94 0.39
N ARG A 20 14.09 4.91 -0.35
CA ARG A 20 15.35 4.76 -1.10
C ARG A 20 16.55 4.55 -0.17
N GLU A 21 16.58 5.23 0.97
CA GLU A 21 17.65 5.10 1.97
C GLU A 21 17.53 3.79 2.76
N PHE A 22 16.32 3.26 2.99
CA PHE A 22 16.11 1.97 3.65
C PHE A 22 16.70 0.83 2.81
N GLN A 23 16.49 0.87 1.49
CA GLN A 23 17.06 -0.06 0.49
C GLN A 23 18.60 -0.05 0.45
N ARG A 24 19.25 0.98 1.02
CA ARG A 24 20.70 1.17 1.08
C ARG A 24 21.27 1.13 2.51
N GLY A 25 20.41 0.93 3.53
CA GLY A 25 20.79 0.86 4.95
C GLY A 25 21.24 2.18 5.56
N THR A 26 20.73 3.32 5.07
CA THR A 26 21.12 4.68 5.51
C THR A 26 19.98 5.52 6.13
N CYS A 27 18.73 5.04 6.09
CA CYS A 27 17.58 5.74 6.70
C CYS A 27 17.64 5.67 8.24
N SER A 28 17.10 6.69 8.92
CA SER A 28 17.07 6.80 10.40
C SER A 28 15.73 7.35 10.93
N ARG A 29 14.64 6.63 10.63
CA ARG A 29 13.25 6.89 11.09
C ARG A 29 12.43 5.60 11.09
N PRO A 30 11.44 5.45 11.99
CA PRO A 30 10.52 4.31 11.95
C PRO A 30 9.54 4.49 10.78
N ASP A 31 8.92 3.39 10.34
CA ASP A 31 7.90 3.39 9.26
C ASP A 31 6.78 4.43 9.52
N THR A 32 6.46 4.64 10.81
CA THR A 32 5.46 5.58 11.33
C THR A 32 5.76 7.06 11.05
N GLU A 33 7.03 7.44 10.87
CA GLU A 33 7.45 8.84 10.67
C GLU A 33 8.17 9.13 9.34
N CYS A 34 8.63 8.10 8.63
CA CYS A 34 9.29 8.29 7.32
C CYS A 34 8.26 8.61 6.20
N LYS A 35 8.73 9.22 5.11
CA LYS A 35 7.93 9.61 3.93
C LYS A 35 7.51 8.42 3.07
N PHE A 36 8.14 7.25 3.25
CA PHE A 36 7.92 6.02 2.50
C PHE A 36 7.86 4.78 3.43
N ALA A 37 7.67 3.59 2.84
CA ALA A 37 7.49 2.35 3.59
C ALA A 37 8.82 1.61 3.88
N HIS A 38 8.88 0.94 5.03
CA HIS A 38 10.01 0.12 5.53
C HIS A 38 9.58 -1.35 5.76
N PRO A 39 9.32 -2.14 4.69
CA PRO A 39 8.86 -3.53 4.79
C PRO A 39 9.93 -4.52 5.26
N SER A 40 9.49 -5.72 5.65
CA SER A 40 10.32 -6.85 6.05
C SER A 40 10.47 -7.85 4.89
N LYS A 41 11.43 -8.77 4.99
CA LYS A 41 11.73 -9.80 3.97
C LYS A 41 10.54 -10.70 3.59
N SER A 42 9.59 -10.87 4.51
CA SER A 42 8.37 -11.67 4.32
C SER A 42 7.21 -10.91 3.66
N CYS A 43 7.31 -9.58 3.49
CA CYS A 43 6.25 -8.77 2.88
C CYS A 43 6.22 -8.88 1.34
N GLN A 44 5.11 -8.46 0.72
CA GLN A 44 4.86 -8.42 -0.73
C GLN A 44 5.65 -7.32 -1.47
N VAL A 45 6.95 -7.16 -1.15
CA VAL A 45 7.84 -6.16 -1.76
C VAL A 45 8.14 -6.53 -3.22
N GLU A 46 7.81 -5.64 -4.15
CA GLU A 46 7.99 -5.86 -5.60
C GLU A 46 8.19 -4.51 -6.33
N ASN A 47 9.17 -4.44 -7.24
CA ASN A 47 9.51 -3.24 -8.03
C ASN A 47 9.59 -1.91 -7.22
N GLY A 48 10.10 -1.97 -5.98
CA GLY A 48 10.23 -0.81 -5.08
C GLY A 48 8.92 -0.37 -4.39
N ARG A 49 7.87 -1.20 -4.42
CA ARG A 49 6.54 -0.95 -3.82
C ARG A 49 6.09 -2.15 -2.97
N VAL A 50 5.04 -1.96 -2.18
CA VAL A 50 4.36 -3.01 -1.40
C VAL A 50 2.86 -2.75 -1.49
N ILE A 51 2.07 -3.80 -1.71
CA ILE A 51 0.61 -3.70 -1.73
C ILE A 51 0.15 -3.56 -0.26
N ALA A 52 -0.69 -2.57 0.05
CA ALA A 52 -1.22 -2.34 1.40
C ALA A 52 -2.36 -3.31 1.77
N CYS A 53 -2.49 -3.61 3.06
CA CYS A 53 -3.54 -4.47 3.61
C CYS A 53 -4.87 -3.70 3.66
N PHE A 54 -5.82 -4.01 2.77
CA PHE A 54 -7.14 -3.35 2.70
C PHE A 54 -7.88 -3.46 4.05
N ASP A 55 -7.76 -4.59 4.76
CA ASP A 55 -8.35 -4.76 6.08
C ASP A 55 -7.69 -3.81 7.11
N SER A 56 -6.39 -3.52 6.98
CA SER A 56 -5.70 -2.50 7.80
C SER A 56 -6.17 -1.09 7.45
N LEU A 57 -6.40 -0.78 6.16
CA LEU A 57 -6.96 0.51 5.73
C LEU A 57 -8.36 0.75 6.33
N LYS A 58 -9.13 -0.33 6.54
CA LYS A 58 -10.45 -0.33 7.19
C LYS A 58 -10.36 -0.24 8.73
N GLY A 59 -9.15 -0.38 9.28
CA GLY A 59 -8.83 -0.28 10.71
C GLY A 59 -8.91 -1.58 11.51
N ARG A 60 -9.04 -2.75 10.86
CA ARG A 60 -9.10 -4.06 11.52
C ARG A 60 -8.65 -5.18 10.56
N CYS A 61 -7.35 -5.49 10.60
CA CYS A 61 -6.72 -6.58 9.85
C CYS A 61 -7.42 -7.93 10.14
N SER A 62 -7.67 -8.75 9.11
CA SER A 62 -8.37 -10.05 9.26
C SER A 62 -7.96 -11.16 8.27
N ARG A 63 -6.78 -11.05 7.64
CA ARG A 63 -6.23 -12.09 6.73
C ARG A 63 -5.51 -13.16 7.55
N GLU A 64 -5.88 -14.44 7.40
CA GLU A 64 -5.35 -15.58 8.17
C GLU A 64 -3.80 -15.73 8.16
N ASN A 65 -3.16 -15.23 7.11
CA ASN A 65 -1.71 -15.25 6.87
C ASN A 65 -1.36 -13.95 6.11
N CYS A 66 -1.25 -12.84 6.86
CA CYS A 66 -1.06 -11.50 6.31
C CYS A 66 0.41 -11.24 5.89
N LYS A 67 0.56 -10.71 4.68
CA LYS A 67 1.83 -10.44 3.97
C LYS A 67 1.92 -9.05 3.32
N TYR A 68 0.91 -8.21 3.50
CA TYR A 68 0.80 -6.86 2.95
C TYR A 68 1.31 -5.79 3.94
N LEU A 69 1.46 -4.54 3.48
CA LEU A 69 1.95 -3.43 4.30
C LEU A 69 0.81 -2.78 5.11
N HIS A 70 1.06 -2.51 6.39
CA HIS A 70 0.15 -1.77 7.28
C HIS A 70 0.65 -0.32 7.35
N PRO A 71 0.01 0.65 6.69
CA PRO A 71 0.49 2.04 6.68
C PRO A 71 0.06 2.85 7.91
N PRO A 72 0.91 3.79 8.39
CA PRO A 72 0.54 4.71 9.47
C PRO A 72 -0.51 5.73 8.97
N PRO A 73 -1.25 6.43 9.85
CA PRO A 73 -2.30 7.38 9.48
C PRO A 73 -1.98 8.34 8.31
N HIS A 74 -0.77 8.92 8.23
CA HIS A 74 -0.41 9.82 7.13
C HIS A 74 -0.33 9.11 5.77
N LEU A 75 0.30 7.93 5.69
CA LEU A 75 0.34 7.14 4.44
C LEU A 75 -1.03 6.51 4.14
N LYS A 76 -1.80 6.12 5.17
CA LYS A 76 -3.18 5.60 5.04
C LYS A 76 -4.09 6.66 4.41
N THR A 77 -3.92 7.92 4.78
CA THR A 77 -4.64 9.06 4.18
C THR A 77 -4.21 9.27 2.73
N GLN A 78 -2.90 9.16 2.42
CA GLN A 78 -2.42 9.25 1.04
C GLN A 78 -2.97 8.11 0.18
N LEU A 79 -3.13 6.90 0.74
CA LEU A 79 -3.72 5.74 0.07
C LEU A 79 -5.19 6.06 -0.30
N GLU A 80 -5.98 6.58 0.65
CA GLU A 80 -7.37 6.97 0.40
C GLU A 80 -7.49 8.02 -0.71
N ILE A 81 -6.60 9.02 -0.72
CA ILE A 81 -6.54 10.06 -1.76
C ILE A 81 -6.19 9.45 -3.13
N ASN A 82 -5.16 8.59 -3.20
CA ASN A 82 -4.77 7.90 -4.44
C ASN A 82 -5.90 6.99 -4.96
N GLY A 83 -6.57 6.26 -4.06
CA GLY A 83 -7.70 5.40 -4.39
C GLY A 83 -8.83 6.21 -5.03
N ARG A 84 -9.32 7.25 -4.35
CA ARG A 84 -10.37 8.12 -4.88
C ARG A 84 -9.98 8.83 -6.17
N ASN A 85 -8.72 9.26 -6.32
CA ASN A 85 -8.22 9.88 -7.56
C ASN A 85 -8.37 8.94 -8.78
N ASN A 86 -8.01 7.66 -8.63
CA ASN A 86 -8.17 6.65 -9.68
C ASN A 86 -9.65 6.30 -9.92
N LEU A 87 -10.44 6.20 -8.83
CA LEU A 87 -11.86 5.88 -8.81
C LEU A 87 -12.76 6.90 -9.54
N ILE A 88 -12.32 8.16 -9.67
CA ILE A 88 -13.08 9.23 -10.38
C ILE A 88 -13.22 8.90 -11.88
N GLN A 89 -12.20 8.29 -12.50
CA GLN A 89 -12.10 7.83 -13.91
C GLN A 89 -12.19 8.94 -14.98
N GLN A 90 -11.40 8.81 -16.05
CA GLN A 90 -11.37 9.76 -17.19
C GLN A 90 -12.65 9.72 -18.06
N LYS A 91 -13.37 8.58 -18.06
CA LYS A 91 -14.61 8.34 -18.83
C LYS A 91 -15.84 9.06 -18.25
N ASN A 92 -15.75 9.46 -16.97
CA ASN A 92 -16.80 10.14 -16.21
C ASN A 92 -17.24 11.48 -16.82
N MET A 1 -17.31 -22.99 -4.80
CA MET A 1 -18.74 -22.75 -5.04
C MET A 1 -19.35 -21.70 -4.10
N ALA A 2 -18.55 -21.15 -3.17
CA ALA A 2 -18.96 -20.16 -2.16
C ALA A 2 -17.99 -18.96 -2.04
N VAL A 3 -16.94 -18.90 -2.86
CA VAL A 3 -15.91 -17.83 -2.90
C VAL A 3 -15.50 -17.57 -4.35
N SER A 4 -15.23 -16.31 -4.68
CA SER A 4 -14.81 -15.84 -6.01
C SER A 4 -14.10 -14.48 -5.95
N VAL A 5 -13.48 -14.07 -7.07
CA VAL A 5 -12.75 -12.80 -7.24
C VAL A 5 -13.08 -12.20 -8.62
N THR A 6 -13.08 -10.87 -8.73
CA THR A 6 -13.40 -10.13 -9.96
C THR A 6 -12.40 -10.45 -11.09
N PRO A 7 -12.83 -10.68 -12.35
CA PRO A 7 -11.94 -11.00 -13.47
C PRO A 7 -10.72 -10.08 -13.62
N ILE A 8 -10.93 -8.77 -13.51
CA ILE A 8 -9.87 -7.74 -13.49
C ILE A 8 -9.90 -6.94 -12.19
N ARG A 9 -8.71 -6.51 -11.75
CA ARG A 9 -8.41 -5.70 -10.56
C ARG A 9 -7.18 -4.81 -10.81
N ASP A 10 -6.86 -3.90 -9.89
CA ASP A 10 -5.77 -2.93 -10.07
C ASP A 10 -4.98 -2.65 -8.76
N THR A 11 -3.83 -3.28 -8.59
CA THR A 11 -2.96 -3.09 -7.41
C THR A 11 -2.39 -1.68 -7.22
N LYS A 12 -2.37 -0.82 -8.25
CA LYS A 12 -1.78 0.53 -8.17
C LYS A 12 -2.43 1.41 -7.09
N TRP A 13 -3.71 1.19 -6.80
CA TRP A 13 -4.44 1.95 -5.77
C TRP A 13 -4.16 1.40 -4.35
N LEU A 14 -3.60 0.19 -4.23
CA LEU A 14 -3.25 -0.47 -2.96
C LEU A 14 -1.74 -0.48 -2.67
N THR A 15 -0.87 -0.20 -3.64
CA THR A 15 0.59 -0.15 -3.42
C THR A 15 1.06 1.17 -2.79
N LEU A 16 2.17 1.09 -2.03
CA LEU A 16 2.91 2.21 -1.44
C LEU A 16 4.41 2.02 -1.74
N GLU A 17 5.16 3.12 -1.83
CA GLU A 17 6.57 3.11 -2.20
C GLU A 17 7.51 2.95 -0.98
N VAL A 18 8.55 2.13 -1.17
CA VAL A 18 9.60 1.85 -0.18
C VAL A 18 10.61 3.00 -0.16
N CYS A 19 11.08 3.39 1.03
CA CYS A 19 12.07 4.46 1.22
C CYS A 19 13.35 4.20 0.42
N ARG A 20 13.79 5.20 -0.34
CA ARG A 20 14.94 5.11 -1.25
C ARG A 20 16.26 4.87 -0.50
N GLU A 21 16.37 5.43 0.71
CA GLU A 21 17.51 5.27 1.60
C GLU A 21 17.47 3.94 2.38
N PHE A 22 16.28 3.42 2.72
CA PHE A 22 16.12 2.13 3.40
C PHE A 22 16.65 0.97 2.54
N GLN A 23 16.41 1.03 1.22
CA GLN A 23 16.91 0.08 0.22
C GLN A 23 18.44 0.01 0.14
N ARG A 24 19.15 1.00 0.72
CA ARG A 24 20.62 1.10 0.79
C ARG A 24 21.15 1.06 2.24
N GLY A 25 20.26 0.94 3.24
CA GLY A 25 20.58 0.90 4.67
C GLY A 25 20.99 2.25 5.28
N THR A 26 20.73 3.36 4.57
CA THR A 26 21.11 4.73 4.99
C THR A 26 20.05 5.39 5.88
N CYS A 27 18.77 5.03 5.75
CA CYS A 27 17.67 5.59 6.55
C CYS A 27 17.77 5.19 8.04
N SER A 28 17.46 6.12 8.94
CA SER A 28 17.49 5.95 10.41
C SER A 28 16.29 6.62 11.10
N ARG A 29 15.08 6.18 10.73
CA ARG A 29 13.78 6.68 11.22
C ARG A 29 12.73 5.54 11.15
N PRO A 30 11.80 5.41 12.12
CA PRO A 30 10.78 4.36 12.08
C PRO A 30 9.76 4.59 10.95
N ASP A 31 9.14 3.50 10.48
CA ASP A 31 8.09 3.51 9.44
C ASP A 31 6.95 4.51 9.74
N THR A 32 6.64 4.69 11.03
CA THR A 32 5.62 5.58 11.58
C THR A 32 5.88 7.07 11.35
N GLU A 33 7.13 7.48 11.12
CA GLU A 33 7.53 8.88 10.95
C GLU A 33 8.17 9.19 9.60
N CYS A 34 8.71 8.18 8.89
CA CYS A 34 9.32 8.37 7.58
C CYS A 34 8.27 8.68 6.48
N LYS A 35 8.71 9.33 5.40
CA LYS A 35 7.89 9.72 4.24
C LYS A 35 7.43 8.53 3.39
N PHE A 36 8.13 7.40 3.49
CA PHE A 36 7.92 6.18 2.71
C PHE A 36 7.90 4.92 3.60
N ALA A 37 7.72 3.74 2.99
CA ALA A 37 7.56 2.47 3.69
C ALA A 37 8.88 1.73 3.97
N HIS A 38 8.96 1.03 5.11
CA HIS A 38 10.08 0.22 5.59
C HIS A 38 9.64 -1.26 5.79
N PRO A 39 9.42 -2.04 4.72
CA PRO A 39 8.96 -3.44 4.78
C PRO A 39 10.00 -4.43 5.32
N SER A 40 9.53 -5.63 5.68
CA SER A 40 10.32 -6.75 6.17
C SER A 40 10.58 -7.78 5.08
N LYS A 41 11.45 -8.76 5.37
CA LYS A 41 11.76 -9.89 4.45
C LYS A 41 10.54 -10.75 4.06
N SER A 42 9.47 -10.70 4.86
CA SER A 42 8.22 -11.45 4.65
C SER A 42 7.17 -10.68 3.84
N CYS A 43 7.31 -9.36 3.69
CA CYS A 43 6.38 -8.52 2.93
C CYS A 43 6.45 -8.81 1.42
N GLN A 44 5.35 -8.58 0.70
CA GLN A 44 5.25 -8.74 -0.76
C GLN A 44 5.90 -7.57 -1.54
N VAL A 45 7.16 -7.26 -1.22
CA VAL A 45 7.95 -6.17 -1.83
C VAL A 45 8.34 -6.53 -3.27
N GLU A 46 8.11 -5.62 -4.22
CA GLU A 46 8.45 -5.78 -5.64
C GLU A 46 8.68 -4.42 -6.32
N ASN A 47 9.74 -4.30 -7.13
CA ASN A 47 10.12 -3.10 -7.89
C ASN A 47 10.07 -1.78 -7.06
N GLY A 48 10.47 -1.82 -5.78
CA GLY A 48 10.47 -0.67 -4.87
C GLY A 48 9.10 -0.29 -4.29
N ARG A 49 8.09 -1.15 -4.43
CA ARG A 49 6.71 -0.98 -3.95
C ARG A 49 6.26 -2.17 -3.09
N VAL A 50 5.21 -2.00 -2.31
CA VAL A 50 4.59 -3.08 -1.50
C VAL A 50 3.08 -2.89 -1.54
N ILE A 51 2.33 -3.99 -1.64
CA ILE A 51 0.87 -3.97 -1.54
C ILE A 51 0.51 -3.77 -0.05
N ALA A 52 -0.36 -2.81 0.26
CA ALA A 52 -0.80 -2.52 1.63
C ALA A 52 -2.07 -3.32 2.00
N CYS A 53 -2.23 -3.67 3.28
CA CYS A 53 -3.36 -4.45 3.80
C CYS A 53 -4.70 -3.67 3.73
N PHE A 54 -5.60 -4.08 2.83
CA PHE A 54 -6.93 -3.47 2.64
C PHE A 54 -7.75 -3.51 3.94
N ASP A 55 -7.71 -4.64 4.65
CA ASP A 55 -8.40 -4.80 5.93
C ASP A 55 -7.88 -3.78 6.99
N SER A 56 -6.56 -3.63 7.12
CA SER A 56 -5.95 -2.64 8.02
C SER A 56 -6.23 -1.20 7.58
N LEU A 57 -6.20 -0.91 6.27
CA LEU A 57 -6.51 0.40 5.68
C LEU A 57 -7.93 0.88 6.04
N LYS A 58 -8.88 -0.04 6.21
CA LYS A 58 -10.27 0.22 6.61
C LYS A 58 -10.49 0.16 8.14
N GLY A 59 -9.40 0.05 8.91
CA GLY A 59 -9.38 0.12 10.38
C GLY A 59 -9.53 -1.19 11.16
N ARG A 60 -9.60 -2.34 10.49
CA ARG A 60 -9.70 -3.66 11.14
C ARG A 60 -9.08 -4.77 10.29
N CYS A 61 -7.81 -5.04 10.55
CA CYS A 61 -7.03 -6.10 9.92
C CYS A 61 -7.68 -7.47 10.20
N SER A 62 -7.91 -8.27 9.16
CA SER A 62 -8.57 -9.58 9.25
C SER A 62 -8.19 -10.56 8.12
N ARG A 63 -7.06 -10.33 7.43
CA ARG A 63 -6.56 -11.21 6.36
C ARG A 63 -6.13 -12.57 6.94
N GLU A 64 -6.63 -13.66 6.36
CA GLU A 64 -6.35 -15.04 6.82
C GLU A 64 -4.85 -15.41 6.77
N ASN A 65 -4.06 -14.73 5.92
CA ASN A 65 -2.61 -14.84 5.78
C ASN A 65 -2.05 -13.44 5.46
N CYS A 66 -1.85 -12.61 6.50
CA CYS A 66 -1.43 -11.22 6.34
C CYS A 66 0.10 -11.14 6.10
N LYS A 67 0.45 -10.71 4.88
CA LYS A 67 1.81 -10.59 4.32
C LYS A 67 2.04 -9.25 3.60
N TYR A 68 1.14 -8.30 3.82
CA TYR A 68 1.12 -6.95 3.23
C TYR A 68 1.66 -5.89 4.19
N LEU A 69 1.87 -4.67 3.70
CA LEU A 69 2.42 -3.55 4.49
C LEU A 69 1.30 -2.84 5.27
N HIS A 70 1.57 -2.55 6.55
CA HIS A 70 0.70 -1.74 7.40
C HIS A 70 1.34 -0.35 7.53
N PRO A 71 0.81 0.70 6.85
CA PRO A 71 1.38 2.05 6.90
C PRO A 71 0.77 2.90 8.03
N PRO A 72 1.43 4.01 8.45
CA PRO A 72 0.92 4.93 9.46
C PRO A 72 -0.25 5.79 8.93
N PRO A 73 -1.06 6.42 9.79
CA PRO A 73 -2.22 7.25 9.42
C PRO A 73 -2.01 8.24 8.25
N HIS A 74 -0.87 8.95 8.18
CA HIS A 74 -0.59 9.88 7.08
C HIS A 74 -0.47 9.17 5.72
N LEU A 75 0.15 7.99 5.68
CA LEU A 75 0.24 7.17 4.47
C LEU A 75 -1.08 6.42 4.20
N LYS A 76 -1.86 6.04 5.23
CA LYS A 76 -3.21 5.48 5.05
C LYS A 76 -4.10 6.51 4.33
N THR A 77 -4.02 7.78 4.74
CA THR A 77 -4.74 8.89 4.09
C THR A 77 -4.30 9.05 2.63
N GLN A 78 -2.99 9.00 2.35
CA GLN A 78 -2.48 9.09 0.96
C GLN A 78 -3.00 7.92 0.10
N LEU A 79 -3.11 6.72 0.67
CA LEU A 79 -3.65 5.53 0.01
C LEU A 79 -5.15 5.71 -0.27
N GLU A 80 -5.93 6.21 0.69
CA GLU A 80 -7.36 6.51 0.49
C GLU A 80 -7.57 7.58 -0.60
N ILE A 81 -6.68 8.58 -0.69
CA ILE A 81 -6.72 9.59 -1.76
C ILE A 81 -6.46 8.91 -3.12
N ASN A 82 -5.42 8.06 -3.22
CA ASN A 82 -5.10 7.28 -4.43
C ASN A 82 -6.31 6.43 -4.86
N GLY A 83 -6.92 5.70 -3.92
CA GLY A 83 -8.10 4.87 -4.16
C GLY A 83 -9.33 5.66 -4.61
N ARG A 84 -9.72 6.71 -3.89
CA ARG A 84 -10.87 7.56 -4.29
C ARG A 84 -10.65 8.19 -5.66
N ASN A 85 -9.44 8.64 -5.97
CA ASN A 85 -9.09 9.17 -7.30
C ASN A 85 -9.22 8.08 -8.39
N ASN A 86 -8.88 6.82 -8.07
CA ASN A 86 -9.03 5.69 -8.99
C ASN A 86 -10.50 5.30 -9.21
N LEU A 87 -11.38 5.44 -8.20
CA LEU A 87 -12.84 5.25 -8.37
C LEU A 87 -13.40 6.31 -9.34
N ILE A 88 -12.94 7.56 -9.21
CA ILE A 88 -13.26 8.69 -10.11
C ILE A 88 -12.66 8.47 -11.51
N GLN A 89 -11.58 7.67 -11.61
CA GLN A 89 -10.84 7.29 -12.82
C GLN A 89 -10.31 8.51 -13.61
N GLN A 90 -9.88 9.55 -12.89
CA GLN A 90 -9.35 10.81 -13.47
C GLN A 90 -8.21 10.60 -14.49
N LYS A 91 -7.41 9.53 -14.34
CA LYS A 91 -6.31 9.15 -15.23
C LYS A 91 -6.74 8.86 -16.68
N ASN A 92 -7.99 8.40 -16.89
CA ASN A 92 -8.55 8.10 -18.21
C ASN A 92 -8.70 9.37 -19.08
N MET A 1 -29.48 0.55 -16.09
CA MET A 1 -29.36 0.63 -14.62
C MET A 1 -30.16 -0.45 -13.86
N ALA A 2 -30.90 -1.29 -14.58
CA ALA A 2 -31.72 -2.38 -14.01
C ALA A 2 -30.91 -3.51 -13.33
N VAL A 3 -29.60 -3.61 -13.64
CA VAL A 3 -28.66 -4.61 -13.10
C VAL A 3 -27.28 -3.98 -12.84
N SER A 4 -26.44 -4.65 -12.05
CA SER A 4 -25.08 -4.22 -11.68
C SER A 4 -24.16 -5.41 -11.38
N VAL A 5 -22.85 -5.15 -11.27
CA VAL A 5 -21.78 -6.13 -10.97
C VAL A 5 -20.72 -5.55 -10.03
N THR A 6 -19.92 -6.42 -9.41
CA THR A 6 -18.83 -6.05 -8.48
C THR A 6 -17.75 -5.20 -9.19
N PRO A 7 -17.25 -4.10 -8.59
CA PRO A 7 -16.18 -3.27 -9.16
C PRO A 7 -14.90 -4.04 -9.50
N ILE A 8 -14.01 -3.43 -10.29
CA ILE A 8 -12.71 -4.01 -10.68
C ILE A 8 -11.66 -3.87 -9.57
N ARG A 9 -10.66 -4.74 -9.65
CA ARG A 9 -9.53 -4.85 -8.71
C ARG A 9 -8.21 -4.48 -9.38
N ASP A 10 -7.41 -3.69 -8.68
CA ASP A 10 -6.13 -3.15 -9.15
C ASP A 10 -5.18 -2.88 -7.97
N THR A 11 -3.96 -3.42 -7.98
CA THR A 11 -2.97 -3.16 -6.92
C THR A 11 -2.44 -1.72 -6.92
N LYS A 12 -2.53 -1.00 -8.05
CA LYS A 12 -2.03 0.38 -8.20
C LYS A 12 -2.60 1.39 -7.20
N TRP A 13 -3.86 1.20 -6.78
CA TRP A 13 -4.49 2.07 -5.78
C TRP A 13 -4.12 1.69 -4.34
N LEU A 14 -3.69 0.44 -4.12
CA LEU A 14 -3.25 -0.10 -2.83
C LEU A 14 -1.72 0.00 -2.63
N THR A 15 -0.91 0.28 -3.66
CA THR A 15 0.56 0.34 -3.51
C THR A 15 1.09 1.67 -2.93
N LEU A 16 2.20 1.56 -2.19
CA LEU A 16 2.97 2.65 -1.58
C LEU A 16 4.46 2.39 -1.80
N GLU A 17 5.24 3.43 -2.11
CA GLU A 17 6.68 3.34 -2.40
C GLU A 17 7.55 3.04 -1.16
N VAL A 18 8.63 2.30 -1.38
CA VAL A 18 9.65 1.92 -0.37
C VAL A 18 10.72 3.01 -0.27
N CYS A 19 11.18 3.31 0.94
CA CYS A 19 12.20 4.32 1.23
C CYS A 19 13.54 3.97 0.56
N ARG A 20 14.11 4.90 -0.23
CA ARG A 20 15.40 4.73 -0.91
C ARG A 20 16.55 4.51 0.07
N GLU A 21 16.55 5.24 1.18
CA GLU A 21 17.56 5.10 2.24
C GLU A 21 17.41 3.76 3.00
N PHE A 22 16.21 3.19 3.07
CA PHE A 22 15.99 1.86 3.67
C PHE A 22 16.60 0.77 2.79
N GLN A 23 16.41 0.86 1.47
CA GLN A 23 17.03 -0.06 0.49
C GLN A 23 18.57 0.07 0.50
N ARG A 24 19.09 1.29 0.66
CA ARG A 24 20.52 1.63 0.79
C ARG A 24 21.13 1.15 2.12
N GLY A 25 20.30 0.91 3.14
CA GLY A 25 20.71 0.48 4.48
C GLY A 25 21.22 1.62 5.37
N THR A 26 20.68 2.84 5.19
CA THR A 26 21.08 4.07 5.90
C THR A 26 19.94 4.79 6.64
N CYS A 27 18.67 4.54 6.31
CA CYS A 27 17.52 5.16 6.99
C CYS A 27 17.49 4.77 8.50
N SER A 28 17.14 5.74 9.36
CA SER A 28 17.09 5.57 10.83
C SER A 28 15.85 6.22 11.44
N ARG A 29 14.66 5.77 11.01
CA ARG A 29 13.33 6.20 11.46
C ARG A 29 12.32 5.04 11.34
N PRO A 30 11.28 4.97 12.19
CA PRO A 30 10.27 3.93 12.09
C PRO A 30 9.34 4.20 10.90
N ASP A 31 8.71 3.14 10.37
CA ASP A 31 7.74 3.23 9.27
C ASP A 31 6.62 4.26 9.56
N THR A 32 6.27 4.39 10.85
CA THR A 32 5.26 5.31 11.39
C THR A 32 5.57 6.80 11.19
N GLU A 33 6.84 7.17 11.03
CA GLU A 33 7.28 8.58 10.90
C GLU A 33 8.00 8.89 9.57
N CYS A 34 8.54 7.88 8.88
CA CYS A 34 9.23 8.09 7.61
C CYS A 34 8.23 8.43 6.47
N LYS A 35 8.70 9.15 5.44
CA LYS A 35 7.91 9.59 4.27
C LYS A 35 7.54 8.47 3.28
N PHE A 36 8.13 7.29 3.44
CA PHE A 36 7.93 6.09 2.60
C PHE A 36 7.85 4.80 3.46
N ALA A 37 7.68 3.65 2.81
CA ALA A 37 7.48 2.37 3.48
C ALA A 37 8.79 1.60 3.77
N HIS A 38 8.81 0.87 4.88
CA HIS A 38 9.91 0.02 5.37
C HIS A 38 9.43 -1.45 5.48
N PRO A 39 9.36 -2.20 4.35
CA PRO A 39 8.87 -3.58 4.33
C PRO A 39 9.74 -4.60 5.08
N SER A 40 9.15 -5.78 5.31
CA SER A 40 9.77 -6.94 5.96
C SER A 40 10.09 -8.04 4.94
N LYS A 41 10.74 -9.12 5.39
CA LYS A 41 11.05 -10.29 4.55
C LYS A 41 9.79 -11.03 4.06
N SER A 42 8.65 -10.82 4.72
CA SER A 42 7.36 -11.42 4.38
C SER A 42 6.51 -10.53 3.44
N CYS A 43 6.82 -9.24 3.33
CA CYS A 43 6.09 -8.32 2.46
C CYS A 43 6.28 -8.69 0.98
N GLN A 44 5.19 -8.64 0.19
CA GLN A 44 5.21 -8.92 -1.25
C GLN A 44 5.69 -7.69 -2.08
N VAL A 45 6.87 -7.19 -1.74
CA VAL A 45 7.52 -6.02 -2.35
C VAL A 45 7.84 -6.27 -3.83
N GLU A 46 7.53 -5.30 -4.70
CA GLU A 46 7.81 -5.36 -6.15
C GLU A 46 7.93 -3.95 -6.77
N ASN A 47 8.79 -3.79 -7.78
CA ASN A 47 9.05 -2.54 -8.51
C ASN A 47 9.26 -1.28 -7.61
N GLY A 48 9.83 -1.47 -6.40
CA GLY A 48 10.06 -0.39 -5.43
C GLY A 48 8.83 0.02 -4.62
N ARG A 49 7.75 -0.77 -4.63
CA ARG A 49 6.47 -0.54 -3.92
C ARG A 49 6.06 -1.78 -3.12
N VAL A 50 5.10 -1.60 -2.20
CA VAL A 50 4.47 -2.68 -1.42
C VAL A 50 2.97 -2.45 -1.51
N ILE A 51 2.19 -3.52 -1.67
CA ILE A 51 0.73 -3.45 -1.68
C ILE A 51 0.29 -3.35 -0.21
N ALA A 52 -0.51 -2.34 0.15
CA ALA A 52 -1.01 -2.12 1.50
C ALA A 52 -2.19 -3.04 1.85
N CYS A 53 -2.31 -3.40 3.13
CA CYS A 53 -3.35 -4.27 3.68
C CYS A 53 -4.72 -3.56 3.68
N PHE A 54 -5.66 -4.03 2.84
CA PHE A 54 -7.02 -3.50 2.72
C PHE A 54 -7.77 -3.57 4.07
N ASP A 55 -7.58 -4.65 4.84
CA ASP A 55 -8.19 -4.81 6.16
C ASP A 55 -7.56 -3.88 7.21
N SER A 56 -6.26 -3.55 7.08
CA SER A 56 -5.59 -2.55 7.92
C SER A 56 -6.16 -1.15 7.63
N LEU A 57 -6.38 -0.83 6.35
CA LEU A 57 -7.00 0.43 5.91
C LEU A 57 -8.45 0.55 6.43
N LYS A 58 -9.16 -0.59 6.55
CA LYS A 58 -10.51 -0.69 7.15
C LYS A 58 -10.46 -0.58 8.69
N GLY A 59 -9.27 -0.61 9.30
CA GLY A 59 -9.01 -0.45 10.73
C GLY A 59 -9.01 -1.74 11.56
N ARG A 60 -9.13 -2.92 10.95
CA ARG A 60 -9.12 -4.22 11.64
C ARG A 60 -8.65 -5.34 10.72
N CYS A 61 -7.33 -5.60 10.76
CA CYS A 61 -6.68 -6.67 9.99
C CYS A 61 -7.34 -8.04 10.26
N SER A 62 -7.62 -8.81 9.21
CA SER A 62 -8.37 -10.09 9.27
C SER A 62 -7.77 -11.23 8.43
N ARG A 63 -6.45 -11.21 8.22
CA ARG A 63 -5.68 -12.21 7.47
C ARG A 63 -4.66 -12.90 8.38
N GLU A 64 -4.85 -14.20 8.65
CA GLU A 64 -4.01 -15.01 9.55
C GLU A 64 -2.53 -15.17 9.11
N ASN A 65 -2.25 -14.92 7.83
CA ASN A 65 -0.93 -14.97 7.19
C ASN A 65 -0.76 -13.71 6.33
N CYS A 66 -0.67 -12.56 7.00
CA CYS A 66 -0.63 -11.23 6.37
C CYS A 66 0.79 -10.95 5.83
N LYS A 67 0.83 -10.55 4.56
CA LYS A 67 2.02 -10.35 3.71
C LYS A 67 2.02 -9.00 2.96
N TYR A 68 1.22 -8.05 3.44
CA TYR A 68 1.04 -6.71 2.91
C TYR A 68 1.56 -5.65 3.91
N LEU A 69 1.69 -4.39 3.47
CA LEU A 69 2.17 -3.28 4.30
C LEU A 69 1.02 -2.67 5.13
N HIS A 70 1.26 -2.41 6.42
CA HIS A 70 0.31 -1.68 7.29
C HIS A 70 0.75 -0.20 7.32
N PRO A 71 0.06 0.72 6.61
CA PRO A 71 0.47 2.13 6.56
C PRO A 71 0.01 2.94 7.80
N PRO A 72 0.81 3.90 8.29
CA PRO A 72 0.42 4.80 9.38
C PRO A 72 -0.60 5.85 8.89
N PRO A 73 -1.34 6.52 9.78
CA PRO A 73 -2.36 7.52 9.43
C PRO A 73 -1.96 8.53 8.34
N HIS A 74 -0.73 9.09 8.37
CA HIS A 74 -0.29 10.05 7.33
C HIS A 74 -0.20 9.43 5.92
N LEU A 75 0.13 8.13 5.81
CA LEU A 75 0.13 7.41 4.53
C LEU A 75 -1.27 6.87 4.18
N LYS A 76 -2.14 6.58 5.16
CA LYS A 76 -3.54 6.20 4.89
C LYS A 76 -4.26 7.30 4.09
N THR A 77 -4.00 8.57 4.39
CA THR A 77 -4.54 9.70 3.63
C THR A 77 -4.07 9.67 2.17
N GLN A 78 -2.78 9.41 1.93
CA GLN A 78 -2.23 9.28 0.57
C GLN A 78 -2.86 8.08 -0.18
N LEU A 79 -3.11 6.98 0.53
CA LEU A 79 -3.77 5.78 0.02
C LEU A 79 -5.22 6.10 -0.41
N GLU A 80 -5.98 6.84 0.41
CA GLU A 80 -7.35 7.26 0.08
C GLU A 80 -7.39 8.17 -1.17
N ILE A 81 -6.44 9.10 -1.28
CA ILE A 81 -6.28 9.98 -2.45
C ILE A 81 -5.96 9.15 -3.70
N ASN A 82 -5.00 8.21 -3.61
CA ASN A 82 -4.66 7.27 -4.69
C ASN A 82 -5.89 6.43 -5.08
N GLY A 83 -6.67 5.98 -4.09
CA GLY A 83 -7.90 5.22 -4.25
C GLY A 83 -8.89 5.94 -5.17
N ARG A 84 -9.32 7.16 -4.81
CA ARG A 84 -10.23 7.92 -5.67
C ARG A 84 -9.61 8.30 -7.02
N ASN A 85 -8.33 8.67 -7.07
CA ASN A 85 -7.67 9.00 -8.35
C ASN A 85 -7.65 7.81 -9.32
N ASN A 86 -7.36 6.60 -8.83
CA ASN A 86 -7.37 5.38 -9.63
C ASN A 86 -8.80 4.99 -10.05
N LEU A 87 -9.78 5.19 -9.17
CA LEU A 87 -11.22 4.97 -9.40
C LEU A 87 -11.77 5.91 -10.48
N ILE A 88 -11.32 7.18 -10.48
CA ILE A 88 -11.60 8.20 -11.51
C ILE A 88 -10.91 7.82 -12.84
N GLN A 89 -9.90 6.95 -12.79
CA GLN A 89 -9.09 6.45 -13.93
C GLN A 89 -8.26 7.55 -14.60
N GLN A 90 -7.86 8.56 -13.81
CA GLN A 90 -7.07 9.72 -14.25
C GLN A 90 -5.70 9.32 -14.86
N LYS A 91 -5.12 8.20 -14.40
CA LYS A 91 -3.82 7.67 -14.88
C LYS A 91 -3.83 7.21 -16.35
N ASN A 92 -5.01 6.95 -16.91
CA ASN A 92 -5.21 6.50 -18.30
C ASN A 92 -4.57 7.46 -19.33
N MET A 1 -31.66 1.62 -13.36
CA MET A 1 -31.54 0.29 -12.75
C MET A 1 -31.74 -0.87 -13.75
N ALA A 2 -32.14 -0.57 -15.00
CA ALA A 2 -32.40 -1.53 -16.07
C ALA A 2 -31.14 -2.28 -16.58
N VAL A 3 -29.94 -1.77 -16.29
CA VAL A 3 -28.64 -2.34 -16.70
C VAL A 3 -27.54 -1.98 -15.70
N SER A 4 -26.50 -2.82 -15.63
CA SER A 4 -25.32 -2.69 -14.76
C SER A 4 -24.15 -3.53 -15.30
N VAL A 5 -23.00 -3.51 -14.61
CA VAL A 5 -21.78 -4.28 -14.95
C VAL A 5 -21.00 -4.70 -13.70
N THR A 6 -20.32 -5.84 -13.80
CA THR A 6 -19.48 -6.43 -12.74
C THR A 6 -18.28 -5.51 -12.42
N PRO A 7 -17.94 -5.25 -11.14
CA PRO A 7 -16.81 -4.40 -10.78
C PRO A 7 -15.45 -5.02 -11.13
N ILE A 8 -14.42 -4.19 -11.19
CA ILE A 8 -13.01 -4.55 -11.47
C ILE A 8 -12.09 -4.15 -10.30
N ARG A 9 -10.91 -4.77 -10.24
CA ARG A 9 -9.90 -4.59 -9.17
C ARG A 9 -8.53 -4.20 -9.73
N ASP A 10 -7.72 -3.48 -8.95
CA ASP A 10 -6.43 -2.94 -9.39
C ASP A 10 -5.43 -2.71 -8.22
N THR A 11 -4.40 -3.54 -8.10
CA THR A 11 -3.36 -3.40 -7.04
C THR A 11 -2.62 -2.04 -7.03
N LYS A 12 -2.63 -1.31 -8.16
CA LYS A 12 -1.99 0.01 -8.33
C LYS A 12 -2.50 1.07 -7.34
N TRP A 13 -3.75 0.97 -6.90
CA TRP A 13 -4.31 1.89 -5.90
C TRP A 13 -4.02 1.43 -4.47
N LEU A 14 -3.89 0.11 -4.25
CA LEU A 14 -3.55 -0.49 -2.95
C LEU A 14 -2.05 -0.38 -2.62
N THR A 15 -1.16 -0.12 -3.60
CA THR A 15 0.29 -0.07 -3.35
C THR A 15 0.82 1.23 -2.73
N LEU A 16 1.90 1.10 -1.95
CA LEU A 16 2.66 2.18 -1.31
C LEU A 16 4.16 1.96 -1.59
N GLU A 17 4.87 3.04 -1.93
CA GLU A 17 6.30 2.99 -2.27
C GLU A 17 7.21 2.81 -1.04
N VAL A 18 8.34 2.14 -1.25
CA VAL A 18 9.39 1.88 -0.26
C VAL A 18 10.44 2.99 -0.29
N CYS A 19 10.90 3.44 0.88
CA CYS A 19 11.91 4.47 1.02
C CYS A 19 13.24 4.06 0.34
N ARG A 20 13.71 4.90 -0.59
CA ARG A 20 14.94 4.62 -1.36
C ARG A 20 16.19 4.59 -0.46
N GLU A 21 16.25 5.48 0.54
CA GLU A 21 17.35 5.53 1.50
C GLU A 21 17.34 4.33 2.46
N PHE A 22 16.18 3.72 2.73
CA PHE A 22 16.08 2.50 3.55
C PHE A 22 16.69 1.31 2.79
N GLN A 23 16.39 1.18 1.49
CA GLN A 23 16.97 0.14 0.63
C GLN A 23 18.49 0.35 0.45
N ARG A 24 18.96 1.61 0.40
CA ARG A 24 20.38 1.98 0.30
C ARG A 24 21.15 1.80 1.61
N GLY A 25 20.45 1.62 2.74
CA GLY A 25 21.04 1.43 4.08
C GLY A 25 21.48 2.74 4.74
N THR A 26 20.75 3.84 4.51
CA THR A 26 21.05 5.20 4.99
C THR A 26 19.92 5.85 5.81
N CYS A 27 18.65 5.50 5.56
CA CYS A 27 17.51 6.06 6.31
C CYS A 27 17.59 5.71 7.81
N SER A 28 17.23 6.68 8.66
CA SER A 28 17.26 6.57 10.13
C SER A 28 16.02 7.21 10.77
N ARG A 29 14.84 6.69 10.41
CA ARG A 29 13.50 7.10 10.89
C ARG A 29 12.57 5.88 10.96
N PRO A 30 11.62 5.83 11.91
CA PRO A 30 10.64 4.74 11.98
C PRO A 30 9.62 4.87 10.84
N ASP A 31 9.01 3.75 10.43
CA ASP A 31 7.97 3.73 9.38
C ASP A 31 6.82 4.73 9.69
N THR A 32 6.52 4.90 10.97
CA THR A 32 5.52 5.83 11.53
C THR A 32 5.77 7.31 11.24
N GLU A 33 7.02 7.71 10.97
CA GLU A 33 7.40 9.11 10.71
C GLU A 33 8.04 9.36 9.35
N CYS A 34 8.55 8.33 8.66
CA CYS A 34 9.15 8.48 7.32
C CYS A 34 8.06 8.61 6.24
N LYS A 35 8.32 9.40 5.18
CA LYS A 35 7.38 9.69 4.06
C LYS A 35 7.00 8.47 3.21
N PHE A 36 7.73 7.36 3.33
CA PHE A 36 7.54 6.12 2.59
C PHE A 36 7.61 4.88 3.51
N ALA A 37 7.46 3.67 2.93
CA ALA A 37 7.38 2.43 3.70
C ALA A 37 8.75 1.76 3.94
N HIS A 38 8.88 1.11 5.10
CA HIS A 38 10.05 0.34 5.55
C HIS A 38 9.67 -1.14 5.82
N PRO A 39 9.31 -1.92 4.79
CA PRO A 39 8.86 -3.32 4.94
C PRO A 39 10.01 -4.30 5.27
N SER A 40 9.62 -5.50 5.72
CA SER A 40 10.52 -6.63 6.00
C SER A 40 10.43 -7.66 4.86
N LYS A 41 11.38 -8.59 4.81
CA LYS A 41 11.46 -9.66 3.78
C LYS A 41 10.21 -10.53 3.66
N SER A 42 9.42 -10.61 4.73
CA SER A 42 8.16 -11.38 4.80
C SER A 42 6.99 -10.71 4.03
N CYS A 43 7.05 -9.41 3.75
CA CYS A 43 6.01 -8.67 3.04
C CYS A 43 6.08 -8.87 1.51
N GLN A 44 4.98 -8.57 0.81
CA GLN A 44 4.83 -8.64 -0.65
C GLN A 44 5.58 -7.49 -1.39
N VAL A 45 6.84 -7.23 -1.02
CA VAL A 45 7.69 -6.18 -1.61
C VAL A 45 8.10 -6.56 -3.03
N GLU A 46 7.88 -5.66 -3.99
CA GLU A 46 8.20 -5.85 -5.42
C GLU A 46 8.42 -4.50 -6.12
N ASN A 47 9.42 -4.42 -7.02
CA ASN A 47 9.77 -3.22 -7.82
C ASN A 47 9.71 -1.85 -7.07
N GLY A 48 10.10 -1.82 -5.80
CA GLY A 48 10.12 -0.61 -4.96
C GLY A 48 8.80 -0.21 -4.29
N ARG A 49 7.80 -1.11 -4.24
CA ARG A 49 6.48 -0.90 -3.63
C ARG A 49 5.94 -2.16 -2.94
N VAL A 50 4.90 -2.00 -2.12
CA VAL A 50 4.22 -3.09 -1.40
C VAL A 50 2.73 -2.86 -1.48
N ILE A 51 1.95 -3.92 -1.69
CA ILE A 51 0.49 -3.84 -1.67
C ILE A 51 0.07 -3.72 -0.19
N ALA A 52 -0.73 -2.71 0.17
CA ALA A 52 -1.20 -2.50 1.54
C ALA A 52 -2.43 -3.39 1.86
N CYS A 53 -2.56 -3.79 3.12
CA CYS A 53 -3.65 -4.63 3.61
C CYS A 53 -5.00 -3.86 3.61
N PHE A 54 -5.94 -4.27 2.76
CA PHE A 54 -7.26 -3.66 2.62
C PHE A 54 -8.05 -3.72 3.94
N ASP A 55 -7.95 -4.84 4.67
CA ASP A 55 -8.59 -5.00 5.98
C ASP A 55 -7.95 -4.08 7.04
N SER A 56 -6.63 -3.86 6.98
CA SER A 56 -5.91 -2.93 7.86
C SER A 56 -6.29 -1.48 7.57
N LEU A 57 -6.45 -1.12 6.29
CA LEU A 57 -6.90 0.21 5.85
C LEU A 57 -8.31 0.54 6.39
N LYS A 58 -9.16 -0.48 6.55
CA LYS A 58 -10.51 -0.37 7.16
C LYS A 58 -10.47 -0.38 8.70
N GLY A 59 -9.29 -0.56 9.29
CA GLY A 59 -9.02 -0.53 10.74
C GLY A 59 -9.15 -1.85 11.50
N ARG A 60 -9.33 -2.99 10.80
CA ARG A 60 -9.45 -4.32 11.43
C ARG A 60 -9.00 -5.43 10.47
N CYS A 61 -7.70 -5.77 10.56
CA CYS A 61 -7.10 -6.86 9.78
C CYS A 61 -7.83 -8.19 10.03
N SER A 62 -8.17 -8.92 8.96
CA SER A 62 -8.95 -10.18 9.03
C SER A 62 -8.44 -11.30 8.09
N ARG A 63 -7.18 -11.24 7.65
CA ARG A 63 -6.58 -12.25 6.76
C ARG A 63 -5.98 -13.41 7.56
N GLU A 64 -6.26 -14.65 7.14
CA GLU A 64 -5.78 -15.88 7.81
C GLU A 64 -4.24 -16.04 7.81
N ASN A 65 -3.59 -15.48 6.80
CA ASN A 65 -2.14 -15.44 6.62
C ASN A 65 -1.78 -14.13 5.89
N CYS A 66 -1.62 -13.04 6.66
CA CYS A 66 -1.39 -11.71 6.13
C CYS A 66 0.08 -11.51 5.70
N LYS A 67 0.27 -10.95 4.50
CA LYS A 67 1.57 -10.72 3.82
C LYS A 67 1.70 -9.32 3.20
N TYR A 68 0.71 -8.46 3.42
CA TYR A 68 0.64 -7.10 2.89
C TYR A 68 1.16 -6.07 3.93
N LEU A 69 1.34 -4.81 3.52
CA LEU A 69 1.86 -3.75 4.40
C LEU A 69 0.73 -3.09 5.22
N HIS A 70 0.97 -2.89 6.53
CA HIS A 70 0.06 -2.18 7.43
C HIS A 70 0.57 -0.72 7.57
N PRO A 71 -0.07 0.28 6.93
CA PRO A 71 0.40 1.66 6.97
C PRO A 71 -0.03 2.46 8.20
N PRO A 72 0.84 3.34 8.75
CA PRO A 72 0.53 4.26 9.84
C PRO A 72 -0.44 5.38 9.35
N PRO A 73 -1.13 6.11 10.26
CA PRO A 73 -2.11 7.15 9.91
C PRO A 73 -1.74 8.11 8.78
N HIS A 74 -0.51 8.67 8.74
CA HIS A 74 -0.11 9.58 7.66
C HIS A 74 -0.02 8.88 6.28
N LEU A 75 0.46 7.63 6.24
CA LEU A 75 0.49 6.81 5.03
C LEU A 75 -0.92 6.36 4.61
N LYS A 76 -1.87 6.21 5.54
CA LYS A 76 -3.29 5.94 5.20
C LYS A 76 -3.87 7.11 4.39
N THR A 77 -3.53 8.35 4.74
CA THR A 77 -3.92 9.53 3.96
C THR A 77 -3.28 9.52 2.56
N GLN A 78 -1.98 9.18 2.46
CA GLN A 78 -1.29 9.04 1.17
C GLN A 78 -1.96 7.95 0.31
N LEU A 79 -2.38 6.84 0.92
CA LEU A 79 -3.10 5.74 0.26
C LEU A 79 -4.45 6.24 -0.27
N GLU A 80 -5.24 6.95 0.54
CA GLU A 80 -6.53 7.51 0.11
C GLU A 80 -6.41 8.50 -1.06
N ILE A 81 -5.36 9.34 -1.07
CA ILE A 81 -5.07 10.28 -2.16
C ILE A 81 -4.77 9.50 -3.46
N ASN A 82 -3.94 8.46 -3.37
CA ASN A 82 -3.65 7.55 -4.49
C ASN A 82 -4.92 6.83 -4.95
N GLY A 83 -5.74 6.37 -4.00
CA GLY A 83 -6.99 5.67 -4.21
C GLY A 83 -7.98 6.48 -5.03
N ARG A 84 -8.39 7.67 -4.56
CA ARG A 84 -9.35 8.53 -5.28
C ARG A 84 -8.86 8.99 -6.66
N ASN A 85 -7.55 9.23 -6.82
CA ASN A 85 -6.98 9.58 -8.12
C ASN A 85 -6.99 8.38 -9.08
N ASN A 86 -6.61 7.18 -8.61
CA ASN A 86 -6.67 5.96 -9.43
C ASN A 86 -8.12 5.55 -9.74
N LEU A 87 -9.07 5.77 -8.83
CA LEU A 87 -10.49 5.44 -8.99
C LEU A 87 -11.14 6.06 -10.23
N ILE A 88 -10.68 7.25 -10.63
CA ILE A 88 -11.12 7.99 -11.83
C ILE A 88 -10.76 7.22 -13.12
N GLN A 89 -9.81 6.27 -13.05
CA GLN A 89 -9.34 5.37 -14.11
C GLN A 89 -9.05 3.98 -13.51
N GLN A 90 -9.97 3.47 -12.67
CA GLN A 90 -9.86 2.24 -11.88
C GLN A 90 -9.42 0.97 -12.63
N LYS A 91 -9.59 0.93 -13.96
CA LYS A 91 -9.10 -0.16 -14.83
C LYS A 91 -7.57 -0.32 -14.77
N ASN A 92 -6.85 0.78 -14.52
CA ASN A 92 -5.40 0.86 -14.38
C ASN A 92 -5.01 2.08 -13.49
N MET A 1 -21.43 -26.95 -18.99
CA MET A 1 -21.64 -26.08 -20.15
C MET A 1 -21.31 -24.59 -19.89
N ALA A 2 -20.95 -24.24 -18.66
CA ALA A 2 -20.61 -22.89 -18.22
C ALA A 2 -19.57 -22.89 -17.07
N VAL A 3 -18.98 -21.73 -16.79
CA VAL A 3 -17.98 -21.50 -15.73
C VAL A 3 -18.03 -20.05 -15.22
N SER A 4 -17.54 -19.83 -14.00
CA SER A 4 -17.47 -18.53 -13.32
C SER A 4 -16.30 -18.44 -12.34
N VAL A 5 -15.91 -17.22 -11.97
CA VAL A 5 -14.80 -16.91 -11.05
C VAL A 5 -14.97 -15.51 -10.44
N THR A 6 -14.28 -15.23 -9.32
CA THR A 6 -14.29 -13.91 -8.66
C THR A 6 -13.71 -12.82 -9.58
N PRO A 7 -14.22 -11.57 -9.58
CA PRO A 7 -13.74 -10.47 -10.44
C PRO A 7 -12.23 -10.17 -10.37
N ILE A 8 -11.72 -9.47 -11.40
CA ILE A 8 -10.33 -9.01 -11.50
C ILE A 8 -10.11 -7.74 -10.67
N ARG A 9 -8.84 -7.45 -10.34
CA ARG A 9 -8.43 -6.29 -9.52
C ARG A 9 -7.15 -5.59 -9.99
N ASP A 10 -6.79 -4.50 -9.31
CA ASP A 10 -5.67 -3.61 -9.67
C ASP A 10 -4.91 -3.09 -8.43
N THR A 11 -3.77 -3.68 -8.10
CA THR A 11 -2.90 -3.30 -6.97
C THR A 11 -2.37 -1.86 -7.01
N LYS A 12 -2.41 -1.19 -8.17
CA LYS A 12 -1.98 0.22 -8.35
C LYS A 12 -2.58 1.19 -7.33
N TRP A 13 -3.81 0.94 -6.86
CA TRP A 13 -4.49 1.77 -5.86
C TRP A 13 -4.17 1.38 -4.41
N LEU A 14 -3.82 0.11 -4.16
CA LEU A 14 -3.41 -0.41 -2.84
C LEU A 14 -1.90 -0.22 -2.58
N THR A 15 -1.08 0.09 -3.58
CA THR A 15 0.37 0.21 -3.40
C THR A 15 0.83 1.54 -2.78
N LEU A 16 1.99 1.46 -2.10
CA LEU A 16 2.72 2.55 -1.42
C LEU A 16 4.23 2.38 -1.67
N GLU A 17 4.96 3.48 -1.78
CA GLU A 17 6.40 3.50 -2.09
C GLU A 17 7.31 3.27 -0.87
N VAL A 18 8.39 2.50 -1.09
CA VAL A 18 9.42 2.16 -0.11
C VAL A 18 10.52 3.23 -0.11
N CYS A 19 11.04 3.58 1.08
CA CYS A 19 12.09 4.59 1.26
C CYS A 19 13.38 4.21 0.49
N ARG A 20 13.97 5.20 -0.21
CA ARG A 20 15.22 5.01 -0.99
C ARG A 20 16.39 4.69 -0.06
N GLU A 21 16.52 5.43 1.04
CA GLU A 21 17.58 5.23 2.02
C GLU A 21 17.41 3.91 2.79
N PHE A 22 16.19 3.37 2.93
CA PHE A 22 15.95 2.06 3.54
C PHE A 22 16.49 0.95 2.63
N GLN A 23 16.22 1.03 1.33
CA GLN A 23 16.74 0.10 0.31
C GLN A 23 18.28 0.18 0.21
N ARG A 24 18.85 1.38 0.39
CA ARG A 24 20.30 1.67 0.44
C ARG A 24 20.98 1.10 1.69
N GLY A 25 20.21 0.80 2.75
CA GLY A 25 20.70 0.32 4.05
C GLY A 25 21.24 1.45 4.92
N THR A 26 20.62 2.64 4.84
CA THR A 26 21.04 3.88 5.52
C THR A 26 19.96 4.48 6.44
N CYS A 27 18.67 4.38 6.07
CA CYS A 27 17.57 4.90 6.88
C CYS A 27 17.46 4.16 8.24
N SER A 28 17.28 4.90 9.33
CA SER A 28 17.21 4.38 10.71
C SER A 28 16.13 5.08 11.55
N ARG A 29 14.87 5.00 11.09
CA ARG A 29 13.65 5.56 11.72
C ARG A 29 12.44 4.67 11.40
N PRO A 30 11.38 4.64 12.23
CA PRO A 30 10.17 3.86 11.92
C PRO A 30 9.40 4.52 10.77
N ASP A 31 8.65 3.71 9.99
CA ASP A 31 7.83 4.20 8.87
C ASP A 31 6.82 5.29 9.27
N THR A 32 6.41 5.33 10.55
CA THR A 32 5.50 6.33 11.13
C THR A 32 6.14 7.73 11.16
N GLU A 33 7.47 7.82 11.27
CA GLU A 33 8.23 9.08 11.31
C GLU A 33 8.86 9.43 9.96
N CYS A 34 9.23 8.42 9.16
CA CYS A 34 9.80 8.61 7.81
C CYS A 34 8.72 9.07 6.80
N LYS A 35 9.15 9.47 5.59
CA LYS A 35 8.28 9.95 4.50
C LYS A 35 7.73 8.82 3.62
N PHE A 36 8.26 7.61 3.74
CA PHE A 36 7.94 6.43 2.94
C PHE A 36 7.84 5.14 3.80
N ALA A 37 7.57 3.99 3.16
CA ALA A 37 7.33 2.72 3.85
C ALA A 37 8.63 1.91 4.07
N HIS A 38 8.71 1.20 5.20
CA HIS A 38 9.83 0.33 5.62
C HIS A 38 9.37 -1.14 5.82
N PRO A 39 9.11 -1.90 4.73
CA PRO A 39 8.64 -3.29 4.81
C PRO A 39 9.71 -4.30 5.27
N SER A 40 9.25 -5.49 5.64
CA SER A 40 10.09 -6.63 6.01
C SER A 40 10.31 -7.53 4.78
N LYS A 41 11.35 -8.37 4.82
CA LYS A 41 11.68 -9.32 3.73
C LYS A 41 10.55 -10.31 3.39
N SER A 42 9.64 -10.52 4.33
CA SER A 42 8.44 -11.37 4.23
C SER A 42 7.27 -10.71 3.47
N CYS A 43 7.21 -9.38 3.42
CA CYS A 43 6.13 -8.63 2.75
C CYS A 43 6.17 -8.76 1.22
N GLN A 44 5.04 -8.49 0.54
CA GLN A 44 4.91 -8.48 -0.92
C GLN A 44 5.55 -7.23 -1.58
N VAL A 45 6.83 -6.99 -1.29
CA VAL A 45 7.62 -5.88 -1.84
C VAL A 45 7.99 -6.17 -3.30
N GLU A 46 7.77 -5.23 -4.21
CA GLU A 46 8.07 -5.36 -5.64
C GLU A 46 8.40 -3.98 -6.26
N ASN A 47 9.46 -3.90 -7.06
CA ASN A 47 9.96 -2.72 -7.78
C ASN A 47 9.96 -1.37 -7.02
N GLY A 48 10.15 -1.40 -5.68
CA GLY A 48 10.16 -0.21 -4.82
C GLY A 48 8.80 0.16 -4.22
N ARG A 49 7.81 -0.73 -4.31
CA ARG A 49 6.42 -0.57 -3.82
C ARG A 49 6.01 -1.78 -2.96
N VAL A 50 4.94 -1.63 -2.17
CA VAL A 50 4.32 -2.72 -1.37
C VAL A 50 2.82 -2.56 -1.46
N ILE A 51 2.10 -3.66 -1.60
CA ILE A 51 0.63 -3.68 -1.58
C ILE A 51 0.20 -3.55 -0.10
N ALA A 52 -0.67 -2.59 0.22
CA ALA A 52 -1.16 -2.36 1.58
C ALA A 52 -2.30 -3.34 1.97
N CYS A 53 -2.43 -3.62 3.26
CA CYS A 53 -3.44 -4.48 3.85
C CYS A 53 -4.81 -3.75 3.84
N PHE A 54 -5.72 -4.16 2.95
CA PHE A 54 -7.07 -3.59 2.81
C PHE A 54 -7.85 -3.63 4.15
N ASP A 55 -7.67 -4.70 4.93
CA ASP A 55 -8.26 -4.81 6.26
C ASP A 55 -7.64 -3.82 7.27
N SER A 56 -6.36 -3.47 7.12
CA SER A 56 -5.69 -2.42 7.92
C SER A 56 -6.25 -1.04 7.57
N LEU A 57 -6.54 -0.77 6.28
CA LEU A 57 -7.20 0.48 5.86
C LEU A 57 -8.59 0.63 6.51
N LYS A 58 -9.30 -0.49 6.75
CA LYS A 58 -10.59 -0.53 7.46
C LYS A 58 -10.44 -0.51 8.99
N GLY A 59 -9.20 -0.50 9.51
CA GLY A 59 -8.86 -0.43 10.93
C GLY A 59 -8.93 -1.74 11.72
N ARG A 60 -9.06 -2.90 11.05
CA ARG A 60 -9.14 -4.22 11.70
C ARG A 60 -8.63 -5.34 10.78
N CYS A 61 -7.33 -5.60 10.86
CA CYS A 61 -6.63 -6.66 10.10
C CYS A 61 -7.35 -8.01 10.27
N SER A 62 -7.70 -8.67 9.16
CA SER A 62 -8.48 -9.92 9.14
C SER A 62 -8.05 -10.94 8.07
N ARG A 63 -6.82 -10.83 7.53
CA ARG A 63 -6.28 -11.77 6.53
C ARG A 63 -5.82 -13.09 7.18
N GLU A 64 -5.98 -14.22 6.48
CA GLU A 64 -5.59 -15.56 6.96
C GLU A 64 -4.07 -15.67 7.25
N ASN A 65 -3.27 -15.06 6.39
CA ASN A 65 -1.82 -14.95 6.45
C ASN A 65 -1.44 -13.57 5.90
N CYS A 66 -1.33 -12.58 6.79
CA CYS A 66 -1.05 -11.19 6.43
C CYS A 66 0.46 -10.96 6.17
N LYS A 67 0.77 -10.62 4.91
CA LYS A 67 2.12 -10.30 4.38
C LYS A 67 2.11 -9.04 3.50
N TYR A 68 1.27 -8.08 3.89
CA TYR A 68 1.06 -6.79 3.24
C TYR A 68 1.45 -5.63 4.20
N LEU A 69 1.54 -4.40 3.70
CA LEU A 69 1.96 -3.24 4.50
C LEU A 69 0.80 -2.60 5.28
N HIS A 70 1.02 -2.30 6.56
CA HIS A 70 0.07 -1.58 7.44
C HIS A 70 0.47 -0.08 7.42
N PRO A 71 -0.26 0.80 6.72
CA PRO A 71 0.15 2.19 6.56
C PRO A 71 -0.12 3.11 7.79
N PRO A 72 0.85 3.95 8.19
CA PRO A 72 0.66 4.97 9.23
C PRO A 72 -0.26 6.09 8.70
N PRO A 73 -0.85 6.95 9.56
CA PRO A 73 -1.81 8.00 9.16
C PRO A 73 -1.48 8.81 7.90
N HIS A 74 -0.23 9.25 7.70
CA HIS A 74 0.14 10.02 6.49
C HIS A 74 0.09 9.18 5.21
N LEU A 75 0.61 7.95 5.21
CA LEU A 75 0.52 7.04 4.06
C LEU A 75 -0.91 6.51 3.87
N LYS A 76 -1.67 6.32 4.96
CA LYS A 76 -3.08 5.92 4.94
C LYS A 76 -3.93 6.97 4.21
N THR A 77 -3.62 8.25 4.40
CA THR A 77 -4.25 9.36 3.67
C THR A 77 -3.85 9.32 2.20
N GLN A 78 -2.57 9.09 1.89
CA GLN A 78 -2.10 8.95 0.50
C GLN A 78 -2.77 7.75 -0.20
N LEU A 79 -3.04 6.67 0.54
CA LEU A 79 -3.72 5.47 0.06
C LEU A 79 -5.18 5.81 -0.31
N GLU A 80 -5.95 6.47 0.57
CA GLU A 80 -7.34 6.82 0.22
C GLU A 80 -7.44 7.80 -0.97
N ILE A 81 -6.46 8.70 -1.12
CA ILE A 81 -6.37 9.61 -2.28
C ILE A 81 -6.10 8.80 -3.55
N ASN A 82 -5.11 7.89 -3.52
CA ASN A 82 -4.80 6.99 -4.63
C ASN A 82 -6.02 6.12 -4.99
N GLY A 83 -6.71 5.58 -3.98
CA GLY A 83 -7.93 4.80 -4.10
C GLY A 83 -9.02 5.54 -4.87
N ARG A 84 -9.44 6.72 -4.40
CA ARG A 84 -10.44 7.56 -5.10
C ARG A 84 -10.04 7.86 -6.54
N ASN A 85 -8.81 8.35 -6.75
CA ASN A 85 -8.29 8.67 -8.08
C ASN A 85 -8.35 7.45 -9.04
N ASN A 86 -7.92 6.26 -8.59
CA ASN A 86 -7.97 5.03 -9.38
C ASN A 86 -9.41 4.54 -9.61
N LEU A 87 -10.30 4.75 -8.63
CA LEU A 87 -11.73 4.41 -8.72
C LEU A 87 -12.45 5.26 -9.78
N ILE A 88 -12.01 6.51 -9.98
CA ILE A 88 -12.54 7.42 -11.01
C ILE A 88 -12.01 7.02 -12.41
N GLN A 89 -10.73 6.61 -12.51
CA GLN A 89 -10.06 6.15 -13.74
C GLN A 89 -8.83 5.29 -13.38
N GLN A 90 -8.81 4.01 -13.78
CA GLN A 90 -7.68 3.10 -13.52
C GLN A 90 -6.32 3.60 -14.07
N LYS A 91 -6.34 4.44 -15.12
CA LYS A 91 -5.15 5.06 -15.73
C LYS A 91 -4.54 6.15 -14.84
N ASN A 92 -5.32 6.71 -13.92
CA ASN A 92 -4.93 7.77 -12.98
C ASN A 92 -5.68 7.62 -11.65
N MET A 1 -8.25 -14.20 -29.62
CA MET A 1 -8.26 -13.60 -30.96
C MET A 1 -9.68 -13.25 -31.45
N ALA A 2 -10.71 -13.84 -30.82
CA ALA A 2 -12.13 -13.65 -31.12
C ALA A 2 -13.03 -13.52 -29.87
N VAL A 3 -12.42 -13.32 -28.69
CA VAL A 3 -13.09 -13.18 -27.38
C VAL A 3 -12.44 -12.08 -26.53
N SER A 4 -13.14 -11.62 -25.47
CA SER A 4 -12.71 -10.60 -24.52
C SER A 4 -13.40 -10.78 -23.15
N VAL A 5 -12.85 -10.17 -22.10
CA VAL A 5 -13.37 -10.21 -20.72
C VAL A 5 -13.00 -8.93 -19.95
N THR A 6 -13.76 -8.63 -18.90
CA THR A 6 -13.57 -7.45 -18.03
C THR A 6 -12.20 -7.50 -17.31
N PRO A 7 -11.40 -6.41 -17.29
CA PRO A 7 -10.10 -6.37 -16.61
C PRO A 7 -10.12 -6.77 -15.13
N ILE A 8 -8.97 -7.19 -14.62
CA ILE A 8 -8.76 -7.60 -13.22
C ILE A 8 -8.59 -6.39 -12.27
N ARG A 9 -8.81 -6.63 -10.97
CA ARG A 9 -8.66 -5.64 -9.89
C ARG A 9 -7.27 -4.98 -9.87
N ASP A 10 -7.25 -3.65 -9.95
CA ASP A 10 -6.04 -2.83 -10.05
C ASP A 10 -5.27 -2.63 -8.73
N THR A 11 -4.19 -3.39 -8.51
CA THR A 11 -3.32 -3.25 -7.32
C THR A 11 -2.60 -1.90 -7.21
N LYS A 12 -2.57 -1.07 -8.27
CA LYS A 12 -1.92 0.26 -8.27
C LYS A 12 -2.55 1.22 -7.26
N TRP A 13 -3.84 1.08 -6.96
CA TRP A 13 -4.51 1.88 -5.92
C TRP A 13 -4.19 1.38 -4.50
N LEU A 14 -3.69 0.14 -4.35
CA LEU A 14 -3.28 -0.47 -3.08
C LEU A 14 -1.76 -0.39 -2.82
N THR A 15 -0.91 -0.13 -3.83
CA THR A 15 0.55 -0.06 -3.62
C THR A 15 1.04 1.25 -3.01
N LEU A 16 2.09 1.15 -2.18
CA LEU A 16 2.81 2.26 -1.54
C LEU A 16 4.33 2.06 -1.70
N GLU A 17 5.05 3.14 -2.00
CA GLU A 17 6.49 3.14 -2.27
C GLU A 17 7.36 3.01 -1.01
N VAL A 18 8.46 2.27 -1.15
CA VAL A 18 9.48 1.99 -0.13
C VAL A 18 10.56 3.08 -0.14
N CYS A 19 11.03 3.49 1.05
CA CYS A 19 12.07 4.49 1.22
C CYS A 19 13.38 4.11 0.49
N ARG A 20 14.00 5.08 -0.19
CA ARG A 20 15.25 4.89 -0.93
C ARG A 20 16.39 4.53 0.02
N GLU A 21 16.59 5.33 1.07
CA GLU A 21 17.63 5.09 2.08
C GLU A 21 17.41 3.79 2.86
N PHE A 22 16.17 3.32 3.02
CA PHE A 22 15.89 2.02 3.64
C PHE A 22 16.43 0.88 2.77
N GLN A 23 16.26 0.96 1.45
CA GLN A 23 16.79 0.00 0.48
C GLN A 23 18.33 0.06 0.41
N ARG A 24 18.95 1.24 0.62
CA ARG A 24 20.41 1.41 0.69
C ARG A 24 21.00 0.99 2.05
N GLY A 25 20.15 0.76 3.06
CA GLY A 25 20.56 0.37 4.41
C GLY A 25 21.09 1.53 5.28
N THR A 26 20.61 2.76 5.04
CA THR A 26 21.06 3.99 5.73
C THR A 26 19.95 4.77 6.46
N CYS A 27 18.66 4.55 6.16
CA CYS A 27 17.55 5.21 6.86
C CYS A 27 17.53 4.76 8.35
N SER A 28 17.33 5.70 9.27
CA SER A 28 17.37 5.46 10.72
C SER A 28 16.24 6.17 11.49
N ARG A 29 14.98 5.84 11.14
CA ARG A 29 13.74 6.34 11.77
C ARG A 29 12.55 5.41 11.46
N PRO A 30 11.50 5.37 12.31
CA PRO A 30 10.32 4.54 12.04
C PRO A 30 9.53 5.08 10.85
N ASP A 31 8.76 4.21 10.18
CA ASP A 31 7.93 4.58 9.02
C ASP A 31 6.96 5.75 9.31
N THR A 32 6.48 5.86 10.55
CA THR A 32 5.59 6.94 11.02
C THR A 32 6.25 8.33 10.97
N GLU A 33 7.59 8.39 11.07
CA GLU A 33 8.40 9.62 11.04
C GLU A 33 9.05 9.86 9.65
N CYS A 34 9.17 8.80 8.84
CA CYS A 34 9.71 8.85 7.48
C CYS A 34 8.65 9.29 6.44
N LYS A 35 9.10 9.56 5.21
CA LYS A 35 8.29 10.01 4.06
C LYS A 35 7.78 8.87 3.16
N PHE A 36 8.25 7.64 3.39
CA PHE A 36 7.91 6.42 2.65
C PHE A 36 7.80 5.18 3.57
N ALA A 37 7.50 4.01 3.01
CA ALA A 37 7.27 2.79 3.79
C ALA A 37 8.55 1.97 4.05
N HIS A 38 8.59 1.29 5.20
CA HIS A 38 9.69 0.42 5.67
C HIS A 38 9.20 -1.03 5.90
N PRO A 39 9.04 -1.85 4.83
CA PRO A 39 8.54 -3.23 4.90
C PRO A 39 9.50 -4.22 5.58
N SER A 40 8.96 -5.39 5.93
CA SER A 40 9.65 -6.52 6.57
C SER A 40 9.88 -7.64 5.56
N LYS A 41 10.69 -8.65 5.93
CA LYS A 41 11.02 -9.82 5.09
C LYS A 41 9.78 -10.60 4.60
N SER A 42 8.72 -10.61 5.40
CA SER A 42 7.43 -11.27 5.12
C SER A 42 6.55 -10.51 4.11
N CYS A 43 6.79 -9.21 3.89
CA CYS A 43 6.01 -8.41 2.94
C CYS A 43 6.33 -8.79 1.48
N GLN A 44 5.32 -8.81 0.61
CA GLN A 44 5.50 -9.11 -0.82
C GLN A 44 5.99 -7.88 -1.62
N VAL A 45 7.15 -7.35 -1.20
CA VAL A 45 7.83 -6.18 -1.77
C VAL A 45 8.33 -6.46 -3.20
N GLU A 46 8.10 -5.55 -4.15
CA GLU A 46 8.58 -5.65 -5.53
C GLU A 46 8.74 -4.28 -6.22
N ASN A 47 9.76 -4.15 -7.08
CA ASN A 47 10.11 -2.94 -7.85
C ASN A 47 10.05 -1.60 -7.06
N GLY A 48 10.35 -1.64 -5.75
CA GLY A 48 10.34 -0.47 -4.86
C GLY A 48 9.00 -0.12 -4.22
N ARG A 49 7.97 -0.98 -4.32
CA ARG A 49 6.63 -0.79 -3.70
C ARG A 49 6.09 -2.08 -3.08
N VAL A 50 5.01 -1.95 -2.30
CA VAL A 50 4.35 -3.08 -1.63
C VAL A 50 2.84 -2.84 -1.66
N ILE A 51 2.07 -3.91 -1.87
CA ILE A 51 0.60 -3.85 -1.80
C ILE A 51 0.22 -3.76 -0.31
N ALA A 52 -0.59 -2.76 0.06
CA ALA A 52 -1.03 -2.53 1.43
C ALA A 52 -2.23 -3.43 1.82
N CYS A 53 -2.34 -3.74 3.11
CA CYS A 53 -3.41 -4.56 3.69
C CYS A 53 -4.75 -3.78 3.70
N PHE A 54 -5.69 -4.14 2.82
CA PHE A 54 -7.02 -3.51 2.70
C PHE A 54 -7.79 -3.57 4.03
N ASP A 55 -7.70 -4.70 4.75
CA ASP A 55 -8.33 -4.88 6.05
C ASP A 55 -7.75 -3.92 7.11
N SER A 56 -6.42 -3.74 7.14
CA SER A 56 -5.74 -2.78 8.04
C SER A 56 -6.04 -1.32 7.67
N LEU A 57 -6.13 -1.01 6.37
CA LEU A 57 -6.49 0.32 5.85
C LEU A 57 -7.89 0.79 6.33
N LYS A 58 -8.78 -0.16 6.64
CA LYS A 58 -10.13 0.05 7.17
C LYS A 58 -10.22 -0.10 8.70
N GLY A 59 -9.07 -0.27 9.37
CA GLY A 59 -8.92 -0.32 10.83
C GLY A 59 -9.03 -1.68 11.51
N ARG A 60 -9.12 -2.80 10.78
CA ARG A 60 -9.22 -4.15 11.38
C ARG A 60 -8.66 -5.25 10.46
N CYS A 61 -7.35 -5.49 10.58
CA CYS A 61 -6.62 -6.54 9.85
C CYS A 61 -7.31 -7.92 10.06
N SER A 62 -7.60 -8.63 8.98
CA SER A 62 -8.35 -9.91 8.99
C SER A 62 -7.89 -10.95 7.95
N ARG A 63 -6.68 -10.85 7.40
CA ARG A 63 -6.17 -11.81 6.40
C ARG A 63 -5.84 -13.18 7.01
N GLU A 64 -6.12 -14.25 6.25
CA GLU A 64 -5.81 -15.64 6.66
C GLU A 64 -4.29 -15.87 6.81
N ASN A 65 -3.51 -15.17 5.99
CA ASN A 65 -2.05 -15.13 5.99
C ASN A 65 -1.63 -13.70 5.55
N CYS A 66 -1.39 -12.81 6.52
CA CYS A 66 -1.09 -11.42 6.22
C CYS A 66 0.39 -11.25 5.80
N LYS A 67 0.55 -10.88 4.53
CA LYS A 67 1.82 -10.73 3.78
C LYS A 67 1.94 -9.35 3.10
N TYR A 68 1.06 -8.42 3.47
CA TYR A 68 0.96 -7.07 2.92
C TYR A 68 1.54 -6.02 3.88
N LEU A 69 1.69 -4.78 3.40
CA LEU A 69 2.25 -3.66 4.16
C LEU A 69 1.17 -2.98 5.01
N HIS A 70 1.50 -2.69 6.28
CA HIS A 70 0.67 -1.87 7.16
C HIS A 70 1.32 -0.48 7.19
N PRO A 71 0.76 0.53 6.50
CA PRO A 71 1.34 1.87 6.41
C PRO A 71 0.95 2.79 7.59
N PRO A 72 1.71 3.87 7.86
CA PRO A 72 1.41 4.84 8.91
C PRO A 72 0.22 5.76 8.54
N PRO A 73 -0.47 6.40 9.50
CA PRO A 73 -1.63 7.28 9.26
C PRO A 73 -1.49 8.30 8.11
N HIS A 74 -0.34 8.98 7.99
CA HIS A 74 -0.11 9.95 6.91
C HIS A 74 -0.14 9.28 5.52
N LEU A 75 0.46 8.08 5.41
CA LEU A 75 0.48 7.30 4.17
C LEU A 75 -0.85 6.56 3.94
N LYS A 76 -1.60 6.20 5.00
CA LYS A 76 -2.98 5.67 4.88
C LYS A 76 -3.87 6.71 4.20
N THR A 77 -3.70 7.99 4.54
CA THR A 77 -4.43 9.10 3.91
C THR A 77 -4.06 9.20 2.43
N GLN A 78 -2.77 9.10 2.07
CA GLN A 78 -2.33 9.10 0.68
C GLN A 78 -2.92 7.91 -0.10
N LEU A 79 -3.03 6.74 0.53
CA LEU A 79 -3.64 5.55 -0.05
C LEU A 79 -5.15 5.79 -0.30
N GLU A 80 -5.87 6.34 0.68
CA GLU A 80 -7.28 6.66 0.55
C GLU A 80 -7.51 7.60 -0.66
N ILE A 81 -6.66 8.62 -0.80
CA ILE A 81 -6.68 9.56 -1.94
C ILE A 81 -6.39 8.83 -3.26
N ASN A 82 -5.37 7.95 -3.30
CA ASN A 82 -4.98 7.17 -4.49
C ASN A 82 -6.17 6.38 -5.07
N GLY A 83 -6.95 5.72 -4.22
CA GLY A 83 -8.12 4.95 -4.67
C GLY A 83 -9.39 5.79 -4.84
N ARG A 84 -9.72 6.68 -3.89
CA ARG A 84 -10.93 7.51 -3.95
C ARG A 84 -10.96 8.44 -5.17
N ASN A 85 -9.81 8.94 -5.62
CA ASN A 85 -9.70 9.76 -6.84
C ASN A 85 -10.19 8.98 -8.09
N ASN A 86 -10.07 7.65 -8.11
CA ASN A 86 -10.59 6.81 -9.20
C ASN A 86 -12.10 6.58 -9.04
N LEU A 87 -12.60 6.40 -7.80
CA LEU A 87 -14.04 6.26 -7.52
C LEU A 87 -14.84 7.50 -7.93
N ILE A 88 -14.25 8.69 -7.76
CA ILE A 88 -14.80 10.00 -8.15
C ILE A 88 -14.91 10.12 -9.70
N GLN A 89 -14.19 9.29 -10.46
CA GLN A 89 -14.12 9.34 -11.94
C GLN A 89 -14.54 8.04 -12.64
N GLN A 90 -15.44 7.27 -12.03
CA GLN A 90 -15.99 6.01 -12.58
C GLN A 90 -16.67 6.18 -13.96
N LYS A 91 -17.16 7.39 -14.29
CA LYS A 91 -17.78 7.73 -15.58
C LYS A 91 -16.81 7.61 -16.76
N ASN A 92 -15.52 7.83 -16.54
CA ASN A 92 -14.45 7.75 -17.56
C ASN A 92 -13.10 7.36 -16.92
N MET A 1 -22.37 1.97 -24.81
CA MET A 1 -22.54 0.87 -25.76
C MET A 1 -21.22 0.42 -26.41
N ALA A 2 -20.11 1.12 -26.12
CA ALA A 2 -18.77 0.87 -26.67
C ALA A 2 -17.63 0.95 -25.61
N VAL A 3 -17.96 1.12 -24.32
CA VAL A 3 -17.01 1.21 -23.19
C VAL A 3 -17.57 0.46 -21.98
N SER A 4 -16.69 -0.14 -21.18
CA SER A 4 -17.01 -0.90 -19.96
C SER A 4 -15.83 -0.96 -18.98
N VAL A 5 -16.07 -1.39 -17.74
CA VAL A 5 -15.06 -1.52 -16.68
C VAL A 5 -13.99 -2.58 -17.00
N THR A 6 -12.81 -2.46 -16.40
CA THR A 6 -11.67 -3.37 -16.59
C THR A 6 -12.00 -4.80 -16.14
N PRO A 7 -11.76 -5.86 -16.96
CA PRO A 7 -12.04 -7.25 -16.61
C PRO A 7 -11.39 -7.75 -15.30
N ILE A 8 -10.21 -7.22 -14.97
CA ILE A 8 -9.40 -7.57 -13.79
C ILE A 8 -9.15 -6.36 -12.86
N ARG A 9 -8.80 -6.65 -11.60
CA ARG A 9 -8.48 -5.67 -10.55
C ARG A 9 -7.14 -4.94 -10.82
N ASP A 10 -6.85 -3.92 -10.03
CA ASP A 10 -5.66 -3.07 -10.19
C ASP A 10 -4.99 -2.73 -8.84
N THR A 11 -3.92 -3.43 -8.50
CA THR A 11 -3.14 -3.22 -7.25
C THR A 11 -2.37 -1.89 -7.19
N LYS A 12 -2.23 -1.17 -8.31
CA LYS A 12 -1.54 0.14 -8.40
C LYS A 12 -2.12 1.19 -7.44
N TRP A 13 -3.40 1.09 -7.08
CA TRP A 13 -4.02 1.99 -6.09
C TRP A 13 -3.84 1.51 -4.64
N LEU A 14 -3.50 0.23 -4.43
CA LEU A 14 -3.20 -0.37 -3.12
C LEU A 14 -1.71 -0.37 -2.77
N THR A 15 -0.80 -0.15 -3.72
CA THR A 15 0.65 -0.11 -3.44
C THR A 15 1.14 1.21 -2.84
N LEU A 16 2.23 1.13 -2.05
CA LEU A 16 2.98 2.26 -1.47
C LEU A 16 4.48 2.02 -1.71
N GLU A 17 5.24 3.09 -1.93
CA GLU A 17 6.68 3.02 -2.25
C GLU A 17 7.58 2.81 -1.03
N VAL A 18 8.62 2.00 -1.21
CA VAL A 18 9.65 1.72 -0.19
C VAL A 18 10.68 2.85 -0.19
N CYS A 19 11.14 3.28 1.00
CA CYS A 19 12.12 4.35 1.16
C CYS A 19 13.43 4.05 0.41
N ARG A 20 13.93 5.05 -0.33
CA ARG A 20 15.18 4.93 -1.11
C ARG A 20 16.40 4.75 -0.21
N GLU A 21 16.46 5.49 0.90
CA GLU A 21 17.56 5.38 1.86
C GLU A 21 17.48 4.07 2.68
N PHE A 22 16.29 3.49 2.87
CA PHE A 22 16.13 2.19 3.53
C PHE A 22 16.74 1.08 2.67
N GLN A 23 16.50 1.12 1.35
CA GLN A 23 17.08 0.18 0.37
C GLN A 23 18.61 0.33 0.28
N ARG A 24 19.13 1.57 0.41
CA ARG A 24 20.57 1.89 0.44
C ARG A 24 21.24 1.52 1.78
N GLY A 25 20.46 1.28 2.83
CA GLY A 25 20.93 0.95 4.18
C GLY A 25 21.43 2.18 4.98
N THR A 26 20.85 3.36 4.72
CA THR A 26 21.24 4.65 5.33
C THR A 26 20.12 5.42 6.05
N CYS A 27 18.84 5.06 5.88
CA CYS A 27 17.72 5.72 6.56
C CYS A 27 17.78 5.48 8.09
N SER A 28 17.36 6.47 8.89
CA SER A 28 17.38 6.41 10.36
C SER A 28 16.11 7.04 11.00
N ARG A 29 14.95 6.47 10.65
CA ARG A 29 13.62 6.81 11.18
C ARG A 29 12.71 5.57 11.16
N PRO A 30 11.76 5.43 12.10
CA PRO A 30 10.81 4.32 12.10
C PRO A 30 9.79 4.50 10.96
N ASP A 31 9.17 3.39 10.52
CA ASP A 31 8.11 3.39 9.49
C ASP A 31 6.98 4.41 9.81
N THR A 32 6.72 4.61 11.11
CA THR A 32 5.73 5.52 11.69
C THR A 32 6.00 7.01 11.43
N GLU A 33 7.24 7.41 11.18
CA GLU A 33 7.64 8.82 10.99
C GLU A 33 8.27 9.12 9.62
N CYS A 34 8.79 8.10 8.92
CA CYS A 34 9.38 8.29 7.58
C CYS A 34 8.30 8.58 6.52
N LYS A 35 8.69 9.26 5.44
CA LYS A 35 7.82 9.65 4.31
C LYS A 35 7.44 8.47 3.38
N PHE A 36 8.08 7.32 3.55
CA PHE A 36 7.91 6.10 2.74
C PHE A 36 7.86 4.83 3.61
N ALA A 37 7.71 3.66 2.99
CA ALA A 37 7.55 2.38 3.69
C ALA A 37 8.88 1.66 3.98
N HIS A 38 8.96 1.00 5.15
CA HIS A 38 10.10 0.20 5.64
C HIS A 38 9.66 -1.27 5.89
N PRO A 39 9.39 -2.07 4.84
CA PRO A 39 8.93 -3.46 4.96
C PRO A 39 10.02 -4.43 5.44
N SER A 40 9.59 -5.63 5.86
CA SER A 40 10.43 -6.74 6.30
C SER A 40 10.47 -7.83 5.22
N LYS A 41 11.40 -8.80 5.35
CA LYS A 41 11.58 -9.92 4.40
C LYS A 41 10.30 -10.75 4.15
N SER A 42 9.39 -10.78 5.12
CA SER A 42 8.11 -11.49 5.07
C SER A 42 7.01 -10.76 4.26
N CYS A 43 7.18 -9.47 3.97
CA CYS A 43 6.20 -8.68 3.21
C CYS A 43 6.27 -8.95 1.70
N GLN A 44 5.17 -8.67 0.97
CA GLN A 44 5.07 -8.82 -0.49
C GLN A 44 5.77 -7.66 -1.25
N VAL A 45 7.03 -7.38 -0.89
CA VAL A 45 7.85 -6.32 -1.52
C VAL A 45 8.16 -6.70 -2.97
N GLU A 46 7.87 -5.80 -3.91
CA GLU A 46 8.02 -6.03 -5.35
C GLU A 46 8.32 -4.72 -6.11
N ASN A 47 9.36 -4.72 -6.95
CA ASN A 47 9.80 -3.57 -7.77
C ASN A 47 9.88 -2.22 -7.02
N GLY A 48 10.29 -2.22 -5.75
CA GLY A 48 10.43 -1.01 -4.90
C GLY A 48 9.12 -0.52 -4.25
N ARG A 49 8.05 -1.33 -4.29
CA ARG A 49 6.72 -1.06 -3.72
C ARG A 49 6.22 -2.25 -2.90
N VAL A 50 5.16 -2.05 -2.12
CA VAL A 50 4.48 -3.10 -1.35
C VAL A 50 2.98 -2.83 -1.43
N ILE A 51 2.19 -3.88 -1.64
CA ILE A 51 0.73 -3.76 -1.62
C ILE A 51 0.31 -3.62 -0.15
N ALA A 52 -0.52 -2.63 0.19
CA ALA A 52 -0.98 -2.38 1.56
C ALA A 52 -2.19 -3.26 1.94
N CYS A 53 -2.33 -3.56 3.24
CA CYS A 53 -3.40 -4.37 3.80
C CYS A 53 -4.72 -3.57 3.85
N PHE A 54 -5.69 -3.92 3.00
CA PHE A 54 -7.01 -3.26 2.91
C PHE A 54 -7.73 -3.29 4.27
N ASP A 55 -7.73 -4.44 4.94
CA ASP A 55 -8.36 -4.59 6.25
C ASP A 55 -7.72 -3.67 7.31
N SER A 56 -6.40 -3.47 7.28
CA SER A 56 -5.70 -2.52 8.16
C SER A 56 -6.00 -1.06 7.77
N LEU A 57 -6.07 -0.75 6.47
CA LEU A 57 -6.45 0.57 5.96
C LEU A 57 -7.85 1.00 6.44
N LYS A 58 -8.75 0.05 6.68
CA LYS A 58 -10.11 0.26 7.22
C LYS A 58 -10.18 0.13 8.75
N GLY A 59 -9.04 -0.05 9.42
CA GLY A 59 -8.89 -0.06 10.89
C GLY A 59 -9.02 -1.41 11.62
N ARG A 60 -9.15 -2.55 10.93
CA ARG A 60 -9.27 -3.88 11.58
C ARG A 60 -8.75 -5.00 10.67
N CYS A 61 -7.45 -5.27 10.78
CA CYS A 61 -6.75 -6.33 10.03
C CYS A 61 -7.44 -7.69 10.20
N SER A 62 -7.78 -8.35 9.08
CA SER A 62 -8.55 -9.61 9.03
C SER A 62 -8.15 -10.55 7.87
N ARG A 63 -6.95 -10.39 7.28
CA ARG A 63 -6.51 -11.18 6.12
C ARG A 63 -6.33 -12.68 6.40
N GLU A 64 -6.65 -13.51 5.39
CA GLU A 64 -6.49 -14.98 5.44
C GLU A 64 -5.03 -15.43 5.66
N ASN A 65 -4.09 -14.61 5.16
CA ASN A 65 -2.64 -14.72 5.27
C ASN A 65 -2.07 -13.31 5.09
N CYS A 66 -1.81 -12.60 6.18
CA CYS A 66 -1.37 -11.21 6.11
C CYS A 66 0.14 -11.12 5.79
N LYS A 67 0.40 -10.62 4.58
CA LYS A 67 1.72 -10.43 3.94
C LYS A 67 1.88 -9.03 3.33
N TYR A 68 0.86 -8.20 3.46
CA TYR A 68 0.78 -6.84 2.93
C TYR A 68 1.31 -5.81 3.95
N LEU A 69 1.53 -4.56 3.51
CA LEU A 69 2.11 -3.50 4.33
C LEU A 69 1.05 -2.78 5.17
N HIS A 70 1.36 -2.53 6.45
CA HIS A 70 0.55 -1.71 7.34
C HIS A 70 1.24 -0.33 7.43
N PRO A 71 0.73 0.72 6.77
CA PRO A 71 1.34 2.05 6.78
C PRO A 71 0.80 2.93 7.94
N PRO A 72 1.52 4.01 8.33
CA PRO A 72 1.06 4.94 9.37
C PRO A 72 -0.11 5.82 8.87
N PRO A 73 -0.91 6.43 9.77
CA PRO A 73 -2.06 7.28 9.41
C PRO A 73 -1.83 8.28 8.28
N HIS A 74 -0.70 9.00 8.26
CA HIS A 74 -0.39 9.97 7.19
C HIS A 74 -0.26 9.32 5.79
N LEU A 75 0.17 8.06 5.71
CA LEU A 75 0.22 7.28 4.48
C LEU A 75 -1.13 6.57 4.21
N LYS A 76 -1.89 6.18 5.24
CA LYS A 76 -3.25 5.61 5.07
C LYS A 76 -4.15 6.60 4.35
N THR A 77 -4.14 7.87 4.75
CA THR A 77 -4.93 8.94 4.09
C THR A 77 -4.53 9.11 2.62
N GLN A 78 -3.23 9.07 2.30
CA GLN A 78 -2.75 9.16 0.92
C GLN A 78 -3.27 7.98 0.08
N LEU A 79 -3.29 6.78 0.65
CA LEU A 79 -3.81 5.57 0.01
C LEU A 79 -5.31 5.72 -0.30
N GLU A 80 -6.12 6.17 0.66
CA GLU A 80 -7.57 6.37 0.44
C GLU A 80 -7.86 7.44 -0.63
N ILE A 81 -7.07 8.53 -0.67
CA ILE A 81 -7.20 9.59 -1.69
C ILE A 81 -6.83 9.02 -3.07
N ASN A 82 -5.69 8.32 -3.19
CA ASN A 82 -5.26 7.69 -4.45
C ASN A 82 -6.29 6.65 -4.93
N GLY A 83 -6.84 5.85 -4.02
CA GLY A 83 -7.88 4.86 -4.31
C GLY A 83 -9.11 5.50 -4.93
N ARG A 84 -9.71 6.48 -4.25
CA ARG A 84 -10.88 7.20 -4.75
C ARG A 84 -10.62 7.92 -6.08
N ASN A 85 -9.43 8.51 -6.25
CA ASN A 85 -9.04 9.14 -7.51
C ASN A 85 -8.92 8.10 -8.65
N ASN A 86 -8.49 6.86 -8.35
CA ASN A 86 -8.35 5.80 -9.36
C ASN A 86 -9.69 5.34 -9.97
N LEU A 87 -10.82 5.39 -9.23
CA LEU A 87 -12.17 5.03 -9.74
C LEU A 87 -13.04 6.25 -10.12
N ILE A 88 -12.51 7.48 -9.98
CA ILE A 88 -13.24 8.75 -10.22
C ILE A 88 -13.70 8.97 -11.68
N GLN A 89 -13.21 8.15 -12.62
CA GLN A 89 -13.56 8.20 -14.06
C GLN A 89 -14.07 6.86 -14.63
N GLN A 90 -14.62 6.02 -13.75
CA GLN A 90 -15.18 4.69 -14.08
C GLN A 90 -16.20 4.68 -15.23
N LYS A 91 -16.89 5.81 -15.47
CA LYS A 91 -17.85 6.01 -16.56
C LYS A 91 -17.23 5.92 -17.97
N ASN A 92 -15.95 6.27 -18.11
CA ASN A 92 -15.19 6.25 -19.35
C ASN A 92 -13.68 6.03 -19.10
N MET A 1 -5.63 7.23 -26.28
CA MET A 1 -5.91 6.15 -27.23
C MET A 1 -5.03 4.90 -26.99
N ALA A 2 -3.93 5.06 -26.26
CA ALA A 2 -2.98 3.98 -25.90
C ALA A 2 -3.51 3.01 -24.82
N VAL A 3 -4.67 3.30 -24.21
CA VAL A 3 -5.33 2.49 -23.17
C VAL A 3 -5.81 1.11 -23.68
N SER A 4 -6.15 0.22 -22.74
CA SER A 4 -6.67 -1.14 -22.99
C SER A 4 -7.69 -1.54 -21.92
N VAL A 5 -8.33 -2.71 -22.04
CA VAL A 5 -9.30 -3.18 -21.05
C VAL A 5 -8.66 -3.42 -19.68
N THR A 6 -9.31 -2.94 -18.63
CA THR A 6 -8.83 -3.04 -17.24
C THR A 6 -8.80 -4.51 -16.77
N PRO A 7 -7.67 -5.02 -16.23
CA PRO A 7 -7.53 -6.40 -15.75
C PRO A 7 -8.22 -6.60 -14.37
N ILE A 8 -7.92 -7.71 -13.69
CA ILE A 8 -8.48 -8.01 -12.36
C ILE A 8 -7.75 -7.25 -11.25
N ARG A 9 -8.44 -7.15 -10.10
CA ARG A 9 -8.07 -6.45 -8.84
C ARG A 9 -6.70 -5.74 -8.87
N ASP A 10 -6.74 -4.48 -9.29
CA ASP A 10 -5.59 -3.59 -9.50
C ASP A 10 -4.79 -3.28 -8.22
N THR A 11 -3.67 -3.96 -8.00
CA THR A 11 -2.78 -3.70 -6.85
C THR A 11 -2.08 -2.33 -6.92
N LYS A 12 -2.06 -1.68 -8.10
CA LYS A 12 -1.45 -0.36 -8.32
C LYS A 12 -2.06 0.75 -7.45
N TRP A 13 -3.33 0.61 -7.02
CA TRP A 13 -3.94 1.57 -6.08
C TRP A 13 -3.66 1.20 -4.61
N LEU A 14 -3.32 -0.07 -4.32
CA LEU A 14 -2.95 -0.57 -2.98
C LEU A 14 -1.45 -0.42 -2.69
N THR A 15 -0.59 -0.15 -3.68
CA THR A 15 0.86 -0.06 -3.46
C THR A 15 1.33 1.29 -2.90
N LEU A 16 2.36 1.25 -2.03
CA LEU A 16 3.04 2.40 -1.41
C LEU A 16 4.56 2.27 -1.58
N GLU A 17 5.22 3.37 -1.95
CA GLU A 17 6.67 3.45 -2.23
C GLU A 17 7.56 3.13 -1.01
N VAL A 18 8.66 2.42 -1.27
CA VAL A 18 9.70 2.02 -0.29
C VAL A 18 10.81 3.08 -0.21
N CYS A 19 11.29 3.37 0.99
CA CYS A 19 12.33 4.37 1.26
C CYS A 19 13.67 4.05 0.56
N ARG A 20 14.16 5.00 -0.26
CA ARG A 20 15.43 4.88 -0.99
C ARG A 20 16.63 4.74 -0.05
N GLU A 21 16.61 5.40 1.10
CA GLU A 21 17.67 5.32 2.10
C GLU A 21 17.61 3.97 2.85
N PHE A 22 16.43 3.40 3.07
CA PHE A 22 16.27 2.06 3.66
C PHE A 22 16.86 0.99 2.73
N GLN A 23 16.61 1.11 1.42
CA GLN A 23 17.16 0.25 0.36
C GLN A 23 18.69 0.31 0.24
N ARG A 24 19.33 1.33 0.84
CA ARG A 24 20.80 1.54 0.87
C ARG A 24 21.39 1.37 2.29
N GLY A 25 20.56 1.08 3.29
CA GLY A 25 20.96 0.87 4.68
C GLY A 25 21.41 2.13 5.43
N THR A 26 20.90 3.31 5.04
CA THR A 26 21.26 4.62 5.63
C THR A 26 20.13 5.33 6.36
N CYS A 27 18.86 4.92 6.18
CA CYS A 27 17.70 5.49 6.88
C CYS A 27 17.73 5.14 8.39
N SER A 28 17.30 6.07 9.25
CA SER A 28 17.27 5.89 10.72
C SER A 28 16.00 6.49 11.35
N ARG A 29 14.83 5.97 10.93
CA ARG A 29 13.48 6.35 11.41
C ARG A 29 12.54 5.14 11.32
N PRO A 30 11.52 5.03 12.19
CA PRO A 30 10.53 3.95 12.12
C PRO A 30 9.58 4.20 10.93
N ASP A 31 8.95 3.13 10.42
CA ASP A 31 7.96 3.20 9.33
C ASP A 31 6.84 4.22 9.62
N THR A 32 6.49 4.37 10.90
CA THR A 32 5.48 5.28 11.44
C THR A 32 5.79 6.77 11.27
N GLU A 33 7.06 7.15 11.13
CA GLU A 33 7.48 8.56 11.02
C GLU A 33 8.22 8.91 9.71
N CYS A 34 8.74 7.91 8.99
CA CYS A 34 9.43 8.14 7.72
C CYS A 34 8.48 8.59 6.58
N LYS A 35 9.08 9.14 5.51
CA LYS A 35 8.41 9.63 4.29
C LYS A 35 7.89 8.52 3.37
N PHE A 36 8.41 7.30 3.52
CA PHE A 36 8.13 6.11 2.71
C PHE A 36 8.08 4.84 3.58
N ALA A 37 7.84 3.67 2.97
CA ALA A 37 7.66 2.40 3.66
C ALA A 37 8.97 1.62 3.87
N HIS A 38 9.03 0.86 4.97
CA HIS A 38 10.17 0.02 5.41
C HIS A 38 9.74 -1.47 5.51
N PRO A 39 9.65 -2.21 4.39
CA PRO A 39 9.23 -3.61 4.34
C PRO A 39 10.21 -4.62 4.98
N SER A 40 9.70 -5.82 5.22
CA SER A 40 10.42 -7.00 5.73
C SER A 40 10.66 -8.01 4.60
N LYS A 41 11.39 -9.10 4.90
CA LYS A 41 11.65 -10.20 3.95
C LYS A 41 10.37 -10.95 3.54
N SER A 42 9.31 -10.87 4.36
CA SER A 42 8.00 -11.49 4.11
C SER A 42 7.01 -10.58 3.37
N CYS A 43 7.26 -9.26 3.32
CA CYS A 43 6.38 -8.31 2.64
C CYS A 43 6.34 -8.52 1.12
N GLN A 44 5.20 -8.25 0.51
CA GLN A 44 5.00 -8.35 -0.95
C GLN A 44 5.52 -7.11 -1.68
N VAL A 45 6.84 -6.91 -1.60
CA VAL A 45 7.59 -5.82 -2.25
C VAL A 45 7.68 -6.09 -3.77
N GLU A 46 7.43 -5.07 -4.59
CA GLU A 46 7.48 -5.14 -6.05
C GLU A 46 7.78 -3.75 -6.65
N ASN A 47 8.68 -3.68 -7.64
CA ASN A 47 9.07 -2.46 -8.37
C ASN A 47 9.29 -1.19 -7.50
N GLY A 48 9.88 -1.34 -6.31
CA GLY A 48 10.14 -0.23 -5.37
C GLY A 48 8.95 0.19 -4.50
N ARG A 49 7.88 -0.61 -4.44
CA ARG A 49 6.65 -0.41 -3.67
C ARG A 49 6.29 -1.67 -2.86
N VAL A 50 5.32 -1.58 -1.94
CA VAL A 50 4.77 -2.73 -1.21
C VAL A 50 3.26 -2.64 -1.32
N ILE A 51 2.58 -3.77 -1.55
CA ILE A 51 1.11 -3.82 -1.54
C ILE A 51 0.66 -3.69 -0.07
N ALA A 52 -0.24 -2.75 0.22
CA ALA A 52 -0.75 -2.51 1.56
C ALA A 52 -1.98 -3.38 1.91
N CYS A 53 -2.16 -3.67 3.21
CA CYS A 53 -3.24 -4.46 3.77
C CYS A 53 -4.59 -3.69 3.70
N PHE A 54 -5.48 -4.07 2.78
CA PHE A 54 -6.80 -3.44 2.60
C PHE A 54 -7.59 -3.35 3.92
N ASP A 55 -7.57 -4.42 4.72
CA ASP A 55 -8.23 -4.43 6.03
C ASP A 55 -7.59 -3.41 7.01
N SER A 56 -6.27 -3.16 6.92
CA SER A 56 -5.58 -2.12 7.69
C SER A 56 -6.00 -0.72 7.20
N LEU A 57 -6.12 -0.50 5.87
CA LEU A 57 -6.61 0.78 5.33
C LEU A 57 -8.03 1.10 5.82
N LYS A 58 -8.87 0.07 6.03
CA LYS A 58 -10.23 0.19 6.58
C LYS A 58 -10.25 0.32 8.12
N GLY A 59 -9.08 0.24 8.78
CA GLY A 59 -8.87 0.45 10.21
C GLY A 59 -8.99 -0.77 11.12
N ARG A 60 -9.11 -1.99 10.56
CA ARG A 60 -9.19 -3.24 11.34
C ARG A 60 -8.72 -4.44 10.53
N CYS A 61 -7.43 -4.75 10.65
CA CYS A 61 -6.81 -5.93 10.03
C CYS A 61 -7.54 -7.20 10.51
N SER A 62 -7.91 -8.10 9.58
CA SER A 62 -8.67 -9.32 9.90
C SER A 62 -8.46 -10.46 8.88
N ARG A 63 -7.38 -10.44 8.08
CA ARG A 63 -7.07 -11.46 7.07
C ARG A 63 -6.23 -12.61 7.66
N GLU A 64 -6.61 -13.85 7.35
CA GLU A 64 -5.94 -15.08 7.82
C GLU A 64 -4.56 -15.35 7.18
N ASN A 65 -4.23 -14.59 6.13
CA ASN A 65 -3.00 -14.69 5.33
C ASN A 65 -2.40 -13.28 5.08
N CYS A 66 -2.18 -12.52 6.15
CA CYS A 66 -1.68 -11.14 6.09
C CYS A 66 -0.14 -11.13 5.90
N LYS A 67 0.28 -10.67 4.72
CA LYS A 67 1.68 -10.56 4.22
C LYS A 67 1.97 -9.20 3.56
N TYR A 68 1.10 -8.22 3.83
CA TYR A 68 1.09 -6.88 3.24
C TYR A 68 1.52 -5.79 4.24
N LEU A 69 1.73 -4.55 3.76
CA LEU A 69 2.21 -3.43 4.59
C LEU A 69 1.05 -2.72 5.32
N HIS A 70 1.26 -2.44 6.62
CA HIS A 70 0.33 -1.64 7.44
C HIS A 70 0.86 -0.19 7.48
N PRO A 71 0.25 0.77 6.76
CA PRO A 71 0.73 2.14 6.71
C PRO A 71 0.29 2.99 7.92
N PRO A 72 1.10 4.00 8.34
CA PRO A 72 0.72 4.95 9.40
C PRO A 72 -0.39 5.89 8.91
N PRO A 73 -1.11 6.60 9.81
CA PRO A 73 -2.24 7.49 9.47
C PRO A 73 -2.04 8.41 8.25
N HIS A 74 -0.87 9.04 8.09
CA HIS A 74 -0.59 9.93 6.94
C HIS A 74 -0.56 9.18 5.60
N LEU A 75 0.17 8.06 5.51
CA LEU A 75 0.21 7.22 4.30
C LEU A 75 -1.12 6.47 4.08
N LYS A 76 -1.79 6.07 5.17
CA LYS A 76 -3.12 5.41 5.15
C LYS A 76 -4.15 6.33 4.49
N THR A 77 -4.17 7.60 4.90
CA THR A 77 -5.04 8.63 4.30
C THR A 77 -4.68 8.86 2.83
N GLN A 78 -3.39 8.94 2.49
CA GLN A 78 -2.97 9.12 1.09
C GLN A 78 -3.40 7.93 0.23
N LEU A 79 -3.33 6.70 0.76
CA LEU A 79 -3.78 5.49 0.05
C LEU A 79 -5.28 5.55 -0.22
N GLU A 80 -6.11 5.93 0.76
CA GLU A 80 -7.56 6.05 0.54
C GLU A 80 -7.89 7.12 -0.54
N ILE A 81 -7.15 8.23 -0.57
CA ILE A 81 -7.27 9.28 -1.60
C ILE A 81 -6.84 8.73 -2.97
N ASN A 82 -5.72 8.02 -3.04
CA ASN A 82 -5.22 7.37 -4.26
C ASN A 82 -6.25 6.35 -4.78
N GLY A 83 -6.88 5.59 -3.88
CA GLY A 83 -7.94 4.64 -4.17
C GLY A 83 -9.14 5.34 -4.80
N ARG A 84 -9.65 6.41 -4.18
CA ARG A 84 -10.76 7.23 -4.73
C ARG A 84 -10.44 7.73 -6.14
N ASN A 85 -9.25 8.29 -6.33
CA ASN A 85 -8.81 8.75 -7.66
C ASN A 85 -8.79 7.59 -8.68
N ASN A 86 -8.19 6.44 -8.34
CA ASN A 86 -8.15 5.27 -9.23
C ASN A 86 -9.56 4.71 -9.53
N LEU A 87 -10.46 4.78 -8.53
CA LEU A 87 -11.86 4.35 -8.61
C LEU A 87 -12.66 5.22 -9.61
N ILE A 88 -12.34 6.52 -9.71
CA ILE A 88 -12.93 7.43 -10.71
C ILE A 88 -12.25 7.21 -12.08
N GLN A 89 -10.93 6.99 -12.10
CA GLN A 89 -10.11 6.76 -13.29
C GLN A 89 -10.12 5.29 -13.78
N GLN A 90 -11.25 4.61 -13.61
CA GLN A 90 -11.50 3.22 -14.03
C GLN A 90 -11.21 2.94 -15.53
N LYS A 91 -11.20 3.98 -16.38
CA LYS A 91 -10.87 3.94 -17.82
C LYS A 91 -9.37 3.67 -18.10
N ASN A 92 -8.50 3.78 -17.08
CA ASN A 92 -7.05 3.61 -17.12
C ASN A 92 -6.36 4.33 -18.31
N MET A 1 -27.76 -13.61 -15.19
CA MET A 1 -28.83 -14.07 -14.29
C MET A 1 -28.36 -14.25 -12.84
N ALA A 2 -27.06 -14.11 -12.56
CA ALA A 2 -26.43 -14.24 -11.25
C ALA A 2 -25.18 -13.35 -11.12
N VAL A 3 -24.67 -13.19 -9.89
CA VAL A 3 -23.47 -12.40 -9.56
C VAL A 3 -22.19 -12.98 -10.18
N SER A 4 -21.17 -12.14 -10.35
CA SER A 4 -19.85 -12.49 -10.91
C SER A 4 -18.74 -11.55 -10.39
N VAL A 5 -17.48 -11.83 -10.75
CA VAL A 5 -16.29 -11.04 -10.37
C VAL A 5 -16.30 -9.62 -10.95
N THR A 6 -15.52 -8.72 -10.35
CA THR A 6 -15.38 -7.31 -10.76
C THR A 6 -14.80 -7.20 -12.19
N PRO A 7 -15.37 -6.35 -13.08
CA PRO A 7 -14.87 -6.21 -14.47
C PRO A 7 -13.41 -5.71 -14.53
N ILE A 8 -13.12 -4.58 -13.89
CA ILE A 8 -11.78 -3.97 -13.77
C ILE A 8 -11.34 -3.84 -12.31
N ARG A 9 -10.02 -3.80 -12.15
CA ARG A 9 -9.24 -3.63 -10.91
C ARG A 9 -7.91 -2.95 -11.22
N ASP A 10 -7.22 -2.41 -10.22
CA ASP A 10 -5.94 -1.71 -10.40
C ASP A 10 -5.09 -1.67 -9.12
N THR A 11 -4.09 -2.55 -9.01
CA THR A 11 -3.16 -2.57 -7.85
C THR A 11 -2.40 -1.26 -7.60
N LYS A 12 -2.32 -0.35 -8.58
CA LYS A 12 -1.64 0.94 -8.41
C LYS A 12 -2.33 1.86 -7.40
N TRP A 13 -3.64 1.71 -7.18
CA TRP A 13 -4.35 2.46 -6.12
C TRP A 13 -4.15 1.84 -4.73
N LEU A 14 -3.62 0.60 -4.65
CA LEU A 14 -3.32 -0.12 -3.41
C LEU A 14 -1.82 -0.18 -3.07
N THR A 15 -0.90 0.10 -3.99
CA THR A 15 0.55 0.09 -3.70
C THR A 15 1.04 1.37 -2.99
N LEU A 16 2.11 1.23 -2.20
CA LEU A 16 2.84 2.29 -1.51
C LEU A 16 4.35 2.07 -1.73
N GLU A 17 5.09 3.15 -1.98
CA GLU A 17 6.53 3.11 -2.26
C GLU A 17 7.39 2.86 -1.02
N VAL A 18 8.50 2.14 -1.22
CA VAL A 18 9.52 1.81 -0.21
C VAL A 18 10.60 2.90 -0.19
N CYS A 19 11.08 3.27 1.01
CA CYS A 19 12.10 4.29 1.22
C CYS A 19 13.42 3.95 0.50
N ARG A 20 14.00 4.94 -0.19
CA ARG A 20 15.27 4.79 -0.93
C ARG A 20 16.45 4.59 0.02
N GLU A 21 16.50 5.34 1.12
CA GLU A 21 17.54 5.21 2.15
C GLU A 21 17.41 3.88 2.91
N PHE A 22 16.20 3.31 3.03
CA PHE A 22 15.99 1.99 3.65
C PHE A 22 16.59 0.88 2.77
N GLN A 23 16.35 0.94 1.45
CA GLN A 23 16.92 0.02 0.47
C GLN A 23 18.46 0.15 0.39
N ARG A 24 18.98 1.38 0.56
CA ARG A 24 20.42 1.72 0.62
C ARG A 24 21.08 1.27 1.93
N GLY A 25 20.29 1.05 2.99
CA GLY A 25 20.76 0.65 4.32
C GLY A 25 21.29 1.82 5.17
N THR A 26 20.72 3.03 5.00
CA THR A 26 21.15 4.28 5.67
C THR A 26 20.04 5.07 6.38
N CYS A 27 18.75 4.74 6.18
CA CYS A 27 17.63 5.42 6.84
C CYS A 27 17.66 5.28 8.38
N SER A 28 17.16 6.29 9.10
CA SER A 28 17.12 6.33 10.57
C SER A 28 15.81 6.92 11.14
N ARG A 29 14.68 6.27 10.81
CA ARG A 29 13.32 6.57 11.27
C ARG A 29 12.44 5.31 11.25
N PRO A 30 11.44 5.19 12.14
CA PRO A 30 10.49 4.09 12.09
C PRO A 30 9.52 4.29 10.92
N ASP A 31 8.88 3.22 10.45
CA ASP A 31 7.87 3.25 9.37
C ASP A 31 6.77 4.31 9.62
N THR A 32 6.43 4.53 10.89
CA THR A 32 5.44 5.48 11.41
C THR A 32 5.79 6.96 11.16
N GLU A 33 7.07 7.31 11.01
CA GLU A 33 7.52 8.71 10.87
C GLU A 33 8.28 9.01 9.56
N CYS A 34 8.72 7.99 8.81
CA CYS A 34 9.39 8.20 7.53
C CYS A 34 8.38 8.56 6.42
N LYS A 35 8.85 9.20 5.34
CA LYS A 35 8.04 9.64 4.18
C LYS A 35 7.61 8.50 3.24
N PHE A 36 8.14 7.30 3.43
CA PHE A 36 7.88 6.09 2.65
C PHE A 36 7.81 4.83 3.55
N ALA A 37 7.58 3.65 2.96
CA ALA A 37 7.40 2.40 3.70
C ALA A 37 8.71 1.63 3.96
N HIS A 38 8.77 0.92 5.09
CA HIS A 38 9.88 0.07 5.55
C HIS A 38 9.42 -1.40 5.75
N PRO A 39 9.16 -2.16 4.66
CA PRO A 39 8.69 -3.55 4.73
C PRO A 39 9.77 -4.54 5.21
N SER A 40 9.31 -5.75 5.58
CA SER A 40 10.18 -6.86 6.01
C SER A 40 10.29 -7.94 4.92
N LYS A 41 11.09 -8.98 5.19
CA LYS A 41 11.32 -10.14 4.30
C LYS A 41 10.04 -10.92 3.97
N SER A 42 9.06 -10.88 4.88
CA SER A 42 7.76 -11.55 4.76
C SER A 42 6.74 -10.79 3.89
N CYS A 43 6.96 -9.50 3.60
CA CYS A 43 6.05 -8.69 2.79
C CYS A 43 6.23 -8.97 1.27
N GLN A 44 5.15 -8.81 0.49
CA GLN A 44 5.17 -8.95 -0.98
C GLN A 44 5.73 -7.67 -1.65
N VAL A 45 7.00 -7.35 -1.36
CA VAL A 45 7.73 -6.20 -1.91
C VAL A 45 8.07 -6.46 -3.38
N GLU A 46 7.77 -5.52 -4.28
CA GLU A 46 7.98 -5.63 -5.73
C GLU A 46 8.36 -4.27 -6.34
N ASN A 47 9.44 -4.23 -7.13
CA ASN A 47 9.95 -3.04 -7.85
C ASN A 47 9.94 -1.71 -7.02
N GLY A 48 10.30 -1.78 -5.74
CA GLY A 48 10.33 -0.62 -4.83
C GLY A 48 8.98 -0.20 -4.26
N ARG A 49 7.95 -1.06 -4.34
CA ARG A 49 6.58 -0.85 -3.83
C ARG A 49 6.09 -2.07 -3.06
N VAL A 50 5.00 -1.93 -2.31
CA VAL A 50 4.31 -3.02 -1.59
C VAL A 50 2.82 -2.78 -1.73
N ILE A 51 2.05 -3.85 -1.95
CA ILE A 51 0.58 -3.76 -1.99
C ILE A 51 0.10 -3.65 -0.54
N ALA A 52 -0.71 -2.65 -0.20
CA ALA A 52 -1.24 -2.44 1.15
C ALA A 52 -2.44 -3.36 1.45
N CYS A 53 -2.62 -3.70 2.73
CA CYS A 53 -3.69 -4.56 3.22
C CYS A 53 -5.03 -3.78 3.26
N PHE A 54 -6.00 -4.14 2.42
CA PHE A 54 -7.32 -3.49 2.35
C PHE A 54 -8.03 -3.55 3.71
N ASP A 55 -7.99 -4.71 4.38
CA ASP A 55 -8.59 -4.88 5.70
C ASP A 55 -7.92 -3.98 6.76
N SER A 56 -6.59 -3.82 6.73
CA SER A 56 -5.87 -2.90 7.63
C SER A 56 -6.17 -1.44 7.29
N LEU A 57 -6.29 -1.08 6.01
CA LEU A 57 -6.69 0.26 5.56
C LEU A 57 -8.10 0.62 6.07
N LYS A 58 -8.99 -0.39 6.19
CA LYS A 58 -10.34 -0.27 6.77
C LYS A 58 -10.32 -0.17 8.31
N GLY A 59 -9.15 -0.34 8.92
CA GLY A 59 -8.89 -0.25 10.37
C GLY A 59 -9.01 -1.55 11.16
N ARG A 60 -9.18 -2.71 10.49
CA ARG A 60 -9.27 -4.02 11.14
C ARG A 60 -8.87 -5.15 10.18
N CYS A 61 -7.59 -5.52 10.24
CA CYS A 61 -7.02 -6.63 9.46
C CYS A 61 -7.81 -7.94 9.74
N SER A 62 -8.01 -8.77 8.72
CA SER A 62 -8.81 -10.01 8.77
C SER A 62 -7.99 -11.30 8.63
N ARG A 63 -6.67 -11.25 8.87
CA ARG A 63 -5.73 -12.38 8.74
C ARG A 63 -4.82 -12.60 9.96
N GLU A 64 -4.19 -13.77 9.95
CA GLU A 64 -3.17 -14.25 10.91
C GLU A 64 -1.90 -14.77 10.18
N ASN A 65 -1.88 -14.57 8.86
CA ASN A 65 -0.88 -14.95 7.87
C ASN A 65 -0.77 -13.85 6.79
N CYS A 66 -0.77 -12.58 7.23
CA CYS A 66 -0.78 -11.40 6.35
C CYS A 66 0.62 -11.11 5.79
N LYS A 67 0.66 -10.67 4.52
CA LYS A 67 1.86 -10.40 3.70
C LYS A 67 1.82 -9.07 2.91
N TYR A 68 0.79 -8.27 3.16
CA TYR A 68 0.62 -6.93 2.57
C TYR A 68 1.12 -5.86 3.58
N LEU A 69 1.29 -4.61 3.16
CA LEU A 69 1.80 -3.53 4.02
C LEU A 69 0.67 -2.89 4.84
N HIS A 70 0.93 -2.68 6.13
CA HIS A 70 0.04 -1.97 7.06
C HIS A 70 0.60 -0.54 7.25
N PRO A 71 0.01 0.50 6.64
CA PRO A 71 0.54 1.86 6.70
C PRO A 71 0.07 2.69 7.92
N PRO A 72 0.89 3.66 8.40
CA PRO A 72 0.52 4.60 9.45
C PRO A 72 -0.51 5.62 8.94
N PRO A 73 -1.21 6.37 9.82
CA PRO A 73 -2.23 7.35 9.45
C PRO A 73 -1.92 8.28 8.26
N HIS A 74 -0.69 8.81 8.14
CA HIS A 74 -0.33 9.67 7.01
C HIS A 74 -0.29 8.92 5.68
N LEU A 75 0.48 7.81 5.58
CA LEU A 75 0.50 6.98 4.36
C LEU A 75 -0.88 6.39 4.05
N LYS A 76 -1.67 6.04 5.08
CA LYS A 76 -3.06 5.58 4.93
C LYS A 76 -3.92 6.66 4.27
N THR A 77 -3.75 7.92 4.66
CA THR A 77 -4.42 9.07 4.03
C THR A 77 -3.98 9.24 2.57
N GLN A 78 -2.68 9.09 2.27
CA GLN A 78 -2.19 9.13 0.89
C GLN A 78 -2.81 7.99 0.04
N LEU A 79 -2.97 6.80 0.62
CA LEU A 79 -3.60 5.64 -0.02
C LEU A 79 -5.08 5.94 -0.33
N GLU A 80 -5.83 6.50 0.63
CA GLU A 80 -7.23 6.89 0.41
C GLU A 80 -7.34 7.90 -0.74
N ILE A 81 -6.47 8.92 -0.79
CA ILE A 81 -6.42 9.91 -1.88
C ILE A 81 -6.12 9.22 -3.22
N ASN A 82 -5.16 8.28 -3.26
CA ASN A 82 -4.82 7.48 -4.44
C ASN A 82 -6.02 6.64 -4.92
N GLY A 83 -6.81 6.10 -3.99
CA GLY A 83 -8.04 5.34 -4.27
C GLY A 83 -9.16 6.21 -4.85
N ARG A 84 -9.50 7.31 -4.17
CA ARG A 84 -10.56 8.25 -4.62
C ARG A 84 -10.26 8.95 -5.94
N ASN A 85 -8.99 9.12 -6.31
CA ASN A 85 -8.61 9.67 -7.61
C ASN A 85 -9.24 8.90 -8.79
N ASN A 86 -9.42 7.58 -8.64
CA ASN A 86 -10.08 6.73 -9.64
C ASN A 86 -11.62 6.81 -9.58
N LEU A 87 -12.22 7.01 -8.39
CA LEU A 87 -13.67 7.19 -8.25
C LEU A 87 -14.11 8.50 -8.94
N ILE A 88 -13.30 9.56 -8.83
CA ILE A 88 -13.54 10.87 -9.46
C ILE A 88 -13.55 10.77 -11.00
N GLN A 89 -12.65 9.96 -11.57
CA GLN A 89 -12.53 9.73 -13.01
C GLN A 89 -11.76 8.42 -13.26
N GLN A 90 -12.40 7.41 -13.88
CA GLN A 90 -11.77 6.10 -14.16
C GLN A 90 -10.52 6.21 -15.07
N LYS A 91 -10.52 7.17 -16.01
CA LYS A 91 -9.42 7.45 -16.96
C LYS A 91 -8.16 8.07 -16.31
N ASN A 92 -8.27 8.62 -15.10
CA ASN A 92 -7.20 9.26 -14.34
C ASN A 92 -5.92 8.40 -14.21
#